data_1FAD
#
_entry.id   1FAD
#
_cell.length_a   1.000
_cell.length_b   1.000
_cell.length_c   1.000
_cell.angle_alpha   90.00
_cell.angle_beta   90.00
_cell.angle_gamma   90.00
#
_symmetry.space_group_name_H-M   'P 1'
#
_entity_poly.entity_id   1
_entity_poly.type   'polypeptide(L)'
_entity_poly.pdbx_seq_one_letter_code
;GSHMAAPPGEAYLQVAFDIVCDNVGRDWKRLARELKVSEAKMDGIEEKYPRSLSERVRESLKVWKNAEKKNASVAGLVKA
LRTCRLNLVADLVEEAQES
;
_entity_poly.pdbx_strand_id   A
#
# COMPACT_ATOMS: atom_id res chain seq x y z
N ALA A 5 -11.46 7.30 -12.55
CA ALA A 5 -11.53 8.13 -11.31
C ALA A 5 -10.29 7.90 -10.47
N ALA A 6 -9.99 6.67 -10.17
CA ALA A 6 -8.78 6.36 -9.37
C ALA A 6 -7.54 6.72 -10.19
N PRO A 7 -6.36 6.47 -9.67
CA PRO A 7 -5.14 6.82 -10.44
C PRO A 7 -5.09 5.96 -11.70
N PRO A 8 -5.23 6.58 -12.85
CA PRO A 8 -5.22 5.84 -14.12
C PRO A 8 -3.89 5.08 -14.29
N GLY A 9 -2.85 5.52 -13.64
CA GLY A 9 -1.53 4.79 -13.74
C GLY A 9 -1.44 3.69 -12.68
N GLU A 10 -2.53 3.04 -12.36
CA GLU A 10 -2.51 1.95 -11.32
C GLU A 10 -1.60 0.79 -11.78
N ALA A 11 -1.41 0.62 -13.05
CA ALA A 11 -0.57 -0.52 -13.54
C ALA A 11 0.84 -0.46 -12.94
N TYR A 12 1.51 0.66 -13.07
CA TYR A 12 2.88 0.77 -12.48
C TYR A 12 2.80 0.62 -10.97
N LEU A 13 1.89 1.36 -10.37
CA LEU A 13 1.72 1.30 -8.89
C LEU A 13 1.38 -0.12 -8.45
N GLN A 14 0.56 -0.81 -9.21
CA GLN A 14 0.18 -2.21 -8.83
C GLN A 14 1.44 -3.09 -8.76
N VAL A 15 2.37 -2.93 -9.69
CA VAL A 15 3.61 -3.75 -9.65
C VAL A 15 4.35 -3.48 -8.33
N ALA A 16 4.52 -2.23 -7.98
CA ALA A 16 5.21 -1.90 -6.70
C ALA A 16 4.38 -2.44 -5.54
N PHE A 17 3.09 -2.20 -5.57
CA PHE A 17 2.18 -2.72 -4.49
C PHE A 17 2.29 -4.24 -4.39
N ASP A 18 2.77 -4.90 -5.41
CA ASP A 18 2.87 -6.39 -5.35
C ASP A 18 4.13 -6.83 -4.60
N ILE A 19 5.28 -6.35 -5.00
CA ILE A 19 6.53 -6.78 -4.28
C ILE A 19 6.49 -6.27 -2.85
N VAL A 20 6.04 -5.06 -2.67
CA VAL A 20 5.98 -4.49 -1.30
C VAL A 20 4.92 -5.20 -0.45
N CYS A 21 3.80 -5.54 -1.03
CA CYS A 21 2.72 -6.23 -0.25
C CYS A 21 3.23 -7.55 0.31
N ASP A 22 3.84 -8.35 -0.52
CA ASP A 22 4.36 -9.65 -0.03
C ASP A 22 5.56 -9.43 0.90
N ASN A 23 6.10 -8.23 0.93
CA ASN A 23 7.27 -7.97 1.82
C ASN A 23 6.79 -7.42 3.17
N VAL A 24 6.33 -6.18 3.21
CA VAL A 24 5.84 -5.60 4.48
C VAL A 24 4.31 -5.61 4.54
N GLY A 25 3.68 -6.51 3.80
CA GLY A 25 2.19 -6.60 3.72
C GLY A 25 1.45 -6.09 4.99
N ARG A 26 1.84 -6.53 6.16
CA ARG A 26 1.15 -6.11 7.43
C ARG A 26 1.31 -4.60 7.71
N ASP A 27 2.36 -4.00 7.20
CA ASP A 27 2.59 -2.54 7.47
C ASP A 27 1.59 -1.68 6.68
N TRP A 28 0.89 -2.23 5.72
CA TRP A 28 -0.11 -1.41 4.98
C TRP A 28 -1.29 -1.16 5.91
N LYS A 29 -1.64 -2.15 6.71
CA LYS A 29 -2.73 -1.95 7.71
C LYS A 29 -2.29 -0.84 8.66
N ARG A 30 -1.04 -0.86 9.03
CA ARG A 30 -0.50 0.23 9.91
C ARG A 30 -0.65 1.58 9.19
N LEU A 31 -0.24 1.62 7.95
CA LEU A 31 -0.34 2.88 7.15
C LEU A 31 -1.80 3.21 6.85
N ALA A 32 -2.62 2.20 6.70
CA ALA A 32 -4.07 2.44 6.41
C ALA A 32 -4.69 3.25 7.54
N ARG A 33 -4.44 2.86 8.76
CA ARG A 33 -4.99 3.63 9.91
C ARG A 33 -4.43 5.06 9.86
N GLU A 34 -3.18 5.20 9.52
CA GLU A 34 -2.57 6.56 9.41
C GLU A 34 -3.27 7.34 8.29
N LEU A 35 -3.56 6.67 7.21
CA LEU A 35 -4.24 7.33 6.06
C LEU A 35 -5.75 7.50 6.34
N LYS A 36 -6.23 7.05 7.48
CA LYS A 36 -7.68 7.20 7.82
C LYS A 36 -8.54 6.51 6.76
N VAL A 37 -8.24 5.27 6.47
CA VAL A 37 -9.05 4.52 5.46
C VAL A 37 -10.42 4.20 6.06
N SER A 38 -11.39 3.88 5.24
CA SER A 38 -12.77 3.57 5.76
C SER A 38 -12.70 2.56 6.91
N GLU A 39 -13.13 2.96 8.06
CA GLU A 39 -13.14 2.05 9.24
C GLU A 39 -14.01 0.84 8.93
N ALA A 40 -15.10 1.06 8.24
CA ALA A 40 -16.01 -0.06 7.87
C ALA A 40 -15.25 -1.11 7.05
N LYS A 41 -14.49 -0.67 6.07
CA LYS A 41 -13.72 -1.63 5.22
C LYS A 41 -12.76 -2.46 6.09
N MET A 42 -12.03 -1.81 6.95
CA MET A 42 -11.07 -2.56 7.83
C MET A 42 -11.85 -3.57 8.68
N ASP A 43 -13.00 -3.18 9.16
CA ASP A 43 -13.83 -4.09 10.01
C ASP A 43 -14.16 -5.39 9.25
N GLY A 44 -14.49 -5.29 7.98
CA GLY A 44 -14.80 -6.52 7.20
C GLY A 44 -13.53 -7.26 6.80
N ILE A 45 -12.56 -6.58 6.25
CA ILE A 45 -11.31 -7.28 5.83
C ILE A 45 -10.62 -7.93 7.04
N GLU A 46 -10.43 -7.20 8.10
CA GLU A 46 -9.76 -7.77 9.31
C GLU A 46 -10.57 -8.95 9.89
N GLU A 47 -11.86 -8.76 10.09
CA GLU A 47 -12.69 -9.85 10.66
C GLU A 47 -12.79 -11.03 9.69
N LYS A 48 -13.01 -10.76 8.43
CA LYS A 48 -13.12 -11.86 7.43
C LYS A 48 -11.77 -12.54 7.19
N TYR A 49 -10.71 -11.78 7.14
CA TYR A 49 -9.36 -12.37 6.89
C TYR A 49 -8.50 -12.25 8.15
N PRO A 50 -8.36 -13.34 8.87
CA PRO A 50 -7.56 -13.32 10.12
C PRO A 50 -6.06 -13.50 9.84
N ARG A 51 -5.68 -13.98 8.67
CA ARG A 51 -4.22 -14.18 8.40
C ARG A 51 -3.85 -14.03 6.92
N SER A 52 -4.70 -13.42 6.12
CA SER A 52 -4.36 -13.23 4.68
C SER A 52 -3.73 -11.88 4.47
N LEU A 53 -2.46 -11.86 4.18
CA LEU A 53 -1.75 -10.57 3.95
C LEU A 53 -2.37 -9.88 2.74
N SER A 54 -2.57 -10.63 1.70
CA SER A 54 -3.18 -10.07 0.44
C SER A 54 -4.60 -9.55 0.65
N GLU A 55 -5.43 -10.29 1.35
CA GLU A 55 -6.86 -9.86 1.53
C GLU A 55 -6.98 -8.57 2.35
N ARG A 56 -6.25 -8.44 3.43
CA ARG A 56 -6.39 -7.21 4.28
C ARG A 56 -5.78 -5.97 3.63
N VAL A 57 -4.58 -6.09 3.13
CA VAL A 57 -3.90 -4.90 2.51
C VAL A 57 -4.60 -4.42 1.22
N ARG A 58 -5.05 -5.31 0.39
CA ARG A 58 -5.68 -4.89 -0.91
C ARG A 58 -6.85 -3.92 -0.72
N GLU A 59 -7.79 -4.22 0.13
CA GLU A 59 -8.93 -3.28 0.32
C GLU A 59 -8.43 -1.95 0.90
N SER A 60 -7.63 -2.02 1.93
CA SER A 60 -7.09 -0.77 2.55
C SER A 60 -6.19 -0.04 1.54
N LEU A 61 -5.42 -0.78 0.78
CA LEU A 61 -4.53 -0.13 -0.24
C LEU A 61 -5.37 0.44 -1.37
N LYS A 62 -6.45 -0.22 -1.72
CA LYS A 62 -7.32 0.27 -2.84
C LYS A 62 -7.85 1.68 -2.54
N VAL A 63 -8.47 1.86 -1.40
CA VAL A 63 -9.01 3.22 -1.07
C VAL A 63 -7.89 4.26 -0.99
N TRP A 64 -6.79 3.92 -0.35
CA TRP A 64 -5.66 4.90 -0.26
C TRP A 64 -5.16 5.25 -1.68
N LYS A 65 -5.03 4.27 -2.53
CA LYS A 65 -4.55 4.54 -3.92
C LYS A 65 -5.51 5.50 -4.65
N ASN A 66 -6.80 5.31 -4.51
CA ASN A 66 -7.78 6.21 -5.19
C ASN A 66 -7.63 7.66 -4.71
N ALA A 67 -7.53 7.84 -3.42
CA ALA A 67 -7.40 9.24 -2.87
C ALA A 67 -6.03 9.84 -3.20
N GLU A 68 -5.04 9.02 -3.44
CA GLU A 68 -3.67 9.56 -3.76
C GLU A 68 -3.66 10.37 -5.07
N LYS A 69 -4.36 9.92 -6.08
CA LYS A 69 -4.36 10.65 -7.41
C LYS A 69 -2.89 10.83 -7.89
N LYS A 70 -2.32 12.01 -7.78
CA LYS A 70 -0.89 12.19 -8.23
C LYS A 70 0.04 11.39 -7.31
N ASN A 71 -0.33 11.28 -6.07
CA ASN A 71 0.49 10.51 -5.10
C ASN A 71 0.35 9.00 -5.33
N ALA A 72 -0.43 8.59 -6.32
CA ALA A 72 -0.58 7.14 -6.61
C ALA A 72 0.74 6.58 -7.15
N SER A 73 1.71 7.42 -7.42
CA SER A 73 3.00 6.88 -7.94
C SER A 73 3.86 6.40 -6.78
N VAL A 74 4.82 5.57 -7.08
CA VAL A 74 5.69 5.04 -6.01
C VAL A 74 6.40 6.18 -5.29
N ALA A 75 6.88 7.17 -6.02
CA ALA A 75 7.57 8.35 -5.39
C ALA A 75 6.75 8.86 -4.21
N GLY A 76 5.45 8.74 -4.31
CA GLY A 76 4.59 9.17 -3.19
C GLY A 76 4.76 8.20 -2.02
N LEU A 77 4.33 6.98 -2.19
CA LEU A 77 4.46 5.98 -1.09
C LEU A 77 5.93 5.73 -0.69
N VAL A 78 6.84 5.56 -1.63
CA VAL A 78 8.25 5.27 -1.22
C VAL A 78 8.81 6.39 -0.38
N LYS A 79 8.52 7.60 -0.75
CA LYS A 79 9.00 8.76 0.06
C LYS A 79 8.44 8.67 1.47
N ALA A 80 7.14 8.51 1.58
CA ALA A 80 6.49 8.42 2.92
C ALA A 80 6.90 7.16 3.70
N LEU A 81 6.76 6.00 3.11
CA LEU A 81 7.07 4.74 3.86
C LEU A 81 8.54 4.69 4.36
N ARG A 82 9.49 5.00 3.53
CA ARG A 82 10.93 4.93 3.97
C ARG A 82 11.26 6.03 4.97
N THR A 83 10.78 7.22 4.78
CA THR A 83 11.10 8.32 5.73
C THR A 83 10.62 7.98 7.14
N CYS A 84 9.47 7.38 7.24
CA CYS A 84 8.94 7.02 8.59
C CYS A 84 9.65 5.78 9.14
N ARG A 85 9.63 4.67 8.43
CA ARG A 85 10.31 3.42 8.96
C ARG A 85 10.25 2.23 7.99
N LEU A 86 9.47 2.28 6.96
CA LEU A 86 9.34 1.11 6.03
C LEU A 86 10.52 1.02 5.05
N ASN A 87 11.72 1.01 5.56
CA ASN A 87 12.91 0.90 4.66
C ASN A 87 12.81 -0.38 3.81
N LEU A 88 12.13 -1.38 4.32
CA LEU A 88 12.00 -2.67 3.58
C LEU A 88 11.42 -2.46 2.18
N VAL A 89 10.20 -1.98 2.10
CA VAL A 89 9.57 -1.76 0.76
C VAL A 89 10.33 -0.72 -0.04
N ALA A 90 10.92 0.25 0.61
CA ALA A 90 11.71 1.28 -0.14
C ALA A 90 12.80 0.59 -0.94
N ASP A 91 13.50 -0.31 -0.32
CA ASP A 91 14.58 -1.06 -1.02
C ASP A 91 13.98 -1.83 -2.20
N LEU A 92 12.79 -2.37 -2.03
CA LEU A 92 12.16 -3.16 -3.14
C LEU A 92 11.87 -2.29 -4.35
N VAL A 93 11.06 -1.27 -4.17
CA VAL A 93 10.72 -0.37 -5.31
C VAL A 93 11.98 0.33 -5.80
N GLU A 94 12.91 0.58 -4.92
CA GLU A 94 14.19 1.25 -5.33
C GLU A 94 14.96 0.40 -6.34
N GLU A 95 15.32 -0.81 -5.96
CA GLU A 95 16.09 -1.69 -6.89
C GLU A 95 15.29 -1.97 -8.17
N ALA A 96 13.98 -1.97 -8.04
CA ALA A 96 13.13 -2.24 -9.25
C ALA A 96 13.30 -1.10 -10.26
N GLN A 97 13.35 0.12 -9.79
CA GLN A 97 13.51 1.28 -10.73
C GLN A 97 14.96 1.44 -11.20
N GLU A 98 15.90 0.80 -10.54
CA GLU A 98 17.36 0.90 -10.91
C GLU A 98 17.90 2.33 -10.73
N SER A 99 17.33 3.28 -11.42
CA SER A 99 17.79 4.70 -11.31
C SER A 99 19.30 4.81 -11.54
N ALA A 5 -11.07 8.95 -11.64
CA ALA A 5 -11.12 9.36 -10.21
C ALA A 5 -9.94 8.74 -9.45
N ALA A 6 -9.97 7.46 -9.24
CA ALA A 6 -8.85 6.78 -8.53
C ALA A 6 -7.60 6.89 -9.41
N PRO A 7 -6.49 6.29 -8.98
CA PRO A 7 -5.27 6.39 -9.80
C PRO A 7 -5.49 5.73 -11.18
N PRO A 8 -5.54 6.53 -12.22
CA PRO A 8 -5.76 5.98 -13.57
C PRO A 8 -4.62 5.02 -13.93
N GLY A 9 -3.39 5.46 -13.79
CA GLY A 9 -2.24 4.57 -14.07
C GLY A 9 -1.86 3.77 -12.81
N GLU A 10 -2.82 3.17 -12.16
CA GLU A 10 -2.51 2.39 -10.91
C GLU A 10 -1.63 1.18 -11.22
N ALA A 11 -1.50 0.81 -12.47
CA ALA A 11 -0.67 -0.38 -12.82
C ALA A 11 0.77 -0.19 -12.30
N TYR A 12 1.29 1.01 -12.34
CA TYR A 12 2.69 1.21 -11.85
C TYR A 12 2.75 0.96 -10.34
N LEU A 13 2.04 1.74 -9.56
CA LEU A 13 2.07 1.52 -8.08
C LEU A 13 1.49 0.15 -7.76
N GLN A 14 0.58 -0.36 -8.58
CA GLN A 14 0.03 -1.72 -8.28
C GLN A 14 1.16 -2.74 -8.38
N VAL A 15 2.04 -2.58 -9.35
CA VAL A 15 3.19 -3.53 -9.47
C VAL A 15 4.05 -3.42 -8.20
N ALA A 16 4.32 -2.20 -7.79
CA ALA A 16 5.10 -1.99 -6.54
C ALA A 16 4.30 -2.54 -5.37
N PHE A 17 3.03 -2.21 -5.30
CA PHE A 17 2.16 -2.73 -4.19
C PHE A 17 2.19 -4.25 -4.15
N ASP A 18 2.58 -4.91 -5.20
CA ASP A 18 2.61 -6.40 -5.19
C ASP A 18 3.91 -6.92 -4.57
N ILE A 19 5.04 -6.47 -5.06
CA ILE A 19 6.33 -6.96 -4.49
C ILE A 19 6.43 -6.56 -3.03
N VAL A 20 6.04 -5.35 -2.73
CA VAL A 20 6.11 -4.88 -1.32
C VAL A 20 5.10 -5.64 -0.45
N CYS A 21 3.93 -5.89 -0.99
CA CYS A 21 2.89 -6.62 -0.21
C CYS A 21 3.38 -8.01 0.15
N ASP A 22 3.88 -8.72 -0.82
CA ASP A 22 4.40 -10.08 -0.53
C ASP A 22 5.63 -9.96 0.40
N ASN A 23 6.19 -8.78 0.54
CA ASN A 23 7.36 -8.60 1.44
C ASN A 23 6.89 -8.27 2.87
N VAL A 24 5.91 -7.42 2.98
CA VAL A 24 5.40 -7.03 4.33
C VAL A 24 4.02 -6.39 4.20
N GLY A 25 3.16 -7.01 3.44
CA GLY A 25 1.79 -6.46 3.17
C GLY A 25 1.14 -5.91 4.46
N ARG A 26 1.28 -6.60 5.56
CA ARG A 26 0.65 -6.12 6.85
C ARG A 26 1.10 -4.69 7.19
N ASP A 27 2.18 -4.22 6.61
CA ASP A 27 2.63 -2.83 6.92
C ASP A 27 1.62 -1.83 6.35
N TRP A 28 0.86 -2.24 5.36
CA TRP A 28 -0.17 -1.31 4.79
C TRP A 28 -1.28 -1.14 5.81
N LYS A 29 -1.60 -2.18 6.56
CA LYS A 29 -2.65 -2.05 7.61
C LYS A 29 -2.20 -0.99 8.61
N ARG A 30 -0.92 -0.99 8.92
CA ARG A 30 -0.36 0.04 9.87
C ARG A 30 -0.56 1.44 9.25
N LEU A 31 -0.17 1.60 8.01
CA LEU A 31 -0.33 2.91 7.33
C LEU A 31 -1.81 3.18 7.06
N ALA A 32 -2.61 2.13 6.96
CA ALA A 32 -4.08 2.33 6.72
C ALA A 32 -4.65 3.15 7.88
N ARG A 33 -4.31 2.76 9.09
CA ARG A 33 -4.78 3.52 10.28
C ARG A 33 -4.23 4.95 10.19
N GLU A 34 -2.99 5.08 9.77
CA GLU A 34 -2.38 6.44 9.61
C GLU A 34 -3.13 7.18 8.50
N LEU A 35 -3.56 6.46 7.48
CA LEU A 35 -4.33 7.11 6.37
C LEU A 35 -5.76 7.45 6.86
N LYS A 36 -6.11 7.01 8.06
CA LYS A 36 -7.46 7.29 8.63
C LYS A 36 -8.55 6.70 7.75
N VAL A 37 -8.40 5.46 7.36
CA VAL A 37 -9.44 4.80 6.52
C VAL A 37 -10.61 4.42 7.42
N SER A 38 -11.81 4.40 6.89
CA SER A 38 -13.01 4.04 7.73
C SER A 38 -12.76 2.73 8.47
N GLU A 39 -12.91 2.75 9.78
CA GLU A 39 -12.71 1.51 10.59
C GLU A 39 -13.62 0.40 10.06
N ALA A 40 -14.74 0.77 9.48
CA ALA A 40 -15.69 -0.24 8.93
C ALA A 40 -14.99 -1.11 7.89
N LYS A 41 -14.28 -0.49 6.96
CA LYS A 41 -13.56 -1.28 5.91
C LYS A 41 -12.54 -2.21 6.56
N MET A 42 -11.72 -1.68 7.44
CA MET A 42 -10.71 -2.53 8.13
C MET A 42 -11.41 -3.64 8.91
N ASP A 43 -12.50 -3.32 9.54
CA ASP A 43 -13.27 -4.33 10.34
C ASP A 43 -13.66 -5.52 9.45
N GLY A 44 -14.02 -5.27 8.21
CA GLY A 44 -14.41 -6.39 7.31
C GLY A 44 -13.19 -7.20 6.87
N ILE A 45 -12.17 -6.53 6.36
CA ILE A 45 -10.96 -7.28 5.89
C ILE A 45 -10.33 -8.06 7.07
N GLU A 46 -10.11 -7.42 8.18
CA GLU A 46 -9.49 -8.12 9.35
C GLU A 46 -10.33 -9.31 9.81
N GLU A 47 -11.61 -9.11 10.01
CA GLU A 47 -12.50 -10.22 10.48
C GLU A 47 -12.63 -11.32 9.44
N LYS A 48 -12.92 -10.96 8.21
CA LYS A 48 -13.11 -11.99 7.14
C LYS A 48 -11.78 -12.69 6.81
N TYR A 49 -10.71 -11.96 6.75
CA TYR A 49 -9.39 -12.58 6.42
C TYR A 49 -8.49 -12.65 7.67
N PRO A 50 -8.35 -13.84 8.22
CA PRO A 50 -7.52 -14.00 9.44
C PRO A 50 -6.03 -14.10 9.11
N ARG A 51 -5.68 -14.44 7.88
CA ARG A 51 -4.22 -14.56 7.55
C ARG A 51 -3.92 -14.28 6.07
N SER A 52 -4.81 -13.64 5.36
CA SER A 52 -4.53 -13.35 3.92
C SER A 52 -3.85 -12.00 3.79
N LEU A 53 -2.58 -12.02 3.48
CA LEU A 53 -1.82 -10.75 3.32
C LEU A 53 -2.44 -9.94 2.18
N SER A 54 -2.73 -10.61 1.10
CA SER A 54 -3.35 -9.93 -0.09
C SER A 54 -4.76 -9.40 0.21
N GLU A 55 -5.58 -10.18 0.86
CA GLU A 55 -6.99 -9.76 1.15
C GLU A 55 -7.05 -8.59 2.13
N ARG A 56 -6.22 -8.59 3.13
CA ARG A 56 -6.25 -7.49 4.14
C ARG A 56 -5.78 -6.17 3.56
N VAL A 57 -4.60 -6.15 3.01
CA VAL A 57 -4.02 -4.88 2.45
C VAL A 57 -4.77 -4.38 1.21
N ARG A 58 -5.25 -5.26 0.35
CA ARG A 58 -5.94 -4.81 -0.91
C ARG A 58 -7.01 -3.75 -0.63
N GLU A 59 -7.89 -3.99 0.31
CA GLU A 59 -8.95 -2.96 0.60
C GLU A 59 -8.29 -1.70 1.17
N SER A 60 -7.38 -1.86 2.09
CA SER A 60 -6.69 -0.67 2.68
C SER A 60 -5.91 0.08 1.60
N LEU A 61 -5.29 -0.65 0.70
CA LEU A 61 -4.51 0.00 -0.39
C LEU A 61 -5.45 0.69 -1.39
N LYS A 62 -6.59 0.10 -1.65
CA LYS A 62 -7.55 0.70 -2.62
C LYS A 62 -7.99 2.09 -2.16
N VAL A 63 -8.40 2.22 -0.93
CA VAL A 63 -8.84 3.57 -0.45
C VAL A 63 -7.66 4.54 -0.42
N TRP A 64 -6.51 4.09 0.02
CA TRP A 64 -5.31 5.00 0.06
C TRP A 64 -4.93 5.41 -1.38
N LYS A 65 -4.72 4.47 -2.26
CA LYS A 65 -4.32 4.84 -3.65
C LYS A 65 -5.41 5.71 -4.32
N ASN A 66 -6.67 5.40 -4.10
CA ASN A 66 -7.76 6.24 -4.72
C ASN A 66 -7.70 7.67 -4.21
N ALA A 67 -7.43 7.85 -2.94
CA ALA A 67 -7.37 9.23 -2.38
C ALA A 67 -6.13 9.97 -2.92
N GLU A 68 -4.98 9.39 -2.79
CA GLU A 68 -3.74 10.05 -3.31
C GLU A 68 -3.68 9.98 -4.84
N LYS A 69 -3.63 11.11 -5.49
CA LYS A 69 -3.55 11.13 -6.98
C LYS A 69 -2.07 11.09 -7.39
N LYS A 70 -1.37 12.17 -7.21
CA LYS A 70 0.10 12.18 -7.54
C LYS A 70 0.83 11.25 -6.58
N ASN A 71 0.37 11.19 -5.35
CA ASN A 71 1.01 10.31 -4.34
C ASN A 71 0.66 8.84 -4.60
N ALA A 72 -0.21 8.56 -5.53
CA ALA A 72 -0.55 7.15 -5.82
C ALA A 72 0.65 6.45 -6.48
N SER A 73 1.65 7.20 -6.90
CA SER A 73 2.83 6.57 -7.54
C SER A 73 3.84 6.15 -6.47
N VAL A 74 4.80 5.36 -6.85
CA VAL A 74 5.81 4.89 -5.87
C VAL A 74 6.57 6.05 -5.24
N ALA A 75 7.03 7.00 -6.02
CA ALA A 75 7.77 8.18 -5.45
C ALA A 75 7.01 8.77 -4.28
N GLY A 76 5.71 8.73 -4.35
CA GLY A 76 4.90 9.26 -3.22
C GLY A 76 5.08 8.35 -2.02
N LEU A 77 4.63 7.13 -2.13
CA LEU A 77 4.76 6.18 -0.99
C LEU A 77 6.22 5.97 -0.60
N VAL A 78 7.10 5.60 -1.52
CA VAL A 78 8.52 5.34 -1.11
C VAL A 78 9.10 6.52 -0.34
N LYS A 79 8.74 7.71 -0.71
CA LYS A 79 9.24 8.90 0.03
C LYS A 79 8.81 8.82 1.50
N ALA A 80 7.52 8.77 1.74
CA ALA A 80 7.02 8.69 3.16
C ALA A 80 7.36 7.31 3.77
N LEU A 81 7.16 6.30 2.99
CA LEU A 81 7.40 4.88 3.43
C LEU A 81 8.80 4.64 4.01
N ARG A 82 9.81 4.87 3.21
CA ARG A 82 11.21 4.61 3.66
C ARG A 82 11.64 5.63 4.72
N THR A 83 11.26 6.86 4.55
CA THR A 83 11.65 7.90 5.54
C THR A 83 11.13 7.56 6.93
N CYS A 84 9.92 7.06 7.02
CA CYS A 84 9.34 6.74 8.35
C CYS A 84 9.92 5.44 8.93
N ARG A 85 9.88 4.35 8.18
CA ARG A 85 10.43 3.05 8.74
C ARG A 85 10.33 1.87 7.75
N LEU A 86 9.47 1.96 6.79
CA LEU A 86 9.28 0.82 5.83
C LEU A 86 10.39 0.76 4.76
N ASN A 87 11.62 0.73 5.18
CA ASN A 87 12.75 0.68 4.22
C ASN A 87 12.67 -0.61 3.38
N LEU A 88 12.16 -1.66 3.95
CA LEU A 88 12.08 -2.97 3.20
C LEU A 88 11.35 -2.81 1.87
N VAL A 89 10.10 -2.48 1.91
CA VAL A 89 9.31 -2.33 0.65
C VAL A 89 9.89 -1.22 -0.21
N ALA A 90 10.44 -0.19 0.39
CA ALA A 90 11.04 0.91 -0.42
C ALA A 90 12.17 0.35 -1.29
N ASP A 91 12.97 -0.52 -0.72
CA ASP A 91 14.09 -1.14 -1.48
C ASP A 91 13.58 -1.95 -2.67
N LEU A 92 12.51 -2.69 -2.50
CA LEU A 92 11.99 -3.53 -3.64
C LEU A 92 11.56 -2.63 -4.80
N VAL A 93 10.68 -1.69 -4.53
CA VAL A 93 10.22 -0.78 -5.62
C VAL A 93 11.42 0.00 -6.17
N GLU A 94 12.30 0.45 -5.30
CA GLU A 94 13.51 1.18 -5.78
C GLU A 94 14.35 0.25 -6.67
N GLU A 95 14.63 -0.94 -6.19
CA GLU A 95 15.44 -1.90 -6.99
C GLU A 95 14.72 -2.22 -8.31
N ALA A 96 13.43 -2.36 -8.26
CA ALA A 96 12.65 -2.65 -9.50
C ALA A 96 12.77 -1.46 -10.47
N GLN A 97 12.77 -0.26 -9.93
CA GLN A 97 12.89 0.96 -10.80
C GLN A 97 14.31 1.10 -11.35
N GLU A 98 15.28 0.48 -10.72
CA GLU A 98 16.71 0.58 -11.21
C GLU A 98 17.13 2.05 -11.34
N SER A 99 16.72 2.88 -10.40
CA SER A 99 17.09 4.34 -10.45
C SER A 99 16.69 4.95 -11.79
N ALA A 5 -11.75 7.36 -11.74
CA ALA A 5 -11.72 8.19 -10.49
C ALA A 5 -10.40 7.99 -9.75
N ALA A 6 -10.10 6.76 -9.41
CA ALA A 6 -8.81 6.47 -8.71
C ALA A 6 -7.66 6.73 -9.67
N PRO A 7 -6.44 6.49 -9.22
CA PRO A 7 -5.28 6.72 -10.11
C PRO A 7 -5.39 5.81 -11.35
N PRO A 8 -5.66 6.41 -12.49
CA PRO A 8 -5.81 5.62 -13.73
C PRO A 8 -4.54 4.83 -14.04
N GLY A 9 -3.40 5.35 -13.65
CA GLY A 9 -2.12 4.61 -13.88
C GLY A 9 -1.77 3.72 -12.68
N GLU A 10 -2.75 3.09 -12.07
CA GLU A 10 -2.46 2.23 -10.89
C GLU A 10 -1.60 1.04 -11.28
N ALA A 11 -1.53 0.70 -12.55
CA ALA A 11 -0.70 -0.46 -12.96
C ALA A 11 0.75 -0.30 -12.50
N TYR A 12 1.26 0.91 -12.49
CA TYR A 12 2.67 1.10 -12.02
C TYR A 12 2.76 0.84 -10.51
N LEU A 13 2.10 1.64 -9.71
CA LEU A 13 2.16 1.40 -8.23
C LEU A 13 1.59 0.01 -7.91
N GLN A 14 0.73 -0.52 -8.76
CA GLN A 14 0.19 -1.88 -8.48
C GLN A 14 1.35 -2.88 -8.51
N VAL A 15 2.26 -2.73 -9.44
CA VAL A 15 3.44 -3.65 -9.49
C VAL A 15 4.25 -3.47 -8.21
N ALA A 16 4.55 -2.24 -7.85
CA ALA A 16 5.30 -1.98 -6.60
C ALA A 16 4.47 -2.48 -5.42
N PHE A 17 3.20 -2.17 -5.43
CA PHE A 17 2.28 -2.64 -4.34
C PHE A 17 2.33 -4.17 -4.23
N ASP A 18 2.77 -4.85 -5.26
CA ASP A 18 2.82 -6.34 -5.20
C ASP A 18 4.09 -6.82 -4.50
N ILE A 19 5.24 -6.36 -4.92
CA ILE A 19 6.51 -6.82 -4.26
C ILE A 19 6.51 -6.36 -2.81
N VAL A 20 6.09 -5.14 -2.60
CA VAL A 20 6.07 -4.59 -1.22
C VAL A 20 5.01 -5.29 -0.36
N CYS A 21 3.87 -5.58 -0.94
CA CYS A 21 2.79 -6.28 -0.16
C CYS A 21 3.29 -7.62 0.34
N ASP A 22 3.89 -8.38 -0.53
CA ASP A 22 4.44 -9.69 -0.10
C ASP A 22 5.62 -9.47 0.86
N ASN A 23 6.14 -8.25 0.92
CA ASN A 23 7.28 -7.96 1.83
C ASN A 23 6.74 -7.46 3.19
N VAL A 24 6.33 -6.21 3.26
CA VAL A 24 5.81 -5.66 4.54
C VAL A 24 4.28 -5.57 4.46
N GLY A 25 3.68 -6.55 3.85
CA GLY A 25 2.20 -6.57 3.64
C GLY A 25 1.42 -6.05 4.89
N ARG A 26 1.61 -6.64 6.03
CA ARG A 26 0.86 -6.20 7.27
C ARG A 26 1.18 -4.73 7.65
N ASP A 27 2.33 -4.23 7.26
CA ASP A 27 2.68 -2.82 7.62
C ASP A 27 1.75 -1.85 6.86
N TRP A 28 1.04 -2.33 5.86
CA TRP A 28 0.08 -1.44 5.13
C TRP A 28 -1.12 -1.23 6.04
N LYS A 29 -1.49 -2.26 6.79
CA LYS A 29 -2.64 -2.11 7.75
C LYS A 29 -2.28 -1.02 8.74
N ARG A 30 -1.04 -1.00 9.16
CA ARG A 30 -0.56 0.07 10.10
C ARG A 30 -0.74 1.43 9.41
N LEU A 31 -0.33 1.52 8.16
CA LEU A 31 -0.48 2.78 7.41
C LEU A 31 -1.96 3.03 7.12
N ALA A 32 -2.75 1.98 7.06
CA ALA A 32 -4.22 2.15 6.81
C ALA A 32 -4.79 3.02 7.92
N ARG A 33 -4.45 2.72 9.15
CA ARG A 33 -4.95 3.55 10.29
C ARG A 33 -4.43 4.99 10.11
N GLU A 34 -3.21 5.11 9.67
CA GLU A 34 -2.64 6.48 9.42
C GLU A 34 -3.42 7.14 8.28
N LEU A 35 -3.78 6.38 7.28
CA LEU A 35 -4.57 6.94 6.13
C LEU A 35 -6.02 7.21 6.56
N LYS A 36 -6.40 6.82 7.76
CA LYS A 36 -7.80 7.06 8.25
C LYS A 36 -8.81 6.31 7.38
N VAL A 37 -8.56 5.04 7.14
CA VAL A 37 -9.51 4.24 6.33
C VAL A 37 -10.76 3.93 7.17
N SER A 38 -11.90 3.84 6.54
CA SER A 38 -13.17 3.56 7.30
C SER A 38 -13.02 2.30 8.17
N GLU A 39 -13.42 2.39 9.41
CA GLU A 39 -13.34 1.21 10.32
C GLU A 39 -14.14 0.05 9.71
N ALA A 40 -15.16 0.37 8.94
CA ALA A 40 -15.97 -0.72 8.31
C ALA A 40 -15.09 -1.60 7.43
N LYS A 41 -14.28 -1.00 6.59
CA LYS A 41 -13.36 -1.80 5.72
C LYS A 41 -12.36 -2.57 6.58
N MET A 42 -11.75 -1.90 7.52
CA MET A 42 -10.76 -2.59 8.41
C MET A 42 -11.45 -3.73 9.18
N ASP A 43 -12.67 -3.51 9.61
CA ASP A 43 -13.41 -4.56 10.37
C ASP A 43 -13.57 -5.82 9.52
N GLY A 44 -13.87 -5.68 8.24
CA GLY A 44 -14.03 -6.89 7.38
C GLY A 44 -12.69 -7.50 7.01
N ILE A 45 -11.70 -6.69 6.72
CA ILE A 45 -10.37 -7.24 6.32
C ILE A 45 -9.80 -8.12 7.46
N GLU A 46 -9.64 -7.59 8.64
CA GLU A 46 -9.09 -8.41 9.76
C GLU A 46 -10.02 -9.58 10.11
N GLU A 47 -11.31 -9.35 10.17
CA GLU A 47 -12.28 -10.45 10.52
C GLU A 47 -12.38 -11.53 9.44
N LYS A 48 -12.60 -11.14 8.21
CA LYS A 48 -12.76 -12.14 7.12
C LYS A 48 -11.42 -12.82 6.80
N TYR A 49 -10.35 -12.08 6.81
CA TYR A 49 -9.01 -12.66 6.49
C TYR A 49 -8.16 -12.79 7.77
N PRO A 50 -8.02 -14.00 8.26
CA PRO A 50 -7.22 -14.21 9.49
C PRO A 50 -5.73 -14.36 9.16
N ARG A 51 -5.38 -14.69 7.94
CA ARG A 51 -3.93 -14.87 7.61
C ARG A 51 -3.62 -14.50 6.14
N SER A 52 -4.54 -13.89 5.44
CA SER A 52 -4.24 -13.50 4.02
C SER A 52 -3.66 -12.10 3.97
N LEU A 53 -2.38 -12.02 3.71
CA LEU A 53 -1.72 -10.70 3.63
C LEU A 53 -2.31 -9.91 2.48
N SER A 54 -2.50 -10.56 1.36
CA SER A 54 -3.08 -9.87 0.16
C SER A 54 -4.52 -9.40 0.38
N GLU A 55 -5.33 -10.22 0.99
CA GLU A 55 -6.77 -9.83 1.20
C GLU A 55 -6.92 -8.64 2.15
N ARG A 56 -6.14 -8.59 3.19
CA ARG A 56 -6.28 -7.47 4.17
C ARG A 56 -5.72 -6.14 3.64
N VAL A 57 -4.50 -6.15 3.17
CA VAL A 57 -3.88 -4.87 2.67
C VAL A 57 -4.57 -4.31 1.43
N ARG A 58 -5.04 -5.13 0.54
CA ARG A 58 -5.70 -4.62 -0.71
C ARG A 58 -6.80 -3.60 -0.41
N GLU A 59 -7.68 -3.89 0.52
CA GLU A 59 -8.79 -2.92 0.84
C GLU A 59 -8.19 -1.62 1.39
N SER A 60 -7.36 -1.72 2.39
CA SER A 60 -6.74 -0.50 2.99
C SER A 60 -5.89 0.21 1.94
N LEU A 61 -5.17 -0.53 1.14
CA LEU A 61 -4.32 0.09 0.09
C LEU A 61 -5.20 0.70 -0.99
N LYS A 62 -6.30 0.05 -1.33
CA LYS A 62 -7.20 0.58 -2.39
C LYS A 62 -7.75 1.97 -2.02
N VAL A 63 -8.27 2.12 -0.83
CA VAL A 63 -8.82 3.47 -0.44
C VAL A 63 -7.72 4.53 -0.48
N TRP A 64 -6.55 4.22 0.05
CA TRP A 64 -5.44 5.23 0.01
C TRP A 64 -5.04 5.48 -1.46
N LYS A 65 -4.95 4.43 -2.24
CA LYS A 65 -4.56 4.60 -3.68
C LYS A 65 -5.55 5.51 -4.40
N ASN A 66 -6.83 5.35 -4.14
CA ASN A 66 -7.86 6.21 -4.82
C ASN A 66 -7.70 7.68 -4.40
N ALA A 67 -7.42 7.93 -3.16
CA ALA A 67 -7.29 9.35 -2.69
C ALA A 67 -6.14 10.06 -3.39
N GLU A 68 -4.97 9.46 -3.41
CA GLU A 68 -3.80 10.12 -4.08
C GLU A 68 -3.91 10.07 -5.60
N LYS A 69 -3.75 11.20 -6.23
CA LYS A 69 -3.79 11.22 -7.73
C LYS A 69 -2.35 11.03 -8.24
N LYS A 70 -1.57 12.09 -8.27
CA LYS A 70 -0.14 11.96 -8.71
C LYS A 70 0.65 11.19 -7.66
N ASN A 71 0.31 11.37 -6.41
CA ASN A 71 1.06 10.68 -5.31
C ASN A 71 0.71 9.19 -5.26
N ALA A 72 -0.24 8.75 -6.06
CA ALA A 72 -0.59 7.30 -6.07
C ALA A 72 0.59 6.48 -6.63
N SER A 73 1.57 7.14 -7.22
CA SER A 73 2.72 6.39 -7.78
C SER A 73 3.71 6.06 -6.67
N VAL A 74 4.67 5.23 -6.98
CA VAL A 74 5.66 4.83 -5.95
C VAL A 74 6.42 6.03 -5.38
N ALA A 75 6.92 6.92 -6.21
CA ALA A 75 7.67 8.12 -5.69
C ALA A 75 6.92 8.78 -4.53
N GLY A 76 5.62 8.77 -4.61
CA GLY A 76 4.81 9.36 -3.50
C GLY A 76 4.97 8.47 -2.27
N LEU A 77 4.51 7.24 -2.37
CA LEU A 77 4.61 6.32 -1.21
C LEU A 77 6.06 6.09 -0.80
N VAL A 78 6.94 5.67 -1.70
CA VAL A 78 8.35 5.36 -1.29
C VAL A 78 8.94 6.52 -0.48
N LYS A 79 8.65 7.73 -0.87
CA LYS A 79 9.19 8.89 -0.10
C LYS A 79 8.69 8.84 1.35
N ALA A 80 7.39 8.86 1.54
CA ALA A 80 6.83 8.79 2.93
C ALA A 80 7.10 7.41 3.55
N LEU A 81 7.02 6.40 2.75
CA LEU A 81 7.22 4.99 3.21
C LEU A 81 8.51 4.79 4.01
N ARG A 82 9.65 4.84 3.37
CA ARG A 82 10.94 4.61 4.10
C ARG A 82 11.26 5.76 5.06
N THR A 83 10.86 6.96 4.75
CA THR A 83 11.15 8.12 5.66
C THR A 83 10.53 7.86 7.03
N CYS A 84 9.34 7.33 7.05
CA CYS A 84 8.68 7.04 8.35
C CYS A 84 9.24 5.77 8.98
N ARG A 85 9.22 4.66 8.26
CA ARG A 85 9.76 3.37 8.82
C ARG A 85 9.76 2.21 7.81
N LEU A 86 8.95 2.29 6.78
CA LEU A 86 8.87 1.14 5.81
C LEU A 86 10.02 1.15 4.78
N ASN A 87 11.24 1.25 5.24
CA ASN A 87 12.41 1.24 4.32
C ASN A 87 12.46 -0.08 3.53
N LEU A 88 12.07 -1.17 4.14
CA LEU A 88 12.13 -2.51 3.47
C LEU A 88 11.46 -2.49 2.08
N VAL A 89 10.20 -2.17 2.04
CA VAL A 89 9.47 -2.13 0.74
C VAL A 89 10.01 -1.04 -0.17
N ALA A 90 10.41 0.09 0.37
CA ALA A 90 10.97 1.16 -0.50
C ALA A 90 12.18 0.60 -1.27
N ASP A 91 12.99 -0.16 -0.59
CA ASP A 91 14.17 -0.78 -1.26
C ASP A 91 13.72 -1.69 -2.42
N LEU A 92 12.65 -2.43 -2.23
CA LEU A 92 12.19 -3.35 -3.32
C LEU A 92 11.80 -2.57 -4.57
N VAL A 93 10.87 -1.64 -4.45
CA VAL A 93 10.46 -0.84 -5.63
C VAL A 93 11.66 -0.07 -6.18
N GLU A 94 12.48 0.46 -5.30
CA GLU A 94 13.71 1.18 -5.76
C GLU A 94 14.62 0.21 -6.52
N GLU A 95 14.89 -0.93 -5.93
CA GLU A 95 15.76 -1.94 -6.61
C GLU A 95 15.11 -2.40 -7.91
N ALA A 96 13.81 -2.55 -7.92
CA ALA A 96 13.09 -2.99 -9.15
C ALA A 96 13.11 -1.89 -10.21
N GLN A 97 13.34 -0.65 -9.82
CA GLN A 97 13.35 0.47 -10.81
C GLN A 97 14.69 0.53 -11.55
N GLU A 98 15.74 0.91 -10.86
CA GLU A 98 17.09 0.99 -11.53
C GLU A 98 17.02 1.83 -12.81
N SER A 99 16.27 2.91 -12.79
CA SER A 99 16.14 3.78 -14.01
C SER A 99 15.70 2.96 -15.22
N ALA A 5 -10.48 9.01 -11.49
CA ALA A 5 -10.58 9.33 -10.03
C ALA A 5 -9.58 8.47 -9.24
N ALA A 6 -9.75 7.18 -9.28
CA ALA A 6 -8.81 6.27 -8.56
C ALA A 6 -7.45 6.34 -9.26
N PRO A 7 -6.49 5.56 -8.79
CA PRO A 7 -5.15 5.59 -9.42
C PRO A 7 -5.25 5.22 -10.90
N PRO A 8 -5.02 6.18 -11.78
CA PRO A 8 -5.10 5.89 -13.24
C PRO A 8 -4.03 4.86 -13.60
N GLY A 9 -2.80 5.09 -13.21
CA GLY A 9 -1.72 4.10 -13.48
C GLY A 9 -1.67 3.05 -12.35
N GLU A 10 -2.80 2.46 -12.04
CA GLU A 10 -2.82 1.43 -10.95
C GLU A 10 -1.93 0.25 -11.32
N ALA A 11 -1.79 -0.02 -12.59
CA ALA A 11 -0.92 -1.17 -13.01
C ALA A 11 0.50 -0.98 -12.48
N TYR A 12 1.06 0.20 -12.64
CA TYR A 12 2.43 0.44 -12.12
C TYR A 12 2.41 0.34 -10.59
N LEU A 13 1.47 0.98 -9.97
CA LEU A 13 1.37 0.93 -8.48
C LEU A 13 1.19 -0.51 -8.01
N GLN A 14 0.38 -1.26 -8.71
CA GLN A 14 0.17 -2.69 -8.32
C GLN A 14 1.50 -3.45 -8.36
N VAL A 15 2.32 -3.18 -9.35
CA VAL A 15 3.64 -3.88 -9.44
C VAL A 15 4.47 -3.58 -8.18
N ALA A 16 4.60 -2.33 -7.82
CA ALA A 16 5.38 -1.99 -6.60
C ALA A 16 4.65 -2.53 -5.37
N PHE A 17 3.36 -2.31 -5.30
CA PHE A 17 2.56 -2.84 -4.15
C PHE A 17 2.68 -4.36 -4.07
N ASP A 18 3.10 -5.02 -5.13
CA ASP A 18 3.21 -6.51 -5.08
C ASP A 18 4.53 -6.94 -4.46
N ILE A 19 5.64 -6.44 -4.96
CA ILE A 19 6.95 -6.85 -4.38
C ILE A 19 6.99 -6.47 -2.91
N VAL A 20 6.55 -5.29 -2.60
CA VAL A 20 6.57 -4.84 -1.18
C VAL A 20 5.56 -5.60 -0.32
N CYS A 21 4.39 -5.86 -0.85
CA CYS A 21 3.35 -6.58 -0.05
C CYS A 21 3.78 -7.99 0.26
N ASP A 22 4.19 -8.73 -0.73
CA ASP A 22 4.63 -10.14 -0.47
C ASP A 22 5.86 -10.12 0.44
N ASN A 23 6.53 -9.00 0.55
CA ASN A 23 7.72 -8.92 1.45
C ASN A 23 7.25 -8.52 2.84
N VAL A 24 6.33 -7.61 2.90
CA VAL A 24 5.79 -7.12 4.19
C VAL A 24 4.51 -6.32 3.93
N GLY A 25 3.46 -6.98 3.54
CA GLY A 25 2.20 -6.24 3.25
C GLY A 25 1.50 -5.78 4.53
N ARG A 26 1.76 -6.41 5.64
CA ARG A 26 1.09 -5.99 6.91
C ARG A 26 1.46 -4.53 7.25
N ASP A 27 2.54 -4.04 6.70
CA ASP A 27 2.96 -2.65 6.99
C ASP A 27 1.93 -1.67 6.37
N TRP A 28 1.17 -2.13 5.40
CA TRP A 28 0.12 -1.25 4.80
C TRP A 28 -0.99 -1.06 5.82
N LYS A 29 -1.30 -2.06 6.60
CA LYS A 29 -2.35 -1.90 7.64
C LYS A 29 -1.91 -0.81 8.62
N ARG A 30 -0.64 -0.79 8.96
CA ARG A 30 -0.13 0.29 9.88
C ARG A 30 -0.35 1.66 9.21
N LEU A 31 0.07 1.78 7.98
CA LEU A 31 -0.09 3.07 7.25
C LEU A 31 -1.57 3.30 6.93
N ALA A 32 -2.32 2.23 6.78
CA ALA A 32 -3.78 2.38 6.48
C ALA A 32 -4.44 3.16 7.61
N ARG A 33 -4.13 2.81 8.84
CA ARG A 33 -4.70 3.55 9.99
C ARG A 33 -4.24 5.02 9.91
N GLU A 34 -3.01 5.23 9.52
CA GLU A 34 -2.48 6.63 9.38
C GLU A 34 -3.27 7.34 8.27
N LEU A 35 -3.54 6.63 7.20
CA LEU A 35 -4.32 7.22 6.08
C LEU A 35 -5.79 7.37 6.45
N LYS A 36 -6.19 6.91 7.62
CA LYS A 36 -7.61 7.03 8.07
C LYS A 36 -8.55 6.29 7.11
N VAL A 37 -8.24 5.07 6.80
CA VAL A 37 -9.13 4.27 5.90
C VAL A 37 -10.42 3.93 6.64
N SER A 38 -11.50 3.72 5.93
CA SER A 38 -12.80 3.41 6.62
C SER A 38 -12.66 2.24 7.59
N GLU A 39 -12.99 2.48 8.84
CA GLU A 39 -12.91 1.39 9.86
C GLU A 39 -13.81 0.23 9.45
N ALA A 40 -14.90 0.54 8.80
CA ALA A 40 -15.84 -0.54 8.35
C ALA A 40 -15.11 -1.53 7.43
N LYS A 41 -14.49 -1.04 6.39
CA LYS A 41 -13.75 -1.94 5.46
C LYS A 41 -12.65 -2.70 6.21
N MET A 42 -11.89 -1.99 7.02
CA MET A 42 -10.79 -2.68 7.79
C MET A 42 -11.40 -3.76 8.69
N ASP A 43 -12.51 -3.48 9.29
CA ASP A 43 -13.17 -4.47 10.19
C ASP A 43 -13.52 -5.75 9.42
N GLY A 44 -14.04 -5.62 8.22
CA GLY A 44 -14.41 -6.83 7.43
C GLY A 44 -13.18 -7.52 6.84
N ILE A 45 -12.23 -6.77 6.33
CA ILE A 45 -11.03 -7.42 5.72
C ILE A 45 -10.27 -8.24 6.78
N GLU A 46 -10.00 -7.66 7.92
CA GLU A 46 -9.28 -8.42 8.99
C GLU A 46 -10.11 -9.60 9.50
N GLU A 47 -11.39 -9.40 9.70
CA GLU A 47 -12.26 -10.51 10.22
C GLU A 47 -12.40 -11.63 9.19
N LYS A 48 -12.78 -11.28 7.99
CA LYS A 48 -12.94 -12.32 6.92
C LYS A 48 -11.58 -12.89 6.52
N TYR A 49 -10.57 -12.05 6.47
CA TYR A 49 -9.22 -12.51 6.08
C TYR A 49 -8.18 -12.04 7.11
N PRO A 50 -8.09 -12.74 8.21
CA PRO A 50 -7.14 -12.35 9.27
C PRO A 50 -5.73 -12.93 9.01
N ARG A 51 -5.60 -13.89 8.13
CA ARG A 51 -4.25 -14.49 7.87
C ARG A 51 -3.78 -14.25 6.42
N SER A 52 -4.61 -13.69 5.57
CA SER A 52 -4.19 -13.45 4.15
C SER A 52 -3.57 -12.08 3.98
N LEU A 53 -2.29 -12.05 3.69
CA LEU A 53 -1.59 -10.75 3.49
C LEU A 53 -2.25 -10.03 2.30
N SER A 54 -2.52 -10.75 1.26
CA SER A 54 -3.16 -10.15 0.06
C SER A 54 -4.56 -9.59 0.36
N GLU A 55 -5.39 -10.36 1.01
CA GLU A 55 -6.79 -9.92 1.31
C GLU A 55 -6.82 -8.72 2.26
N ARG A 56 -5.97 -8.71 3.25
CA ARG A 56 -5.99 -7.59 4.24
C ARG A 56 -5.51 -6.27 3.64
N VAL A 57 -4.34 -6.27 3.07
CA VAL A 57 -3.78 -5.00 2.49
C VAL A 57 -4.57 -4.46 1.29
N ARG A 58 -5.03 -5.30 0.40
CA ARG A 58 -5.76 -4.77 -0.81
C ARG A 58 -6.92 -3.83 -0.43
N GLU A 59 -7.71 -4.19 0.54
CA GLU A 59 -8.85 -3.30 0.93
C GLU A 59 -8.30 -1.95 1.43
N SER A 60 -7.37 -2.00 2.33
CA SER A 60 -6.76 -0.74 2.88
C SER A 60 -5.96 -0.03 1.78
N LEU A 61 -5.30 -0.78 0.94
CA LEU A 61 -4.51 -0.16 -0.17
C LEU A 61 -5.44 0.46 -1.21
N LYS A 62 -6.54 -0.19 -1.49
CA LYS A 62 -7.50 0.34 -2.51
C LYS A 62 -8.01 1.72 -2.11
N VAL A 63 -8.42 1.89 -0.87
CA VAL A 63 -8.93 3.23 -0.45
C VAL A 63 -7.80 4.27 -0.43
N TRP A 64 -6.64 3.92 0.07
CA TRP A 64 -5.51 4.91 0.10
C TRP A 64 -5.11 5.27 -1.34
N LYS A 65 -4.86 4.29 -2.17
CA LYS A 65 -4.44 4.61 -3.57
C LYS A 65 -5.54 5.42 -4.28
N ASN A 66 -6.79 5.13 -4.01
CA ASN A 66 -7.91 5.89 -4.67
C ASN A 66 -7.82 7.38 -4.30
N ALA A 67 -7.52 7.67 -3.07
CA ALA A 67 -7.42 9.11 -2.64
C ALA A 67 -6.25 9.76 -3.36
N GLU A 68 -5.09 9.17 -3.29
CA GLU A 68 -3.90 9.75 -4.00
C GLU A 68 -3.99 9.49 -5.50
N LYS A 69 -4.11 10.54 -6.29
CA LYS A 69 -4.16 10.36 -7.78
C LYS A 69 -2.73 10.38 -8.30
N LYS A 70 -2.11 11.53 -8.35
CA LYS A 70 -0.69 11.60 -8.80
C LYS A 70 0.18 10.93 -7.73
N ASN A 71 -0.22 11.04 -6.49
CA ASN A 71 0.55 10.43 -5.37
C ASN A 71 0.35 8.91 -5.34
N ALA A 72 -0.49 8.38 -6.20
CA ALA A 72 -0.69 6.90 -6.22
C ALA A 72 0.56 6.21 -6.79
N SER A 73 1.52 6.97 -7.28
CA SER A 73 2.75 6.32 -7.82
C SER A 73 3.71 6.00 -6.69
N VAL A 74 4.72 5.23 -6.98
CA VAL A 74 5.70 4.86 -5.92
C VAL A 74 6.36 6.11 -5.34
N ALA A 75 6.78 7.05 -6.17
CA ALA A 75 7.43 8.30 -5.66
C ALA A 75 6.61 8.89 -4.51
N GLY A 76 5.32 8.73 -4.57
CA GLY A 76 4.47 9.24 -3.47
C GLY A 76 4.71 8.39 -2.23
N LEU A 77 4.34 7.14 -2.28
CA LEU A 77 4.54 6.26 -1.10
C LEU A 77 6.02 6.15 -0.73
N VAL A 78 6.91 5.80 -1.65
CA VAL A 78 8.35 5.63 -1.27
C VAL A 78 8.88 6.87 -0.54
N LYS A 79 8.46 8.02 -0.95
CA LYS A 79 8.91 9.25 -0.24
C LYS A 79 8.48 9.20 1.23
N ALA A 80 7.20 9.09 1.48
CA ALA A 80 6.70 9.01 2.90
C ALA A 80 7.12 7.70 3.56
N LEU A 81 7.05 6.64 2.80
CA LEU A 81 7.37 5.27 3.29
C LEU A 81 8.75 5.19 3.98
N ARG A 82 9.81 5.43 3.25
CA ARG A 82 11.16 5.33 3.86
C ARG A 82 11.41 6.47 4.84
N THR A 83 10.80 7.61 4.63
CA THR A 83 11.02 8.75 5.57
C THR A 83 10.54 8.38 6.96
N CYS A 84 9.45 7.67 7.05
CA CYS A 84 8.92 7.28 8.39
C CYS A 84 9.69 6.09 8.95
N ARG A 85 9.72 4.98 8.23
CA ARG A 85 10.45 3.76 8.75
C ARG A 85 10.43 2.56 7.79
N LEU A 86 9.59 2.59 6.78
CA LEU A 86 9.48 1.41 5.87
C LEU A 86 10.57 1.39 4.79
N ASN A 87 11.81 1.48 5.19
CA ASN A 87 12.93 1.46 4.21
C ASN A 87 12.94 0.15 3.41
N LEU A 88 12.53 -0.94 4.02
CA LEU A 88 12.54 -2.27 3.32
C LEU A 88 11.79 -2.22 1.99
N VAL A 89 10.52 -1.92 2.04
CA VAL A 89 9.71 -1.87 0.78
C VAL A 89 10.21 -0.75 -0.13
N ALA A 90 10.69 0.32 0.44
CA ALA A 90 11.21 1.44 -0.42
C ALA A 90 12.36 0.91 -1.29
N ASP A 91 13.23 0.13 -0.70
CA ASP A 91 14.37 -0.44 -1.48
C ASP A 91 13.88 -1.35 -2.61
N LEU A 92 12.87 -2.17 -2.37
CA LEU A 92 12.38 -3.10 -3.45
C LEU A 92 11.85 -2.29 -4.64
N VAL A 93 10.93 -1.40 -4.40
CA VAL A 93 10.37 -0.59 -5.54
C VAL A 93 11.50 0.23 -6.15
N GLU A 94 12.37 0.78 -5.33
CA GLU A 94 13.53 1.56 -5.86
C GLU A 94 14.38 0.64 -6.74
N GLU A 95 14.77 -0.49 -6.20
CA GLU A 95 15.59 -1.47 -6.97
C GLU A 95 14.81 -1.92 -8.21
N ALA A 96 13.52 -2.11 -8.06
CA ALA A 96 12.69 -2.53 -9.24
C ALA A 96 12.74 -1.45 -10.31
N GLN A 97 12.71 -0.20 -9.91
CA GLN A 97 12.78 0.92 -10.89
C GLN A 97 14.20 1.05 -11.45
N GLU A 98 15.19 0.46 -10.81
CA GLU A 98 16.60 0.56 -11.31
C GLU A 98 17.02 2.02 -11.47
N SER A 99 16.62 2.87 -10.55
CA SER A 99 16.98 4.32 -10.62
C SER A 99 16.60 4.91 -11.99
N ALA A 5 -11.40 8.20 -11.62
CA ALA A 5 -11.49 8.55 -10.18
C ALA A 5 -10.29 7.96 -9.43
N ALA A 6 -10.27 6.66 -9.27
CA ALA A 6 -9.12 6.00 -8.58
C ALA A 6 -7.88 6.18 -9.45
N PRO A 7 -6.75 5.66 -9.01
CA PRO A 7 -5.51 5.81 -9.80
C PRO A 7 -5.69 5.10 -11.16
N PRO A 8 -5.78 5.88 -12.22
CA PRO A 8 -5.97 5.28 -13.57
C PRO A 8 -4.78 4.40 -13.92
N GLY A 9 -3.59 4.83 -13.61
CA GLY A 9 -2.38 4.00 -13.90
C GLY A 9 -2.07 3.05 -12.73
N GLU A 10 -3.04 2.30 -12.27
CA GLU A 10 -2.79 1.36 -11.13
C GLU A 10 -1.85 0.23 -11.54
N ALA A 11 -1.60 0.06 -12.82
CA ALA A 11 -0.67 -1.03 -13.25
C ALA A 11 0.70 -0.81 -12.59
N TYR A 12 1.16 0.42 -12.54
CA TYR A 12 2.45 0.70 -11.86
C TYR A 12 2.27 0.45 -10.36
N LEU A 13 1.15 0.87 -9.81
CA LEU A 13 0.89 0.65 -8.34
C LEU A 13 0.90 -0.83 -8.00
N GLN A 14 0.24 -1.62 -8.78
CA GLN A 14 0.19 -3.09 -8.50
C GLN A 14 1.60 -3.68 -8.55
N VAL A 15 2.41 -3.23 -9.47
CA VAL A 15 3.80 -3.77 -9.55
C VAL A 15 4.54 -3.48 -8.24
N ALA A 16 4.51 -2.25 -7.80
CA ALA A 16 5.19 -1.93 -6.51
C ALA A 16 4.39 -2.56 -5.36
N PHE A 17 3.10 -2.30 -5.32
CA PHE A 17 2.25 -2.88 -4.24
C PHE A 17 2.39 -4.41 -4.21
N ASP A 18 2.82 -5.04 -5.27
CA ASP A 18 2.94 -6.52 -5.26
C ASP A 18 4.25 -6.98 -4.64
N ILE A 19 5.37 -6.46 -5.09
CA ILE A 19 6.67 -6.89 -4.51
C ILE A 19 6.71 -6.52 -3.04
N VAL A 20 6.27 -5.35 -2.72
CA VAL A 20 6.28 -4.90 -1.31
C VAL A 20 5.26 -5.66 -0.47
N CYS A 21 4.11 -5.96 -1.04
CA CYS A 21 3.06 -6.70 -0.27
C CYS A 21 3.58 -8.06 0.15
N ASP A 22 4.08 -8.81 -0.77
CA ASP A 22 4.61 -10.15 -0.41
C ASP A 22 5.84 -9.97 0.51
N ASN A 23 6.37 -8.77 0.59
CA ASN A 23 7.55 -8.52 1.47
C ASN A 23 7.09 -8.14 2.88
N VAL A 24 6.09 -7.31 2.97
CA VAL A 24 5.59 -6.88 4.31
C VAL A 24 4.18 -6.28 4.18
N GLY A 25 3.37 -6.87 3.35
CA GLY A 25 1.98 -6.39 3.08
C GLY A 25 1.31 -5.79 4.33
N ARG A 26 1.52 -6.39 5.48
CA ARG A 26 0.90 -5.84 6.74
C ARG A 26 1.29 -4.38 6.98
N ASP A 27 2.30 -3.89 6.31
CA ASP A 27 2.71 -2.46 6.50
C ASP A 27 1.67 -1.52 5.85
N TRP A 28 0.82 -2.04 5.00
CA TRP A 28 -0.21 -1.16 4.33
C TRP A 28 -1.41 -0.99 5.26
N LYS A 29 -1.99 -2.07 5.71
CA LYS A 29 -3.17 -1.97 6.63
C LYS A 29 -2.80 -1.11 7.85
N ARG A 30 -1.61 -1.25 8.40
CA ARG A 30 -1.23 -0.38 9.55
C ARG A 30 -1.13 1.07 9.07
N LEU A 31 -0.61 1.29 7.88
CA LEU A 31 -0.56 2.68 7.34
C LEU A 31 -1.98 3.10 6.97
N ALA A 32 -2.84 2.16 6.67
CA ALA A 32 -4.25 2.50 6.33
C ALA A 32 -4.86 3.22 7.54
N ARG A 33 -4.57 2.73 8.71
CA ARG A 33 -5.07 3.39 9.96
C ARG A 33 -4.52 4.82 9.99
N GLU A 34 -3.26 4.97 9.62
CA GLU A 34 -2.64 6.34 9.58
C GLU A 34 -3.32 7.17 8.49
N LEU A 35 -3.69 6.54 7.39
CA LEU A 35 -4.36 7.29 6.27
C LEU A 35 -5.82 7.61 6.64
N LYS A 36 -6.30 7.12 7.77
CA LYS A 36 -7.70 7.41 8.22
C LYS A 36 -8.71 6.75 7.27
N VAL A 37 -8.51 5.50 6.97
CA VAL A 37 -9.46 4.78 6.07
C VAL A 37 -10.78 4.50 6.81
N SER A 38 -11.84 4.28 6.07
CA SER A 38 -13.18 4.03 6.71
C SER A 38 -13.12 2.85 7.69
N GLU A 39 -13.61 3.06 8.88
CA GLU A 39 -13.65 1.98 9.90
C GLU A 39 -14.47 0.79 9.39
N ALA A 40 -15.45 1.05 8.53
CA ALA A 40 -16.31 -0.05 8.00
C ALA A 40 -15.45 -1.13 7.32
N LYS A 41 -14.62 -0.72 6.40
CA LYS A 41 -13.74 -1.71 5.70
C LYS A 41 -12.82 -2.40 6.72
N MET A 42 -12.32 -1.65 7.68
CA MET A 42 -11.44 -2.26 8.71
C MET A 42 -12.21 -3.35 9.47
N ASP A 43 -13.48 -3.16 9.70
CA ASP A 43 -14.29 -4.19 10.41
C ASP A 43 -14.34 -5.51 9.60
N GLY A 44 -14.58 -5.41 8.30
CA GLY A 44 -14.65 -6.65 7.46
C GLY A 44 -13.28 -7.25 7.17
N ILE A 45 -12.29 -6.44 6.89
CA ILE A 45 -10.93 -7.00 6.59
C ILE A 45 -10.42 -7.80 7.79
N GLU A 46 -10.59 -7.26 8.97
CA GLU A 46 -10.11 -7.99 10.19
C GLU A 46 -10.86 -9.31 10.36
N GLU A 47 -12.18 -9.26 10.37
CA GLU A 47 -12.98 -10.51 10.55
C GLU A 47 -12.88 -11.44 9.34
N LYS A 48 -13.08 -10.90 8.16
CA LYS A 48 -13.02 -11.73 6.92
C LYS A 48 -11.60 -12.20 6.60
N TYR A 49 -10.62 -11.34 6.79
CA TYR A 49 -9.22 -11.72 6.46
C TYR A 49 -8.32 -11.63 7.70
N PRO A 50 -8.26 -12.72 8.45
CA PRO A 50 -7.44 -12.74 9.67
C PRO A 50 -5.98 -13.15 9.38
N ARG A 51 -5.71 -13.74 8.23
CA ARG A 51 -4.30 -14.17 7.95
C ARG A 51 -3.94 -14.04 6.45
N SER A 52 -4.74 -13.36 5.67
CA SER A 52 -4.41 -13.21 4.22
C SER A 52 -3.69 -11.89 3.98
N LEU A 53 -2.43 -11.96 3.67
CA LEU A 53 -1.65 -10.71 3.41
C LEU A 53 -2.27 -9.99 2.20
N SER A 54 -2.58 -10.75 1.18
CA SER A 54 -3.20 -10.18 -0.05
C SER A 54 -4.59 -9.55 0.21
N GLU A 55 -5.47 -10.25 0.89
CA GLU A 55 -6.86 -9.71 1.14
C GLU A 55 -6.84 -8.48 2.04
N ARG A 56 -6.01 -8.49 3.04
CA ARG A 56 -5.97 -7.35 4.00
C ARG A 56 -5.41 -6.09 3.36
N VAL A 57 -4.24 -6.17 2.82
CA VAL A 57 -3.63 -4.96 2.20
C VAL A 57 -4.46 -4.42 1.03
N ARG A 58 -5.00 -5.27 0.19
CA ARG A 58 -5.77 -4.78 -0.99
C ARG A 58 -6.91 -3.82 -0.59
N GLU A 59 -7.72 -4.18 0.36
CA GLU A 59 -8.84 -3.26 0.77
C GLU A 59 -8.26 -1.97 1.35
N SER A 60 -7.33 -2.11 2.26
CA SER A 60 -6.69 -0.89 2.87
C SER A 60 -5.94 -0.11 1.80
N LEU A 61 -5.26 -0.80 0.93
CA LEU A 61 -4.50 -0.14 -0.17
C LEU A 61 -5.47 0.47 -1.19
N LYS A 62 -6.60 -0.16 -1.41
CA LYS A 62 -7.59 0.37 -2.40
C LYS A 62 -8.05 1.76 -2.00
N VAL A 63 -8.46 1.95 -0.78
CA VAL A 63 -8.90 3.30 -0.35
C VAL A 63 -7.71 4.27 -0.38
N TRP A 64 -6.56 3.82 0.04
CA TRP A 64 -5.36 4.70 0.03
C TRP A 64 -5.02 5.11 -1.41
N LYS A 65 -4.81 4.16 -2.30
CA LYS A 65 -4.47 4.51 -3.70
C LYS A 65 -5.63 5.31 -4.35
N ASN A 66 -6.86 4.94 -4.07
CA ASN A 66 -8.01 5.70 -4.66
C ASN A 66 -7.97 7.16 -4.21
N ALA A 67 -7.72 7.38 -2.94
CA ALA A 67 -7.67 8.78 -2.42
C ALA A 67 -6.44 9.48 -3.02
N GLU A 68 -5.31 8.82 -3.01
CA GLU A 68 -4.08 9.46 -3.57
C GLU A 68 -4.13 9.45 -5.09
N LYS A 69 -4.10 10.59 -5.71
CA LYS A 69 -4.10 10.64 -7.21
C LYS A 69 -2.64 10.62 -7.68
N LYS A 70 -1.96 11.74 -7.62
CA LYS A 70 -0.53 11.78 -8.04
C LYS A 70 0.31 10.96 -7.04
N ASN A 71 -0.10 10.98 -5.79
CA ASN A 71 0.66 10.23 -4.73
C ASN A 71 0.42 8.72 -4.87
N ALA A 72 -0.51 8.30 -5.68
CA ALA A 72 -0.76 6.84 -5.86
C ALA A 72 0.48 6.18 -6.48
N SER A 73 1.41 6.95 -6.98
CA SER A 73 2.62 6.34 -7.60
C SER A 73 3.64 5.98 -6.51
N VAL A 74 4.63 5.22 -6.89
CA VAL A 74 5.65 4.80 -5.90
C VAL A 74 6.35 6.00 -5.27
N ALA A 75 6.71 7.00 -6.05
CA ALA A 75 7.40 8.20 -5.47
C ALA A 75 6.64 8.72 -4.25
N GLY A 76 5.34 8.58 -4.27
CA GLY A 76 4.53 9.03 -3.10
C GLY A 76 4.77 8.08 -1.94
N LEU A 77 4.45 6.82 -2.11
CA LEU A 77 4.65 5.84 -1.00
C LEU A 77 6.14 5.67 -0.63
N VAL A 78 7.03 5.55 -1.60
CA VAL A 78 8.48 5.34 -1.26
C VAL A 78 8.98 6.48 -0.39
N LYS A 79 8.62 7.68 -0.72
CA LYS A 79 9.06 8.84 0.11
C LYS A 79 8.49 8.70 1.53
N ALA A 80 7.20 8.51 1.63
CA ALA A 80 6.55 8.37 2.98
C ALA A 80 7.01 7.09 3.72
N LEU A 81 6.92 5.96 3.08
CA LEU A 81 7.29 4.67 3.76
C LEU A 81 8.76 4.65 4.26
N ARG A 82 9.71 5.09 3.46
CA ARG A 82 11.14 5.05 3.92
C ARG A 82 11.43 6.11 4.98
N THR A 83 10.88 7.28 4.83
CA THR A 83 11.13 8.37 5.83
C THR A 83 10.65 7.94 7.21
N CYS A 84 9.53 7.27 7.25
CA CYS A 84 8.98 6.84 8.56
C CYS A 84 9.76 5.62 9.09
N ARG A 85 9.78 4.53 8.35
CA ARG A 85 10.53 3.30 8.82
C ARG A 85 10.46 2.11 7.85
N LEU A 86 9.62 2.16 6.84
CA LEU A 86 9.46 1.00 5.92
C LEU A 86 10.61 0.91 4.89
N ASN A 87 11.83 0.89 5.35
CA ASN A 87 12.99 0.80 4.41
C ASN A 87 12.88 -0.46 3.53
N LEU A 88 12.27 -1.50 4.04
CA LEU A 88 12.15 -2.77 3.27
C LEU A 88 11.48 -2.56 1.91
N VAL A 89 10.25 -2.14 1.92
CA VAL A 89 9.51 -1.93 0.64
C VAL A 89 10.17 -0.84 -0.20
N ALA A 90 10.71 0.18 0.44
CA ALA A 90 11.40 1.25 -0.33
C ALA A 90 12.57 0.64 -1.14
N ASP A 91 13.32 -0.23 -0.53
CA ASP A 91 14.46 -0.88 -1.23
C ASP A 91 14.00 -1.68 -2.46
N LEU A 92 12.92 -2.42 -2.35
CA LEU A 92 12.46 -3.24 -3.52
C LEU A 92 12.08 -2.35 -4.70
N VAL A 93 11.20 -1.41 -4.49
CA VAL A 93 10.79 -0.49 -5.60
C VAL A 93 11.99 0.33 -6.07
N GLU A 94 12.87 0.68 -5.15
CA GLU A 94 14.08 1.48 -5.52
C GLU A 94 14.96 0.74 -6.54
N GLU A 95 15.40 -0.44 -6.18
CA GLU A 95 16.28 -1.22 -7.10
C GLU A 95 15.54 -1.53 -8.40
N ALA A 96 14.24 -1.67 -8.33
CA ALA A 96 13.45 -1.97 -9.56
C ALA A 96 13.40 -0.74 -10.49
N GLN A 97 13.40 0.46 -9.93
CA GLN A 97 13.32 1.69 -10.79
C GLN A 97 14.61 1.91 -11.59
N GLU A 98 15.75 1.69 -10.99
CA GLU A 98 17.05 1.89 -11.71
C GLU A 98 17.09 3.28 -12.39
N SER A 99 16.62 4.29 -11.70
CA SER A 99 16.62 5.67 -12.30
C SER A 99 15.92 5.68 -13.66
N ALA A 5 -12.10 7.26 -12.06
CA ALA A 5 -12.33 7.91 -10.74
C ALA A 5 -11.08 7.78 -9.89
N ALA A 6 -10.72 6.57 -9.54
CA ALA A 6 -9.50 6.34 -8.72
C ALA A 6 -8.26 6.66 -9.58
N PRO A 7 -7.07 6.46 -9.05
CA PRO A 7 -5.85 6.77 -9.83
C PRO A 7 -5.83 5.90 -11.09
N PRO A 8 -5.96 6.52 -12.24
CA PRO A 8 -5.95 5.76 -13.51
C PRO A 8 -4.62 5.03 -13.72
N GLY A 9 -3.55 5.51 -13.13
CA GLY A 9 -2.23 4.82 -13.29
C GLY A 9 -2.02 3.73 -12.23
N GLU A 10 -3.04 2.97 -11.91
CA GLU A 10 -2.90 1.90 -10.88
C GLU A 10 -2.03 0.74 -11.37
N ALA A 11 -1.85 0.61 -12.66
CA ALA A 11 -1.01 -0.53 -13.18
C ALA A 11 0.41 -0.43 -12.62
N TYR A 12 1.05 0.71 -12.74
CA TYR A 12 2.43 0.86 -12.19
C TYR A 12 2.38 0.71 -10.67
N LEU A 13 1.47 1.41 -10.04
CA LEU A 13 1.34 1.33 -8.55
C LEU A 13 1.05 -0.10 -8.10
N GLN A 14 0.22 -0.81 -8.82
CA GLN A 14 -0.12 -2.20 -8.43
C GLN A 14 1.15 -3.08 -8.46
N VAL A 15 1.99 -2.89 -9.44
CA VAL A 15 3.24 -3.71 -9.51
C VAL A 15 4.09 -3.45 -8.25
N ALA A 16 4.30 -2.21 -7.90
CA ALA A 16 5.09 -1.91 -6.67
C ALA A 16 4.34 -2.44 -5.45
N PHE A 17 3.06 -2.18 -5.38
CA PHE A 17 2.23 -2.68 -4.24
C PHE A 17 2.34 -4.21 -4.12
N ASP A 18 2.74 -4.89 -5.16
CA ASP A 18 2.83 -6.38 -5.09
C ASP A 18 4.15 -6.81 -4.47
N ILE A 19 5.26 -6.33 -4.99
CA ILE A 19 6.58 -6.73 -4.42
C ILE A 19 6.67 -6.29 -2.97
N VAL A 20 6.21 -5.10 -2.70
CA VAL A 20 6.27 -4.58 -1.30
C VAL A 20 5.28 -5.34 -0.40
N CYS A 21 4.11 -5.63 -0.91
CA CYS A 21 3.10 -6.36 -0.09
C CYS A 21 3.62 -7.73 0.32
N ASP A 22 4.12 -8.47 -0.62
CA ASP A 22 4.65 -9.82 -0.26
C ASP A 22 5.90 -9.64 0.63
N ASN A 23 6.45 -8.45 0.70
CA ASN A 23 7.66 -8.22 1.55
C ASN A 23 7.26 -7.83 2.97
N VAL A 24 6.26 -7.01 3.09
CA VAL A 24 5.82 -6.57 4.46
C VAL A 24 4.39 -6.02 4.41
N GLY A 25 3.58 -6.59 3.55
CA GLY A 25 2.16 -6.14 3.34
C GLY A 25 1.50 -5.62 4.63
N ARG A 26 1.72 -6.28 5.74
CA ARG A 26 1.09 -5.84 7.04
C ARG A 26 1.49 -4.41 7.39
N ASP A 27 2.55 -3.91 6.80
CA ASP A 27 2.96 -2.51 7.11
C ASP A 27 1.92 -1.55 6.52
N TRP A 28 1.17 -1.98 5.54
CA TRP A 28 0.11 -1.10 4.97
C TRP A 28 -0.99 -0.96 6.01
N LYS A 29 -1.23 -1.98 6.80
CA LYS A 29 -2.27 -1.87 7.86
C LYS A 29 -1.83 -0.75 8.83
N ARG A 30 -0.55 -0.70 9.13
CA ARG A 30 -0.04 0.40 10.02
C ARG A 30 -0.33 1.75 9.36
N LEU A 31 0.02 1.89 8.10
CA LEU A 31 -0.22 3.18 7.39
C LEU A 31 -1.73 3.34 7.14
N ALA A 32 -2.46 2.25 7.07
CA ALA A 32 -3.94 2.34 6.86
C ALA A 32 -4.57 3.14 7.99
N ARG A 33 -4.27 2.76 9.20
CA ARG A 33 -4.82 3.52 10.37
C ARG A 33 -4.31 4.97 10.30
N GLU A 34 -3.07 5.14 9.91
CA GLU A 34 -2.50 6.51 9.76
C GLU A 34 -3.27 7.25 8.66
N LEU A 35 -3.60 6.54 7.60
CA LEU A 35 -4.36 7.17 6.48
C LEU A 35 -5.84 7.37 6.89
N LYS A 36 -6.21 6.89 8.06
CA LYS A 36 -7.62 7.06 8.54
C LYS A 36 -8.61 6.40 7.59
N VAL A 37 -8.36 5.18 7.22
CA VAL A 37 -9.29 4.46 6.31
C VAL A 37 -10.53 4.05 7.11
N SER A 38 -11.68 3.96 6.48
CA SER A 38 -12.93 3.59 7.21
C SER A 38 -12.72 2.32 8.05
N GLU A 39 -12.91 2.42 9.33
CA GLU A 39 -12.73 1.24 10.22
C GLU A 39 -13.70 0.13 9.80
N ALA A 40 -14.82 0.50 9.23
CA ALA A 40 -15.80 -0.53 8.76
C ALA A 40 -15.12 -1.51 7.79
N LYS A 41 -14.48 -1.00 6.76
CA LYS A 41 -13.79 -1.91 5.79
C LYS A 41 -12.66 -2.67 6.49
N MET A 42 -11.87 -1.98 7.30
CA MET A 42 -10.77 -2.69 8.02
C MET A 42 -11.37 -3.78 8.91
N ASP A 43 -12.47 -3.49 9.55
CA ASP A 43 -13.14 -4.51 10.42
C ASP A 43 -13.51 -5.76 9.61
N GLY A 44 -14.01 -5.58 8.39
CA GLY A 44 -14.40 -6.76 7.56
C GLY A 44 -13.19 -7.48 6.97
N ILE A 45 -12.21 -6.75 6.47
CA ILE A 45 -11.03 -7.43 5.87
C ILE A 45 -10.32 -8.29 6.94
N GLU A 46 -10.08 -7.75 8.10
CA GLU A 46 -9.42 -8.54 9.18
C GLU A 46 -10.26 -9.75 9.57
N GLU A 47 -11.53 -9.55 9.83
CA GLU A 47 -12.41 -10.71 10.23
C GLU A 47 -12.51 -11.73 9.09
N LYS A 48 -12.75 -11.28 7.89
CA LYS A 48 -12.87 -12.22 6.75
C LYS A 48 -11.50 -12.84 6.42
N TYR A 49 -10.45 -12.10 6.62
CA TYR A 49 -9.09 -12.62 6.31
C TYR A 49 -8.19 -12.51 7.54
N PRO A 50 -8.23 -13.52 8.38
CA PRO A 50 -7.41 -13.50 9.63
C PRO A 50 -5.93 -13.76 9.36
N ARG A 51 -5.54 -14.15 8.16
CA ARG A 51 -4.09 -14.42 7.92
C ARG A 51 -3.67 -14.18 6.47
N SER A 52 -4.48 -13.53 5.67
CA SER A 52 -4.09 -13.27 4.24
C SER A 52 -3.47 -11.90 4.11
N LEU A 53 -2.19 -11.86 3.86
CA LEU A 53 -1.50 -10.55 3.70
C LEU A 53 -2.11 -9.80 2.52
N SER A 54 -2.34 -10.51 1.46
CA SER A 54 -2.94 -9.88 0.23
C SER A 54 -4.35 -9.33 0.51
N GLU A 55 -5.18 -10.09 1.17
CA GLU A 55 -6.59 -9.64 1.44
C GLU A 55 -6.64 -8.46 2.42
N ARG A 56 -5.83 -8.47 3.45
CA ARG A 56 -5.90 -7.36 4.44
C ARG A 56 -5.44 -6.04 3.84
N VAL A 57 -4.27 -6.02 3.24
CA VAL A 57 -3.74 -4.77 2.64
C VAL A 57 -4.54 -4.29 1.43
N ARG A 58 -4.98 -5.16 0.56
CA ARG A 58 -5.71 -4.71 -0.67
C ARG A 58 -6.90 -3.80 -0.30
N GLU A 59 -7.65 -4.12 0.71
CA GLU A 59 -8.80 -3.25 1.09
C GLU A 59 -8.28 -1.88 1.54
N SER A 60 -7.35 -1.88 2.44
CA SER A 60 -6.77 -0.59 2.94
C SER A 60 -5.98 0.11 1.83
N LEU A 61 -5.34 -0.66 0.98
CA LEU A 61 -4.55 -0.05 -0.13
C LEU A 61 -5.49 0.57 -1.16
N LYS A 62 -6.59 -0.08 -1.44
CA LYS A 62 -7.55 0.47 -2.45
C LYS A 62 -8.10 1.83 -2.00
N VAL A 63 -8.59 1.92 -0.80
CA VAL A 63 -9.16 3.23 -0.31
C VAL A 63 -8.09 4.32 -0.32
N TRP A 64 -6.90 4.03 0.19
CA TRP A 64 -5.82 5.06 0.18
C TRP A 64 -5.42 5.33 -1.29
N LYS A 65 -5.30 4.29 -2.06
CA LYS A 65 -4.92 4.44 -3.50
C LYS A 65 -5.95 5.32 -4.22
N ASN A 66 -7.22 5.11 -3.96
CA ASN A 66 -8.27 5.94 -4.62
C ASN A 66 -8.16 7.40 -4.14
N ALA A 67 -7.84 7.59 -2.88
CA ALA A 67 -7.72 8.98 -2.34
C ALA A 67 -6.53 9.69 -2.96
N GLU A 68 -5.42 9.02 -3.10
CA GLU A 68 -4.21 9.69 -3.69
C GLU A 68 -4.37 9.85 -5.21
N LYS A 69 -4.25 11.05 -5.71
CA LYS A 69 -4.33 11.26 -7.19
C LYS A 69 -2.91 11.16 -7.76
N LYS A 70 -2.13 12.21 -7.65
CA LYS A 70 -0.72 12.15 -8.13
C LYS A 70 0.10 11.22 -7.20
N ASN A 71 -0.27 11.19 -5.93
CA ASN A 71 0.48 10.34 -4.95
C ASN A 71 0.19 8.85 -5.17
N ALA A 72 -0.72 8.52 -6.06
CA ALA A 72 -1.00 7.08 -6.32
C ALA A 72 0.22 6.42 -6.95
N SER A 73 1.20 7.20 -7.39
CA SER A 73 2.40 6.57 -7.99
C SER A 73 3.36 6.14 -6.89
N VAL A 74 4.33 5.35 -7.24
CA VAL A 74 5.29 4.86 -6.22
C VAL A 74 6.01 6.05 -5.57
N ALA A 75 6.44 7.02 -6.35
CA ALA A 75 7.13 8.23 -5.79
C ALA A 75 6.36 8.77 -4.58
N GLY A 76 5.06 8.61 -4.61
CA GLY A 76 4.24 9.07 -3.45
C GLY A 76 4.49 8.14 -2.28
N LEU A 77 4.09 6.89 -2.39
CA LEU A 77 4.29 5.92 -1.26
C LEU A 77 5.80 5.72 -0.92
N VAL A 78 6.66 5.54 -1.91
CA VAL A 78 8.10 5.30 -1.57
C VAL A 78 8.65 6.46 -0.76
N LYS A 79 8.31 7.66 -1.12
CA LYS A 79 8.79 8.84 -0.33
C LYS A 79 8.27 8.75 1.11
N ALA A 80 6.99 8.54 1.26
CA ALA A 80 6.38 8.45 2.63
C ALA A 80 6.89 7.22 3.41
N LEU A 81 6.77 6.04 2.84
CA LEU A 81 7.19 4.82 3.58
C LEU A 81 8.67 4.83 4.00
N ARG A 82 9.58 5.18 3.12
CA ARG A 82 11.03 5.16 3.50
C ARG A 82 11.37 6.29 4.48
N THR A 83 10.82 7.46 4.30
CA THR A 83 11.13 8.59 5.24
C THR A 83 10.73 8.23 6.66
N CYS A 84 9.61 7.58 6.81
CA CYS A 84 9.14 7.21 8.18
C CYS A 84 9.93 6.01 8.73
N ARG A 85 9.92 4.89 8.03
CA ARG A 85 10.68 3.68 8.54
C ARG A 85 10.58 2.45 7.61
N LEU A 86 9.74 2.47 6.62
CA LEU A 86 9.58 1.28 5.74
C LEU A 86 10.73 1.18 4.71
N ASN A 87 11.94 1.12 5.18
CA ASN A 87 13.10 1.00 4.25
C ASN A 87 12.99 -0.26 3.38
N LEU A 88 12.38 -1.30 3.91
CA LEU A 88 12.25 -2.57 3.13
C LEU A 88 11.55 -2.34 1.79
N VAL A 89 10.31 -1.97 1.81
CA VAL A 89 9.56 -1.75 0.54
C VAL A 89 10.23 -0.67 -0.30
N ALA A 90 10.86 0.29 0.33
CA ALA A 90 11.55 1.36 -0.44
C ALA A 90 12.63 0.72 -1.34
N ASP A 91 13.36 -0.22 -0.80
CA ASP A 91 14.42 -0.92 -1.60
C ASP A 91 13.81 -1.72 -2.77
N LEU A 92 12.70 -2.40 -2.56
CA LEU A 92 12.10 -3.21 -3.67
C LEU A 92 11.72 -2.32 -4.84
N VAL A 93 10.97 -1.27 -4.57
CA VAL A 93 10.56 -0.35 -5.68
C VAL A 93 11.80 0.26 -6.32
N GLU A 94 12.76 0.64 -5.52
CA GLU A 94 14.03 1.22 -6.08
C GLU A 94 14.72 0.18 -6.96
N GLU A 95 14.94 -0.98 -6.41
CA GLU A 95 15.60 -2.07 -7.19
C GLU A 95 14.71 -2.53 -8.35
N ALA A 96 13.41 -2.44 -8.16
CA ALA A 96 12.48 -2.87 -9.25
C ALA A 96 12.56 -1.91 -10.45
N GLN A 97 12.94 -0.67 -10.22
CA GLN A 97 13.03 0.30 -11.35
C GLN A 97 14.34 0.10 -12.12
N GLU A 98 15.46 0.45 -11.53
CA GLU A 98 16.77 0.28 -12.23
C GLU A 98 16.74 0.87 -13.64
N SER A 99 16.22 2.06 -13.80
CA SER A 99 16.16 2.70 -15.16
C SER A 99 15.50 1.76 -16.19
N ALA A 5 -11.17 8.49 -12.20
CA ALA A 5 -11.29 9.02 -10.80
C ALA A 5 -10.10 8.55 -9.96
N ALA A 6 -10.05 7.27 -9.66
CA ALA A 6 -8.91 6.72 -8.87
C ALA A 6 -7.64 6.85 -9.71
N PRO A 7 -6.52 6.39 -9.19
CA PRO A 7 -5.26 6.50 -9.96
C PRO A 7 -5.38 5.70 -11.26
N PRO A 8 -5.45 6.40 -12.38
CA PRO A 8 -5.60 5.72 -13.69
C PRO A 8 -4.41 4.79 -13.95
N GLY A 9 -3.22 5.19 -13.56
CA GLY A 9 -2.04 4.31 -13.77
C GLY A 9 -1.87 3.32 -12.60
N GLU A 10 -2.93 2.69 -12.17
CA GLU A 10 -2.82 1.72 -11.04
C GLU A 10 -1.96 0.53 -11.44
N ALA A 11 -1.77 0.29 -12.71
CA ALA A 11 -0.92 -0.86 -13.15
C ALA A 11 0.49 -0.70 -12.57
N TYR A 12 1.08 0.46 -12.73
CA TYR A 12 2.44 0.70 -12.16
C TYR A 12 2.36 0.60 -10.64
N LEU A 13 1.31 1.17 -10.10
CA LEU A 13 1.10 1.14 -8.62
C LEU A 13 0.99 -0.30 -8.12
N GLN A 14 0.19 -1.10 -8.78
CA GLN A 14 0.03 -2.52 -8.35
C GLN A 14 1.38 -3.25 -8.39
N VAL A 15 2.19 -2.99 -9.38
CA VAL A 15 3.51 -3.68 -9.48
C VAL A 15 4.35 -3.38 -8.23
N ALA A 16 4.49 -2.12 -7.86
CA ALA A 16 5.29 -1.80 -6.64
C ALA A 16 4.54 -2.30 -5.42
N PHE A 17 3.25 -2.09 -5.40
CA PHE A 17 2.42 -2.56 -4.26
C PHE A 17 2.49 -4.08 -4.15
N ASP A 18 2.93 -4.77 -5.19
CA ASP A 18 3.01 -6.25 -5.12
C ASP A 18 4.30 -6.71 -4.46
N ILE A 19 5.43 -6.24 -4.93
CA ILE A 19 6.72 -6.67 -4.31
C ILE A 19 6.76 -6.23 -2.85
N VAL A 20 6.31 -5.03 -2.58
CA VAL A 20 6.31 -4.54 -1.17
C VAL A 20 5.28 -5.31 -0.32
N CYS A 21 4.13 -5.58 -0.89
CA CYS A 21 3.07 -6.31 -0.12
C CYS A 21 3.55 -7.69 0.28
N ASP A 22 4.07 -8.42 -0.65
CA ASP A 22 4.58 -9.78 -0.29
C ASP A 22 5.77 -9.65 0.66
N ASN A 23 6.33 -8.46 0.79
CA ASN A 23 7.49 -8.26 1.71
C ASN A 23 7.01 -7.87 3.11
N VAL A 24 6.01 -7.02 3.19
CA VAL A 24 5.51 -6.59 4.53
C VAL A 24 4.10 -6.00 4.40
N GLY A 25 3.30 -6.58 3.54
CA GLY A 25 1.91 -6.10 3.27
C GLY A 25 1.23 -5.55 4.53
N ARG A 26 1.37 -6.22 5.66
CA ARG A 26 0.71 -5.74 6.92
C ARG A 26 1.11 -4.29 7.27
N ASP A 27 2.19 -3.81 6.71
CA ASP A 27 2.60 -2.40 7.00
C ASP A 27 1.55 -1.46 6.39
N TRP A 28 0.81 -1.92 5.42
CA TRP A 28 -0.25 -1.07 4.81
C TRP A 28 -1.39 -0.90 5.81
N LYS A 29 -1.62 -1.88 6.65
CA LYS A 29 -2.69 -1.75 7.68
C LYS A 29 -2.26 -0.65 8.65
N ARG A 30 -0.99 -0.62 8.98
CA ARG A 30 -0.46 0.44 9.89
C ARG A 30 -0.67 1.80 9.22
N LEU A 31 -0.28 1.91 7.99
CA LEU A 31 -0.44 3.20 7.24
C LEU A 31 -1.91 3.42 6.91
N ALA A 32 -2.67 2.36 6.79
CA ALA A 32 -4.14 2.51 6.48
C ALA A 32 -4.79 3.31 7.59
N ARG A 33 -4.55 2.92 8.82
CA ARG A 33 -5.12 3.69 9.98
C ARG A 33 -4.59 5.12 9.92
N GLU A 34 -3.34 5.28 9.57
CA GLU A 34 -2.76 6.64 9.44
C GLU A 34 -3.44 7.38 8.29
N LEU A 35 -3.76 6.67 7.24
CA LEU A 35 -4.46 7.30 6.06
C LEU A 35 -5.93 7.56 6.39
N LYS A 36 -6.40 7.14 7.56
CA LYS A 36 -7.83 7.36 7.95
C LYS A 36 -8.75 6.68 6.96
N VAL A 37 -8.49 5.43 6.66
CA VAL A 37 -9.35 4.67 5.71
C VAL A 37 -10.67 4.31 6.39
N SER A 38 -11.71 4.04 5.64
CA SER A 38 -13.02 3.69 6.25
C SER A 38 -12.88 2.52 7.23
N GLU A 39 -13.27 2.72 8.46
CA GLU A 39 -13.18 1.63 9.47
C GLU A 39 -14.03 0.44 9.02
N ALA A 40 -15.09 0.70 8.29
CA ALA A 40 -15.97 -0.41 7.81
C ALA A 40 -15.15 -1.42 7.02
N LYS A 41 -14.35 -0.96 6.09
CA LYS A 41 -13.51 -1.90 5.28
C LYS A 41 -12.56 -2.68 6.19
N MET A 42 -11.87 -1.99 7.08
CA MET A 42 -10.93 -2.70 8.00
C MET A 42 -11.67 -3.74 8.83
N ASP A 43 -12.84 -3.40 9.29
CA ASP A 43 -13.64 -4.37 10.10
C ASP A 43 -13.94 -5.64 9.29
N GLY A 44 -14.27 -5.49 8.03
CA GLY A 44 -14.57 -6.69 7.19
C GLY A 44 -13.29 -7.36 6.71
N ILE A 45 -12.31 -6.62 6.28
CA ILE A 45 -11.05 -7.26 5.80
C ILE A 45 -10.41 -8.09 6.93
N GLU A 46 -10.30 -7.51 8.10
CA GLU A 46 -9.70 -8.25 9.26
C GLU A 46 -10.52 -9.49 9.63
N GLU A 47 -11.81 -9.34 9.83
CA GLU A 47 -12.66 -10.51 10.23
C GLU A 47 -12.64 -11.61 9.16
N LYS A 48 -12.90 -11.25 7.94
CA LYS A 48 -12.93 -12.26 6.84
C LYS A 48 -11.53 -12.78 6.51
N TYR A 49 -10.52 -11.98 6.73
CA TYR A 49 -9.13 -12.43 6.40
C TYR A 49 -8.19 -12.23 7.61
N PRO A 50 -8.19 -13.20 8.50
CA PRO A 50 -7.33 -13.10 9.70
C PRO A 50 -5.86 -13.42 9.39
N ARG A 51 -5.55 -13.91 8.20
CA ARG A 51 -4.12 -14.26 7.89
C ARG A 51 -3.75 -14.02 6.42
N SER A 52 -4.62 -13.47 5.60
CA SER A 52 -4.27 -13.26 4.17
C SER A 52 -3.63 -11.89 3.97
N LEU A 53 -2.35 -11.87 3.69
CA LEU A 53 -1.64 -10.59 3.47
C LEU A 53 -2.27 -9.88 2.27
N SER A 54 -2.55 -10.62 1.24
CA SER A 54 -3.18 -10.03 0.01
C SER A 54 -4.58 -9.48 0.31
N GLU A 55 -5.41 -10.25 0.97
CA GLU A 55 -6.80 -9.80 1.26
C GLU A 55 -6.83 -8.61 2.23
N ARG A 56 -5.99 -8.62 3.22
CA ARG A 56 -6.00 -7.51 4.23
C ARG A 56 -5.58 -6.17 3.61
N VAL A 57 -4.43 -6.13 3.02
CA VAL A 57 -3.91 -4.86 2.41
C VAL A 57 -4.71 -4.39 1.18
N ARG A 58 -5.15 -5.29 0.34
CA ARG A 58 -5.86 -4.86 -0.91
C ARG A 58 -6.97 -3.83 -0.64
N GLU A 59 -7.91 -4.11 0.23
CA GLU A 59 -8.99 -3.12 0.49
C GLU A 59 -8.40 -1.83 1.06
N SER A 60 -7.50 -1.96 2.01
CA SER A 60 -6.85 -0.76 2.61
C SER A 60 -6.07 0.00 1.54
N LEU A 61 -5.41 -0.72 0.66
CA LEU A 61 -4.62 -0.07 -0.43
C LEU A 61 -5.54 0.59 -1.46
N LYS A 62 -6.65 -0.04 -1.76
CA LYS A 62 -7.59 0.54 -2.78
C LYS A 62 -8.07 1.92 -2.33
N VAL A 63 -8.46 2.06 -1.09
CA VAL A 63 -8.93 3.40 -0.60
C VAL A 63 -7.75 4.39 -0.54
N TRP A 64 -6.61 3.95 -0.07
CA TRP A 64 -5.43 4.88 0.02
C TRP A 64 -5.01 5.32 -1.40
N LYS A 65 -4.75 4.39 -2.28
CA LYS A 65 -4.30 4.77 -3.66
C LYS A 65 -5.38 5.63 -4.36
N ASN A 66 -6.64 5.41 -4.05
CA ASN A 66 -7.72 6.23 -4.70
C ASN A 66 -7.60 7.69 -4.24
N ALA A 67 -7.31 7.92 -2.99
CA ALA A 67 -7.20 9.32 -2.49
C ALA A 67 -5.97 10.01 -3.09
N GLU A 68 -4.82 9.37 -3.05
CA GLU A 68 -3.59 10.00 -3.62
C GLU A 68 -3.62 9.98 -5.15
N LYS A 69 -3.44 11.12 -5.76
CA LYS A 69 -3.42 11.18 -7.25
C LYS A 69 -1.98 11.00 -7.74
N LYS A 70 -1.17 12.03 -7.66
CA LYS A 70 0.26 11.91 -8.10
C LYS A 70 1.00 10.97 -7.14
N ASN A 71 0.61 10.97 -5.89
CA ASN A 71 1.27 10.10 -4.89
C ASN A 71 0.82 8.63 -5.06
N ALA A 72 -0.06 8.36 -6.01
CA ALA A 72 -0.48 6.95 -6.22
C ALA A 72 0.73 6.14 -6.72
N SER A 73 1.76 6.81 -7.18
CA SER A 73 2.96 6.08 -7.66
C SER A 73 3.92 5.83 -6.51
N VAL A 74 4.98 5.12 -6.78
CA VAL A 74 5.96 4.80 -5.70
C VAL A 74 6.54 6.07 -5.09
N ALA A 75 7.00 7.02 -5.88
CA ALA A 75 7.61 8.28 -5.32
C ALA A 75 6.78 8.82 -4.16
N GLY A 76 5.48 8.70 -4.24
CA GLY A 76 4.62 9.16 -3.12
C GLY A 76 4.85 8.24 -1.93
N LEU A 77 4.48 6.98 -2.06
CA LEU A 77 4.66 6.04 -0.92
C LEU A 77 6.14 5.90 -0.53
N VAL A 78 7.02 5.57 -1.45
CA VAL A 78 8.47 5.36 -1.08
C VAL A 78 9.01 6.51 -0.25
N LYS A 79 8.64 7.72 -0.57
CA LYS A 79 9.11 8.86 0.26
C LYS A 79 8.60 8.66 1.69
N ALA A 80 7.33 8.41 1.84
CA ALA A 80 6.75 8.18 3.19
C ALA A 80 7.33 6.91 3.84
N LEU A 81 7.54 5.85 3.08
CA LEU A 81 8.04 4.57 3.69
C LEU A 81 9.36 4.74 4.42
N ARG A 82 10.38 5.06 3.70
CA ARG A 82 11.73 5.18 4.32
C ARG A 82 11.79 6.39 5.23
N THR A 83 10.93 7.36 5.04
CA THR A 83 10.96 8.54 5.95
C THR A 83 10.61 8.09 7.38
N CYS A 84 9.59 7.30 7.52
CA CYS A 84 9.20 6.82 8.87
C CYS A 84 10.05 5.61 9.27
N ARG A 85 10.00 4.54 8.50
CA ARG A 85 10.83 3.31 8.84
C ARG A 85 10.54 2.11 7.90
N LEU A 86 9.86 2.30 6.81
CA LEU A 86 9.55 1.16 5.90
C LEU A 86 10.62 1.01 4.81
N ASN A 87 11.87 1.06 5.18
CA ASN A 87 12.97 0.91 4.19
C ASN A 87 12.81 -0.39 3.39
N LEU A 88 12.20 -1.39 3.99
CA LEU A 88 12.02 -2.71 3.30
C LEU A 88 11.32 -2.53 1.95
N VAL A 89 10.12 -1.99 1.96
CA VAL A 89 9.38 -1.80 0.70
C VAL A 89 10.09 -0.78 -0.20
N ALA A 90 10.68 0.22 0.40
CA ALA A 90 11.41 1.25 -0.40
C ALA A 90 12.54 0.59 -1.20
N ASP A 91 13.31 -0.25 -0.57
CA ASP A 91 14.44 -0.94 -1.29
C ASP A 91 13.93 -1.78 -2.46
N LEU A 92 12.83 -2.48 -2.28
CA LEU A 92 12.30 -3.35 -3.38
C LEU A 92 11.89 -2.51 -4.59
N VAL A 93 11.04 -1.53 -4.37
CA VAL A 93 10.60 -0.66 -5.50
C VAL A 93 11.82 0.05 -6.09
N GLU A 94 12.74 0.47 -5.25
CA GLU A 94 13.97 1.13 -5.74
C GLU A 94 14.74 0.15 -6.65
N GLU A 95 14.95 -1.04 -6.16
CA GLU A 95 15.67 -2.07 -6.96
C GLU A 95 14.90 -2.36 -8.25
N ALA A 96 13.59 -2.34 -8.19
CA ALA A 96 12.78 -2.59 -9.42
C ALA A 96 12.99 -1.46 -10.42
N GLN A 97 13.14 -0.24 -9.96
CA GLN A 97 13.35 0.90 -10.89
C GLN A 97 14.74 0.85 -11.52
N GLU A 98 15.66 0.13 -10.92
CA GLU A 98 17.06 0.03 -11.48
C GLU A 98 17.65 1.43 -11.70
N SER A 99 17.51 2.30 -10.73
CA SER A 99 18.07 3.69 -10.85
C SER A 99 17.55 4.37 -12.13
N ALA A 5 -11.36 7.84 -12.32
CA ALA A 5 -11.43 8.60 -11.04
C ALA A 5 -10.26 8.20 -10.14
N ALA A 6 -10.15 6.94 -9.85
CA ALA A 6 -9.02 6.44 -9.01
C ALA A 6 -7.72 6.66 -9.78
N PRO A 7 -6.59 6.29 -9.21
CA PRO A 7 -5.31 6.48 -9.92
C PRO A 7 -5.31 5.69 -11.23
N PRO A 8 -5.36 6.40 -12.34
CA PRO A 8 -5.38 5.72 -13.66
C PRO A 8 -4.09 4.91 -13.84
N GLY A 9 -3.02 5.30 -13.20
CA GLY A 9 -1.75 4.52 -13.32
C GLY A 9 -1.69 3.40 -12.26
N GLU A 10 -2.76 2.66 -12.10
CA GLU A 10 -2.76 1.55 -11.09
C GLU A 10 -1.77 0.45 -11.48
N ALA A 11 -1.44 0.35 -12.74
CA ALA A 11 -0.48 -0.72 -13.17
C ALA A 11 0.85 -0.57 -12.42
N TYR A 12 1.40 0.62 -12.41
CA TYR A 12 2.68 0.82 -11.66
C TYR A 12 2.43 0.62 -10.17
N LEU A 13 1.30 1.10 -9.72
CA LEU A 13 0.94 0.96 -8.28
C LEU A 13 0.85 -0.52 -7.90
N GLN A 14 0.14 -1.31 -8.67
CA GLN A 14 0.03 -2.76 -8.34
C GLN A 14 1.40 -3.42 -8.39
N VAL A 15 2.23 -3.05 -9.34
CA VAL A 15 3.58 -3.67 -9.44
C VAL A 15 4.36 -3.39 -8.15
N ALA A 16 4.41 -2.16 -7.71
CA ALA A 16 5.14 -1.86 -6.44
C ALA A 16 4.35 -2.41 -5.26
N PHE A 17 3.07 -2.19 -5.24
CA PHE A 17 2.22 -2.71 -4.12
C PHE A 17 2.31 -4.24 -4.06
N ASP A 18 2.73 -4.88 -5.12
CA ASP A 18 2.81 -6.38 -5.09
C ASP A 18 4.13 -6.85 -4.47
N ILE A 19 5.24 -6.34 -4.94
CA ILE A 19 6.54 -6.78 -4.36
C ILE A 19 6.60 -6.38 -2.90
N VAL A 20 6.16 -5.20 -2.60
CA VAL A 20 6.19 -4.72 -1.19
C VAL A 20 5.17 -5.48 -0.33
N CYS A 21 4.01 -5.75 -0.87
CA CYS A 21 2.97 -6.49 -0.09
C CYS A 21 3.49 -7.85 0.30
N ASP A 22 3.99 -8.58 -0.65
CA ASP A 22 4.54 -9.92 -0.32
C ASP A 22 5.77 -9.77 0.58
N ASN A 23 6.31 -8.57 0.70
CA ASN A 23 7.49 -8.33 1.57
C ASN A 23 7.01 -7.99 2.98
N VAL A 24 6.03 -7.13 3.07
CA VAL A 24 5.49 -6.72 4.40
C VAL A 24 4.11 -6.07 4.23
N GLY A 25 3.23 -6.78 3.57
CA GLY A 25 1.86 -6.25 3.28
C GLY A 25 1.22 -5.66 4.56
N ARG A 26 1.42 -6.31 5.69
CA ARG A 26 0.82 -5.80 6.97
C ARG A 26 1.23 -4.34 7.25
N ASP A 27 2.27 -3.87 6.62
CA ASP A 27 2.69 -2.45 6.85
C ASP A 27 1.67 -1.50 6.22
N TRP A 28 0.79 -2.01 5.39
CA TRP A 28 -0.25 -1.14 4.78
C TRP A 28 -1.43 -1.06 5.75
N LYS A 29 -1.64 -2.09 6.54
CA LYS A 29 -2.75 -2.07 7.54
C LYS A 29 -2.47 -0.95 8.55
N ARG A 30 -1.26 -0.89 9.06
CA ARG A 30 -0.93 0.21 10.03
C ARG A 30 -0.96 1.56 9.30
N LEU A 31 -0.49 1.60 8.07
CA LEU A 31 -0.52 2.87 7.29
C LEU A 31 -1.97 3.20 6.92
N ALA A 32 -2.78 2.17 6.76
CA ALA A 32 -4.22 2.41 6.40
C ALA A 32 -4.87 3.24 7.52
N ARG A 33 -4.62 2.86 8.75
CA ARG A 33 -5.19 3.64 9.88
C ARG A 33 -4.68 5.08 9.81
N GLU A 34 -3.43 5.25 9.46
CA GLU A 34 -2.86 6.63 9.32
C GLU A 34 -3.59 7.37 8.19
N LEU A 35 -3.87 6.66 7.12
CA LEU A 35 -4.58 7.28 5.98
C LEU A 35 -6.08 7.46 6.29
N LYS A 36 -6.53 6.99 7.43
CA LYS A 36 -7.97 7.14 7.82
C LYS A 36 -8.88 6.44 6.81
N VAL A 37 -8.58 5.21 6.49
CA VAL A 37 -9.42 4.45 5.51
C VAL A 37 -10.75 4.07 6.19
N SER A 38 -11.75 3.74 5.41
CA SER A 38 -13.08 3.37 6.02
C SER A 38 -12.92 2.30 7.10
N GLU A 39 -13.29 2.62 8.31
CA GLU A 39 -13.17 1.63 9.42
C GLU A 39 -14.02 0.41 9.10
N ALA A 40 -15.11 0.60 8.41
CA ALA A 40 -15.99 -0.56 8.05
C ALA A 40 -15.21 -1.60 7.24
N LYS A 41 -14.58 -1.18 6.17
CA LYS A 41 -13.79 -2.14 5.34
C LYS A 41 -12.64 -2.71 6.17
N MET A 42 -11.92 -1.86 6.86
CA MET A 42 -10.79 -2.34 7.71
C MET A 42 -11.31 -3.32 8.76
N ASP A 43 -12.43 -3.00 9.35
CA ASP A 43 -13.03 -3.91 10.38
C ASP A 43 -13.34 -5.28 9.78
N GLY A 44 -13.91 -5.31 8.60
CA GLY A 44 -14.25 -6.63 7.97
C GLY A 44 -13.03 -7.31 7.35
N ILE A 45 -12.14 -6.56 6.73
CA ILE A 45 -10.95 -7.21 6.10
C ILE A 45 -10.13 -7.95 7.18
N GLU A 46 -9.85 -7.30 8.27
CA GLU A 46 -9.07 -7.96 9.37
C GLU A 46 -9.87 -9.14 9.96
N GLU A 47 -11.11 -8.90 10.30
CA GLU A 47 -11.96 -9.98 10.90
C GLU A 47 -12.16 -11.15 9.93
N LYS A 48 -12.55 -10.86 8.71
CA LYS A 48 -12.78 -11.95 7.71
C LYS A 48 -11.47 -12.61 7.29
N TYR A 49 -10.43 -11.82 7.13
CA TYR A 49 -9.12 -12.38 6.70
C TYR A 49 -8.08 -12.14 7.79
N PRO A 50 -8.11 -12.96 8.82
CA PRO A 50 -7.17 -12.82 9.95
C PRO A 50 -5.75 -13.32 9.60
N ARG A 51 -5.55 -13.86 8.41
CA ARG A 51 -4.18 -14.35 8.08
C ARG A 51 -3.82 -14.18 6.59
N SER A 52 -4.63 -13.48 5.84
CA SER A 52 -4.30 -13.27 4.39
C SER A 52 -3.65 -11.92 4.19
N LEU A 53 -2.39 -11.92 3.86
CA LEU A 53 -1.66 -10.64 3.63
C LEU A 53 -2.34 -9.89 2.49
N SER A 54 -2.65 -10.61 1.44
CA SER A 54 -3.31 -10.00 0.25
C SER A 54 -4.73 -9.48 0.57
N GLU A 55 -5.54 -10.29 1.21
CA GLU A 55 -6.95 -9.87 1.51
C GLU A 55 -7.00 -8.66 2.45
N ARG A 56 -6.13 -8.62 3.42
CA ARG A 56 -6.16 -7.48 4.39
C ARG A 56 -5.72 -6.17 3.74
N VAL A 57 -4.54 -6.14 3.18
CA VAL A 57 -4.03 -4.88 2.54
C VAL A 57 -4.80 -4.47 1.27
N ARG A 58 -5.18 -5.41 0.44
CA ARG A 58 -5.86 -5.06 -0.86
C ARG A 58 -7.01 -4.05 -0.67
N GLU A 59 -7.99 -4.34 0.17
CA GLU A 59 -9.11 -3.37 0.34
C GLU A 59 -8.57 -2.05 0.90
N SER A 60 -7.71 -2.13 1.88
CA SER A 60 -7.11 -0.89 2.48
C SER A 60 -6.30 -0.12 1.42
N LEU A 61 -5.60 -0.83 0.59
CA LEU A 61 -4.77 -0.16 -0.47
C LEU A 61 -5.68 0.47 -1.52
N LYS A 62 -6.77 -0.17 -1.85
CA LYS A 62 -7.68 0.37 -2.90
C LYS A 62 -8.22 1.75 -2.48
N VAL A 63 -8.70 1.88 -1.27
CA VAL A 63 -9.23 3.21 -0.83
C VAL A 63 -8.11 4.26 -0.74
N TRP A 64 -6.97 3.91 -0.17
CA TRP A 64 -5.85 4.90 -0.05
C TRP A 64 -5.41 5.35 -1.46
N LYS A 65 -5.11 4.42 -2.33
CA LYS A 65 -4.63 4.82 -3.69
C LYS A 65 -5.69 5.66 -4.43
N ASN A 66 -6.96 5.35 -4.26
CA ASN A 66 -8.02 6.15 -4.96
C ASN A 66 -7.96 7.62 -4.52
N ALA A 67 -7.73 7.85 -3.25
CA ALA A 67 -7.65 9.27 -2.75
C ALA A 67 -6.37 9.93 -3.28
N GLU A 68 -5.28 9.22 -3.28
CA GLU A 68 -4.00 9.81 -3.78
C GLU A 68 -4.00 9.95 -5.30
N LYS A 69 -3.81 11.14 -5.80
CA LYS A 69 -3.75 11.33 -7.27
C LYS A 69 -2.29 11.17 -7.72
N LYS A 70 -1.50 12.20 -7.54
CA LYS A 70 -0.04 12.10 -7.92
C LYS A 70 0.68 11.15 -6.95
N ASN A 71 0.25 11.14 -5.72
CA ASN A 71 0.91 10.27 -4.68
C ASN A 71 0.54 8.80 -4.89
N ALA A 72 -0.36 8.48 -5.80
CA ALA A 72 -0.70 7.05 -6.04
C ALA A 72 0.52 6.32 -6.60
N SER A 73 1.53 7.04 -7.06
CA SER A 73 2.73 6.36 -7.61
C SER A 73 3.68 6.04 -6.48
N VAL A 74 4.70 5.28 -6.78
CA VAL A 74 5.67 4.89 -5.73
C VAL A 74 6.33 6.13 -5.12
N ALA A 75 6.76 7.08 -5.93
CA ALA A 75 7.40 8.32 -5.37
C ALA A 75 6.60 8.88 -4.19
N GLY A 76 5.31 8.73 -4.25
CA GLY A 76 4.47 9.20 -3.12
C GLY A 76 4.69 8.30 -1.92
N LEU A 77 4.25 7.07 -2.00
CA LEU A 77 4.42 6.13 -0.86
C LEU A 77 5.91 5.92 -0.49
N VAL A 78 6.79 5.72 -1.44
CA VAL A 78 8.23 5.46 -1.09
C VAL A 78 8.79 6.62 -0.30
N LYS A 79 8.45 7.82 -0.68
CA LYS A 79 8.95 9.01 0.07
C LYS A 79 8.48 8.93 1.52
N ALA A 80 7.19 8.77 1.71
CA ALA A 80 6.64 8.69 3.10
C ALA A 80 7.07 7.42 3.83
N LEU A 81 6.87 6.27 3.24
CA LEU A 81 7.23 4.98 3.96
C LEU A 81 8.72 4.91 4.35
N ARG A 82 9.64 5.21 3.46
CA ARG A 82 11.08 5.11 3.84
C ARG A 82 11.50 6.20 4.83
N THR A 83 11.02 7.40 4.66
CA THR A 83 11.41 8.50 5.60
C THR A 83 11.00 8.16 7.02
N CYS A 84 9.84 7.59 7.18
CA CYS A 84 9.35 7.25 8.54
C CYS A 84 10.03 6.00 9.09
N ARG A 85 9.97 4.89 8.37
CA ARG A 85 10.62 3.63 8.89
C ARG A 85 10.53 2.44 7.92
N LEU A 86 9.67 2.50 6.93
CA LEU A 86 9.50 1.33 6.00
C LEU A 86 10.60 1.26 4.92
N ASN A 87 11.84 1.38 5.32
CA ASN A 87 12.97 1.29 4.33
C ASN A 87 12.90 -0.03 3.56
N LEU A 88 12.35 -1.05 4.17
CA LEU A 88 12.27 -2.40 3.50
C LEU A 88 11.57 -2.31 2.15
N VAL A 89 10.33 -1.89 2.13
CA VAL A 89 9.59 -1.80 0.84
C VAL A 89 10.24 -0.76 -0.08
N ALA A 90 10.79 0.29 0.49
CA ALA A 90 11.48 1.32 -0.35
C ALA A 90 12.63 0.68 -1.13
N ASP A 91 13.38 -0.17 -0.48
CA ASP A 91 14.50 -0.87 -1.17
C ASP A 91 13.97 -1.69 -2.34
N LEU A 92 12.82 -2.29 -2.18
CA LEU A 92 12.25 -3.14 -3.28
C LEU A 92 11.97 -2.30 -4.53
N VAL A 93 11.10 -1.32 -4.39
CA VAL A 93 10.76 -0.47 -5.57
C VAL A 93 12.01 0.28 -6.04
N GLU A 94 12.91 0.57 -5.13
CA GLU A 94 14.16 1.28 -5.53
C GLU A 94 14.97 0.42 -6.52
N GLU A 95 15.32 -0.77 -6.13
CA GLU A 95 16.11 -1.66 -7.03
C GLU A 95 15.30 -1.99 -8.29
N ALA A 96 14.00 -1.91 -8.22
CA ALA A 96 13.16 -2.19 -9.42
C ALA A 96 13.43 -1.14 -10.49
N GLN A 97 13.48 0.11 -10.11
CA GLN A 97 13.75 1.20 -11.09
C GLN A 97 15.26 1.31 -11.41
N GLU A 98 16.09 0.61 -10.66
CA GLU A 98 17.58 0.62 -10.87
C GLU A 98 18.19 1.99 -10.57
N SER A 99 17.75 3.02 -11.25
CA SER A 99 18.31 4.40 -11.02
C SER A 99 19.84 4.39 -11.12
N ALA A 5 -11.09 8.41 -11.97
CA ALA A 5 -11.26 8.86 -10.55
C ALA A 5 -10.13 8.31 -9.69
N ALA A 6 -10.08 7.02 -9.53
CA ALA A 6 -8.99 6.39 -8.73
C ALA A 6 -7.66 6.63 -9.43
N PRO A 7 -6.57 6.14 -8.87
CA PRO A 7 -5.26 6.36 -9.52
C PRO A 7 -5.26 5.78 -10.93
N PRO A 8 -5.23 6.65 -11.92
CA PRO A 8 -5.24 6.18 -13.34
C PRO A 8 -4.00 5.34 -13.61
N GLY A 9 -2.87 5.71 -13.06
CA GLY A 9 -1.63 4.90 -13.26
C GLY A 9 -1.56 3.77 -12.21
N GLU A 10 -2.61 3.03 -12.05
CA GLU A 10 -2.61 1.92 -11.05
C GLU A 10 -1.64 0.81 -11.46
N ALA A 11 -1.30 0.73 -12.73
CA ALA A 11 -0.36 -0.33 -13.17
C ALA A 11 0.98 -0.18 -12.45
N TYR A 12 1.51 1.03 -12.38
CA TYR A 12 2.79 1.22 -11.64
C TYR A 12 2.56 0.97 -10.16
N LEU A 13 1.45 1.44 -9.66
CA LEU A 13 1.11 1.24 -8.22
C LEU A 13 1.02 -0.25 -7.91
N GLN A 14 0.29 -1.00 -8.69
CA GLN A 14 0.18 -2.47 -8.42
C GLN A 14 1.55 -3.13 -8.49
N VAL A 15 2.37 -2.74 -9.43
CA VAL A 15 3.72 -3.36 -9.54
C VAL A 15 4.51 -3.14 -8.25
N ALA A 16 4.56 -1.92 -7.76
CA ALA A 16 5.30 -1.67 -6.49
C ALA A 16 4.52 -2.29 -5.34
N PHE A 17 3.23 -2.07 -5.30
CA PHE A 17 2.39 -2.67 -4.20
C PHE A 17 2.49 -4.19 -4.23
N ASP A 18 2.93 -4.79 -5.31
CA ASP A 18 3.01 -6.27 -5.37
C ASP A 18 4.31 -6.77 -4.74
N ILE A 19 5.43 -6.26 -5.19
CA ILE A 19 6.73 -6.74 -4.61
C ILE A 19 6.77 -6.42 -3.12
N VAL A 20 6.34 -5.26 -2.75
CA VAL A 20 6.35 -4.87 -1.32
C VAL A 20 5.31 -5.67 -0.51
N CYS A 21 4.16 -5.88 -1.07
CA CYS A 21 3.09 -6.64 -0.33
C CYS A 21 3.56 -8.04 -0.01
N ASP A 22 4.05 -8.74 -0.98
CA ASP A 22 4.54 -10.11 -0.71
C ASP A 22 5.77 -10.03 0.23
N ASN A 23 6.35 -8.86 0.37
CA ASN A 23 7.53 -8.70 1.28
C ASN A 23 7.08 -8.37 2.70
N VAL A 24 6.15 -7.45 2.83
CA VAL A 24 5.68 -7.07 4.19
C VAL A 24 4.30 -6.40 4.08
N GLY A 25 3.43 -6.98 3.31
CA GLY A 25 2.07 -6.42 3.07
C GLY A 25 1.45 -5.88 4.37
N ARG A 26 1.75 -6.50 5.49
CA ARG A 26 1.17 -6.04 6.80
C ARG A 26 1.54 -4.57 7.07
N ASP A 27 2.55 -4.07 6.42
CA ASP A 27 2.95 -2.65 6.64
C ASP A 27 1.87 -1.71 6.11
N TRP A 28 0.98 -2.22 5.27
CA TRP A 28 -0.13 -1.37 4.73
C TRP A 28 -1.27 -1.34 5.73
N LYS A 29 -1.44 -2.41 6.49
CA LYS A 29 -2.54 -2.42 7.51
C LYS A 29 -2.26 -1.35 8.56
N ARG A 30 -1.05 -1.29 9.07
CA ARG A 30 -0.74 -0.24 10.07
C ARG A 30 -0.80 1.14 9.40
N LEU A 31 -0.37 1.24 8.17
CA LEU A 31 -0.45 2.54 7.44
C LEU A 31 -1.90 2.84 7.08
N ALA A 32 -2.70 1.81 6.90
CA ALA A 32 -4.14 2.02 6.55
C ALA A 32 -4.81 2.82 7.68
N ARG A 33 -4.60 2.41 8.90
CA ARG A 33 -5.19 3.16 10.06
C ARG A 33 -4.65 4.60 10.04
N GLU A 34 -3.37 4.73 9.75
CA GLU A 34 -2.76 6.09 9.66
C GLU A 34 -3.40 6.87 8.51
N LEU A 35 -3.67 6.19 7.42
CA LEU A 35 -4.32 6.86 6.24
C LEU A 35 -5.81 7.10 6.53
N LYS A 36 -6.32 6.64 7.66
CA LYS A 36 -7.76 6.86 8.00
C LYS A 36 -8.66 6.24 6.94
N VAL A 37 -8.43 4.99 6.63
CA VAL A 37 -9.29 4.29 5.61
C VAL A 37 -10.68 4.04 6.22
N SER A 38 -11.68 3.91 5.38
CA SER A 38 -13.07 3.68 5.91
C SER A 38 -13.10 2.49 6.88
N GLU A 39 -13.54 2.72 8.09
CA GLU A 39 -13.61 1.61 9.09
C GLU A 39 -14.54 0.50 8.58
N ALA A 40 -15.48 0.83 7.72
CA ALA A 40 -16.41 -0.21 7.19
C ALA A 40 -15.60 -1.31 6.48
N LYS A 41 -14.86 -0.95 5.47
CA LYS A 41 -14.03 -1.96 4.74
C LYS A 41 -12.99 -2.55 5.69
N MET A 42 -12.42 -1.71 6.53
CA MET A 42 -11.40 -2.19 7.51
C MET A 42 -12.05 -3.25 8.42
N ASP A 43 -13.29 -3.04 8.79
CA ASP A 43 -13.98 -4.03 9.67
C ASP A 43 -14.11 -5.39 8.96
N GLY A 44 -14.40 -5.39 7.67
CA GLY A 44 -14.55 -6.68 6.93
C GLY A 44 -13.19 -7.34 6.67
N ILE A 45 -12.23 -6.61 6.19
CA ILE A 45 -10.88 -7.22 5.91
C ILE A 45 -10.29 -7.79 7.20
N GLU A 46 -10.40 -7.08 8.29
CA GLU A 46 -9.83 -7.59 9.58
C GLU A 46 -10.52 -8.88 10.05
N GLU A 47 -11.82 -8.88 10.16
CA GLU A 47 -12.54 -10.11 10.65
C GLU A 47 -12.51 -11.28 9.66
N LYS A 48 -12.70 -11.02 8.40
CA LYS A 48 -12.70 -12.15 7.41
C LYS A 48 -11.31 -12.66 7.07
N TYR A 49 -10.27 -11.96 7.46
CA TYR A 49 -8.89 -12.43 7.12
C TYR A 49 -7.97 -12.45 8.36
N PRO A 50 -7.95 -13.57 9.04
CA PRO A 50 -7.08 -13.68 10.23
C PRO A 50 -5.61 -13.82 9.82
N ARG A 51 -5.34 -14.46 8.72
CA ARG A 51 -3.92 -14.62 8.28
C ARG A 51 -3.79 -14.71 6.75
N SER A 52 -3.91 -13.60 6.06
CA SER A 52 -3.77 -13.61 4.57
C SER A 52 -3.29 -12.24 4.11
N LEU A 53 -2.03 -12.17 3.76
CA LEU A 53 -1.44 -10.87 3.30
C LEU A 53 -2.15 -10.36 2.04
N SER A 54 -2.46 -11.24 1.14
CA SER A 54 -3.13 -10.82 -0.14
C SER A 54 -4.47 -10.10 0.09
N GLU A 55 -5.49 -10.82 0.51
CA GLU A 55 -6.84 -10.18 0.73
C GLU A 55 -6.82 -9.10 1.80
N ARG A 56 -5.89 -9.14 2.72
CA ARG A 56 -5.90 -8.10 3.80
C ARG A 56 -5.48 -6.72 3.27
N VAL A 57 -4.28 -6.61 2.79
CA VAL A 57 -3.79 -5.28 2.29
C VAL A 57 -4.51 -4.83 1.01
N ARG A 58 -4.92 -5.74 0.18
CA ARG A 58 -5.59 -5.34 -1.11
C ARG A 58 -6.72 -4.34 -0.87
N GLU A 59 -7.63 -4.62 0.02
CA GLU A 59 -8.75 -3.66 0.28
C GLU A 59 -8.21 -2.36 0.90
N SER A 60 -7.34 -2.49 1.86
CA SER A 60 -6.75 -1.28 2.52
C SER A 60 -5.97 -0.45 1.50
N LEU A 61 -5.25 -1.10 0.62
CA LEU A 61 -4.46 -0.35 -0.41
C LEU A 61 -5.38 0.32 -1.41
N LYS A 62 -6.48 -0.32 -1.76
CA LYS A 62 -7.43 0.29 -2.75
C LYS A 62 -7.96 1.63 -2.25
N VAL A 63 -8.44 1.68 -1.04
CA VAL A 63 -8.98 2.98 -0.52
C VAL A 63 -7.87 4.03 -0.40
N TRP A 64 -6.70 3.65 0.08
CA TRP A 64 -5.59 4.64 0.20
C TRP A 64 -5.19 5.15 -1.21
N LYS A 65 -4.91 4.26 -2.13
CA LYS A 65 -4.50 4.72 -3.49
C LYS A 65 -5.60 5.57 -4.13
N ASN A 66 -6.85 5.25 -3.89
CA ASN A 66 -7.96 6.06 -4.49
C ASN A 66 -7.91 7.50 -3.99
N ALA A 67 -7.63 7.68 -2.72
CA ALA A 67 -7.59 9.06 -2.15
C ALA A 67 -6.39 9.83 -2.72
N GLU A 68 -5.21 9.27 -2.63
CA GLU A 68 -4.00 9.97 -3.16
C GLU A 68 -3.99 9.95 -4.70
N LYS A 69 -3.99 11.10 -5.31
CA LYS A 69 -3.95 11.17 -6.81
C LYS A 69 -2.48 11.14 -7.25
N LYS A 70 -1.78 12.23 -7.07
CA LYS A 70 -0.33 12.26 -7.44
C LYS A 70 0.45 11.36 -6.49
N ASN A 71 0.01 11.30 -5.25
CA ASN A 71 0.71 10.46 -4.24
C ASN A 71 0.44 8.97 -4.47
N ALA A 72 -0.42 8.63 -5.42
CA ALA A 72 -0.69 7.19 -5.69
C ALA A 72 0.55 6.54 -6.29
N SER A 73 1.52 7.32 -6.74
CA SER A 73 2.73 6.72 -7.32
C SER A 73 3.72 6.36 -6.23
N VAL A 74 4.73 5.61 -6.58
CA VAL A 74 5.73 5.20 -5.56
C VAL A 74 6.41 6.42 -4.94
N ALA A 75 6.82 7.38 -5.74
CA ALA A 75 7.48 8.61 -5.18
C ALA A 75 6.68 9.17 -4.02
N GLY A 76 5.38 9.04 -4.07
CA GLY A 76 4.54 9.53 -2.94
C GLY A 76 4.79 8.62 -1.74
N LEU A 77 4.39 7.38 -1.85
CA LEU A 77 4.58 6.45 -0.70
C LEU A 77 6.07 6.30 -0.35
N VAL A 78 6.94 5.95 -1.29
CA VAL A 78 8.38 5.75 -0.92
C VAL A 78 8.94 6.96 -0.16
N LYS A 79 8.51 8.13 -0.52
CA LYS A 79 8.98 9.34 0.22
C LYS A 79 8.59 9.23 1.70
N ALA A 80 7.31 9.13 1.97
CA ALA A 80 6.86 9.01 3.40
C ALA A 80 7.29 7.65 3.98
N LEU A 81 7.07 6.64 3.21
CA LEU A 81 7.37 5.22 3.60
C LEU A 81 8.80 5.02 4.11
N ARG A 82 9.78 5.28 3.30
CA ARG A 82 11.19 5.07 3.71
C ARG A 82 11.61 6.10 4.76
N THR A 83 11.19 7.31 4.60
CA THR A 83 11.57 8.37 5.58
C THR A 83 11.05 8.01 6.98
N CYS A 84 9.87 7.48 7.05
CA CYS A 84 9.29 7.13 8.38
C CYS A 84 9.95 5.87 8.95
N ARG A 85 9.95 4.78 8.21
CA ARG A 85 10.58 3.50 8.75
C ARG A 85 10.53 2.34 7.75
N LEU A 86 9.63 2.39 6.81
CA LEU A 86 9.47 1.24 5.85
C LEU A 86 10.54 1.24 4.74
N ASN A 87 11.78 1.28 5.11
CA ASN A 87 12.88 1.27 4.10
C ASN A 87 12.83 0.00 3.24
N LEU A 88 12.45 -1.11 3.82
CA LEU A 88 12.41 -2.41 3.07
C LEU A 88 11.63 -2.29 1.76
N VAL A 89 10.35 -1.99 1.86
CA VAL A 89 9.51 -1.87 0.64
C VAL A 89 10.04 -0.76 -0.26
N ALA A 90 10.56 0.29 0.32
CA ALA A 90 11.11 1.40 -0.51
C ALA A 90 12.26 0.88 -1.39
N ASP A 91 13.11 0.07 -0.83
CA ASP A 91 14.25 -0.50 -1.60
C ASP A 91 13.76 -1.36 -2.79
N LEU A 92 12.75 -2.15 -2.59
CA LEU A 92 12.26 -3.04 -3.70
C LEU A 92 11.75 -2.19 -4.87
N VAL A 93 10.87 -1.25 -4.60
CA VAL A 93 10.35 -0.39 -5.71
C VAL A 93 11.50 0.41 -6.32
N GLU A 94 12.39 0.90 -5.48
CA GLU A 94 13.57 1.66 -6.01
C GLU A 94 14.42 0.73 -6.89
N GLU A 95 14.83 -0.38 -6.34
CA GLU A 95 15.65 -1.35 -7.11
C GLU A 95 14.87 -1.83 -8.34
N ALA A 96 13.59 -2.00 -8.20
CA ALA A 96 12.76 -2.46 -9.35
C ALA A 96 12.81 -1.41 -10.47
N GLN A 97 12.77 -0.14 -10.10
CA GLN A 97 12.83 0.93 -11.13
C GLN A 97 14.22 1.00 -11.79
N GLU A 98 15.23 0.50 -11.12
CA GLU A 98 16.62 0.51 -11.69
C GLU A 98 17.02 1.93 -12.13
N SER A 99 16.66 2.93 -11.37
CA SER A 99 17.02 4.34 -11.74
C SER A 99 16.63 4.65 -13.19
N ALA A 5 -11.77 8.10 -11.74
CA ALA A 5 -11.84 8.63 -10.34
C ALA A 5 -10.60 8.21 -9.56
N ALA A 6 -10.46 6.94 -9.31
CA ALA A 6 -9.25 6.45 -8.57
C ALA A 6 -8.03 6.70 -9.45
N PRO A 7 -6.85 6.31 -8.99
CA PRO A 7 -5.63 6.54 -9.80
C PRO A 7 -5.74 5.77 -11.12
N PRO A 8 -5.91 6.50 -12.21
CA PRO A 8 -6.04 5.84 -13.53
C PRO A 8 -4.78 5.04 -13.86
N GLY A 9 -3.62 5.55 -13.51
CA GLY A 9 -2.36 4.80 -13.78
C GLY A 9 -2.07 3.81 -12.64
N GLU A 10 -3.03 3.01 -12.27
CA GLU A 10 -2.80 2.01 -11.17
C GLU A 10 -1.83 0.92 -11.60
N ALA A 11 -1.47 0.86 -12.86
CA ALA A 11 -0.52 -0.22 -13.29
C ALA A 11 0.77 -0.12 -12.51
N TYR A 12 1.31 1.06 -12.36
CA TYR A 12 2.56 1.21 -11.56
C TYR A 12 2.25 0.87 -10.11
N LEU A 13 1.13 1.35 -9.62
CA LEU A 13 0.73 1.07 -8.21
C LEU A 13 0.57 -0.41 -7.97
N GLN A 14 -0.16 -1.10 -8.82
CA GLN A 14 -0.37 -2.55 -8.58
C GLN A 14 0.97 -3.30 -8.64
N VAL A 15 1.84 -2.94 -9.55
CA VAL A 15 3.16 -3.64 -9.63
C VAL A 15 3.94 -3.37 -8.34
N ALA A 16 4.01 -2.13 -7.91
CA ALA A 16 4.74 -1.82 -6.65
C ALA A 16 3.97 -2.42 -5.48
N PHE A 17 2.68 -2.13 -5.40
CA PHE A 17 1.84 -2.69 -4.29
C PHE A 17 1.95 -4.22 -4.25
N ASP A 18 2.37 -4.85 -5.31
CA ASP A 18 2.47 -6.35 -5.28
C ASP A 18 3.79 -6.81 -4.67
N ILE A 19 4.90 -6.31 -5.15
CA ILE A 19 6.21 -6.75 -4.58
C ILE A 19 6.29 -6.32 -3.12
N VAL A 20 5.86 -5.13 -2.84
CA VAL A 20 5.91 -4.62 -1.45
C VAL A 20 4.93 -5.38 -0.55
N CYS A 21 3.75 -5.68 -1.05
CA CYS A 21 2.74 -6.42 -0.24
C CYS A 21 3.29 -7.77 0.18
N ASP A 22 3.82 -8.50 -0.75
CA ASP A 22 4.40 -9.83 -0.40
C ASP A 22 5.64 -9.62 0.48
N ASN A 23 6.14 -8.41 0.56
CA ASN A 23 7.34 -8.13 1.40
C ASN A 23 6.93 -7.76 2.82
N VAL A 24 5.89 -7.00 2.96
CA VAL A 24 5.43 -6.57 4.32
C VAL A 24 4.00 -6.01 4.26
N GLY A 25 3.16 -6.66 3.50
CA GLY A 25 1.75 -6.20 3.27
C GLY A 25 1.10 -5.61 4.55
N ARG A 26 1.16 -6.33 5.66
CA ARG A 26 0.50 -5.84 6.93
C ARG A 26 0.94 -4.41 7.29
N ASP A 27 2.04 -3.95 6.77
CA ASP A 27 2.47 -2.57 7.10
C ASP A 27 1.51 -1.56 6.43
N TRP A 28 0.75 -2.00 5.44
CA TRP A 28 -0.24 -1.08 4.81
C TRP A 28 -1.36 -0.82 5.81
N LYS A 29 -1.68 -1.81 6.63
CA LYS A 29 -2.73 -1.60 7.68
C LYS A 29 -2.24 -0.52 8.63
N ARG A 30 -0.96 -0.55 8.95
CA ARG A 30 -0.38 0.50 9.85
C ARG A 30 -0.58 1.87 9.21
N LEU A 31 -0.19 2.01 7.97
CA LEU A 31 -0.38 3.32 7.26
C LEU A 31 -1.87 3.54 6.98
N ALA A 32 -2.62 2.48 6.82
CA ALA A 32 -4.09 2.60 6.57
C ALA A 32 -4.74 3.33 7.74
N ARG A 33 -4.41 2.92 8.95
CA ARG A 33 -4.96 3.61 10.16
C ARG A 33 -4.52 5.07 10.12
N GLU A 34 -3.30 5.30 9.73
CA GLU A 34 -2.78 6.70 9.62
C GLU A 34 -3.56 7.44 8.52
N LEU A 35 -3.85 6.74 7.45
CA LEU A 35 -4.63 7.37 6.34
C LEU A 35 -6.12 7.49 6.72
N LYS A 36 -6.50 6.99 7.88
CA LYS A 36 -7.92 7.08 8.33
C LYS A 36 -8.87 6.40 7.34
N VAL A 37 -8.59 5.18 7.01
CA VAL A 37 -9.48 4.43 6.06
C VAL A 37 -10.81 4.08 6.75
N SER A 38 -11.83 3.80 5.97
CA SER A 38 -13.17 3.48 6.57
C SER A 38 -13.07 2.34 7.58
N GLU A 39 -13.57 2.56 8.77
CA GLU A 39 -13.55 1.50 9.82
C GLU A 39 -14.33 0.28 9.33
N ALA A 40 -15.37 0.50 8.57
CA ALA A 40 -16.20 -0.65 8.07
C ALA A 40 -15.33 -1.65 7.28
N LYS A 41 -14.72 -1.20 6.21
CA LYS A 41 -13.86 -2.11 5.39
C LYS A 41 -12.68 -2.64 6.19
N MET A 42 -11.99 -1.77 6.90
CA MET A 42 -10.81 -2.21 7.69
C MET A 42 -11.24 -3.26 8.72
N ASP A 43 -12.31 -3.00 9.42
CA ASP A 43 -12.81 -3.98 10.44
C ASP A 43 -13.17 -5.32 9.77
N GLY A 44 -13.77 -5.27 8.61
CA GLY A 44 -14.15 -6.54 7.91
C GLY A 44 -12.93 -7.26 7.32
N ILE A 45 -12.02 -6.55 6.70
CA ILE A 45 -10.83 -7.24 6.10
C ILE A 45 -10.03 -7.95 7.21
N GLU A 46 -9.77 -7.27 8.29
CA GLU A 46 -8.98 -7.90 9.40
C GLU A 46 -9.71 -9.13 9.95
N GLU A 47 -10.97 -9.01 10.25
CA GLU A 47 -11.72 -10.19 10.81
C GLU A 47 -11.82 -11.31 9.77
N LYS A 48 -12.20 -10.99 8.57
CA LYS A 48 -12.32 -12.03 7.49
C LYS A 48 -10.95 -12.54 7.07
N TYR A 49 -9.93 -11.74 7.16
CA TYR A 49 -8.58 -12.18 6.71
C TYR A 49 -7.53 -12.00 7.82
N PRO A 50 -7.53 -12.90 8.78
CA PRO A 50 -6.55 -12.81 9.88
C PRO A 50 -5.18 -13.33 9.44
N ARG A 51 -5.11 -14.03 8.33
CA ARG A 51 -3.79 -14.58 7.88
C ARG A 51 -3.53 -14.30 6.38
N SER A 52 -4.48 -13.77 5.66
CA SER A 52 -4.24 -13.48 4.21
C SER A 52 -3.64 -12.09 4.04
N LEU A 53 -2.39 -12.04 3.71
CA LEU A 53 -1.70 -10.74 3.52
C LEU A 53 -2.37 -9.98 2.37
N SER A 54 -2.64 -10.69 1.31
CA SER A 54 -3.30 -10.07 0.11
C SER A 54 -4.71 -9.55 0.39
N GLU A 55 -5.53 -10.34 1.03
CA GLU A 55 -6.95 -9.91 1.29
C GLU A 55 -7.02 -8.73 2.26
N ARG A 56 -6.17 -8.74 3.24
CA ARG A 56 -6.20 -7.66 4.27
C ARG A 56 -5.73 -6.30 3.71
N VAL A 57 -4.56 -6.25 3.18
CA VAL A 57 -4.00 -4.96 2.64
C VAL A 57 -4.75 -4.43 1.42
N ARG A 58 -5.18 -5.27 0.50
CA ARG A 58 -5.86 -4.75 -0.73
C ARG A 58 -7.02 -3.80 -0.39
N GLU A 59 -7.84 -4.15 0.57
CA GLU A 59 -8.98 -3.24 0.92
C GLU A 59 -8.44 -1.90 1.44
N SER A 60 -7.52 -1.95 2.37
CA SER A 60 -6.92 -0.69 2.92
C SER A 60 -6.11 0.00 1.84
N LEU A 61 -5.48 -0.75 0.98
CA LEU A 61 -4.66 -0.14 -0.11
C LEU A 61 -5.56 0.56 -1.13
N LYS A 62 -6.66 -0.05 -1.49
CA LYS A 62 -7.58 0.58 -2.48
C LYS A 62 -8.09 1.94 -1.98
N VAL A 63 -8.58 2.02 -0.77
CA VAL A 63 -9.08 3.33 -0.26
C VAL A 63 -7.96 4.38 -0.28
N TRP A 64 -6.79 4.03 0.21
CA TRP A 64 -5.66 5.02 0.18
C TRP A 64 -5.26 5.24 -1.29
N LYS A 65 -5.21 4.18 -2.06
CA LYS A 65 -4.85 4.28 -3.50
C LYS A 65 -5.84 5.20 -4.24
N ASN A 66 -7.11 5.01 -4.01
CA ASN A 66 -8.14 5.87 -4.69
C ASN A 66 -7.99 7.34 -4.28
N ALA A 67 -7.71 7.60 -3.03
CA ALA A 67 -7.58 9.01 -2.57
C ALA A 67 -6.38 9.69 -3.23
N GLU A 68 -5.29 8.98 -3.37
CA GLU A 68 -4.08 9.58 -4.01
C GLU A 68 -4.33 9.84 -5.50
N LYS A 69 -3.85 10.94 -6.01
CA LYS A 69 -4.02 11.24 -7.48
C LYS A 69 -2.65 11.06 -8.15
N LYS A 70 -1.91 12.12 -8.39
CA LYS A 70 -0.55 11.96 -9.00
C LYS A 70 0.38 11.31 -7.96
N ASN A 71 0.11 11.56 -6.70
CA ASN A 71 0.95 10.97 -5.62
C ASN A 71 0.63 9.49 -5.44
N ALA A 72 -0.35 8.97 -6.15
CA ALA A 72 -0.67 7.52 -6.03
C ALA A 72 0.45 6.69 -6.67
N SER A 73 1.41 7.33 -7.33
CA SER A 73 2.49 6.52 -7.95
C SER A 73 3.47 6.04 -6.89
N VAL A 74 4.38 5.19 -7.28
CA VAL A 74 5.34 4.63 -6.30
C VAL A 74 6.17 5.75 -5.66
N ALA A 75 6.66 6.69 -6.43
CA ALA A 75 7.46 7.82 -5.86
C ALA A 75 6.75 8.41 -4.65
N GLY A 76 5.44 8.39 -4.66
CA GLY A 76 4.69 8.91 -3.50
C GLY A 76 4.85 7.96 -2.33
N LEU A 77 4.29 6.77 -2.44
CA LEU A 77 4.40 5.80 -1.32
C LEU A 77 5.86 5.45 -0.98
N VAL A 78 6.71 5.21 -1.96
CA VAL A 78 8.13 4.81 -1.63
C VAL A 78 8.80 5.91 -0.81
N LYS A 79 8.59 7.13 -1.19
CA LYS A 79 9.20 8.26 -0.43
C LYS A 79 8.67 8.25 1.01
N ALA A 80 7.37 8.20 1.15
CA ALA A 80 6.75 8.22 2.52
C ALA A 80 7.09 6.95 3.33
N LEU A 81 6.85 5.79 2.79
CA LEU A 81 7.11 4.54 3.58
C LEU A 81 8.56 4.41 4.05
N ARG A 82 9.53 4.66 3.21
CA ARG A 82 10.95 4.50 3.66
C ARG A 82 11.36 5.59 4.64
N THR A 83 10.86 6.79 4.48
CA THR A 83 11.23 7.89 5.42
C THR A 83 10.79 7.56 6.83
N CYS A 84 9.62 6.99 6.98
CA CYS A 84 9.11 6.67 8.33
C CYS A 84 9.77 5.40 8.88
N ARG A 85 9.68 4.29 8.18
CA ARG A 85 10.31 3.01 8.70
C ARG A 85 10.18 1.82 7.74
N LEU A 86 9.44 1.93 6.67
CA LEU A 86 9.26 0.76 5.75
C LEU A 86 10.43 0.62 4.78
N ASN A 87 11.62 0.48 5.29
CA ASN A 87 12.82 0.32 4.43
C ASN A 87 12.68 -0.93 3.54
N LEU A 88 12.04 -1.95 4.04
CA LEU A 88 11.89 -3.23 3.26
C LEU A 88 11.26 -2.99 1.88
N VAL A 89 10.07 -2.47 1.86
CA VAL A 89 9.39 -2.22 0.56
C VAL A 89 10.16 -1.17 -0.23
N ALA A 90 10.80 -0.25 0.45
CA ALA A 90 11.62 0.78 -0.25
C ALA A 90 12.72 0.11 -1.07
N ASP A 91 13.35 -0.88 -0.48
CA ASP A 91 14.43 -1.62 -1.18
C ASP A 91 13.88 -2.27 -2.46
N LEU A 92 12.69 -2.80 -2.38
CA LEU A 92 12.11 -3.48 -3.60
C LEU A 92 11.94 -2.47 -4.75
N VAL A 93 11.22 -1.42 -4.51
CA VAL A 93 11.02 -0.40 -5.58
C VAL A 93 12.37 0.22 -5.97
N GLU A 94 13.27 0.34 -5.04
CA GLU A 94 14.62 0.92 -5.34
C GLU A 94 15.38 0.03 -6.35
N GLU A 95 15.62 -1.21 -6.00
CA GLU A 95 16.38 -2.11 -6.92
C GLU A 95 15.64 -2.30 -8.23
N ALA A 96 14.33 -2.31 -8.18
CA ALA A 96 13.53 -2.48 -9.44
C ALA A 96 13.75 -1.26 -10.33
N GLN A 97 13.92 -0.10 -9.73
CA GLN A 97 14.14 1.14 -10.52
C GLN A 97 15.53 1.13 -11.17
N GLU A 98 16.48 0.43 -10.58
CA GLU A 98 17.87 0.38 -11.14
C GLU A 98 18.43 1.79 -11.33
N SER A 99 18.22 2.66 -10.38
CA SER A 99 18.73 4.07 -10.49
C SER A 99 18.27 4.72 -11.80
N ALA A 5 -11.48 7.83 -12.44
CA ALA A 5 -11.69 8.34 -11.05
C ALA A 5 -10.51 7.94 -10.17
N ALA A 6 -10.34 6.66 -9.95
CA ALA A 6 -9.20 6.19 -9.11
C ALA A 6 -7.89 6.51 -9.86
N PRO A 7 -6.76 6.15 -9.29
CA PRO A 7 -5.48 6.42 -9.97
C PRO A 7 -5.44 5.73 -11.33
N PRO A 8 -5.47 6.50 -12.40
CA PRO A 8 -5.45 5.92 -13.76
C PRO A 8 -4.16 5.12 -13.95
N GLY A 9 -3.08 5.52 -13.33
CA GLY A 9 -1.81 4.76 -13.44
C GLY A 9 -1.69 3.71 -12.32
N GLU A 10 -2.80 3.20 -11.84
CA GLU A 10 -2.74 2.19 -10.73
C GLU A 10 -1.97 0.96 -11.17
N ALA A 11 -1.88 0.70 -12.45
CA ALA A 11 -1.13 -0.51 -12.92
C ALA A 11 0.32 -0.46 -12.45
N TYR A 12 0.95 0.69 -12.55
CA TYR A 12 2.35 0.78 -12.05
C TYR A 12 2.34 0.68 -10.53
N LEU A 13 1.43 1.38 -9.90
CA LEU A 13 1.33 1.36 -8.41
C LEU A 13 1.02 -0.05 -7.91
N GLN A 14 0.13 -0.77 -8.55
CA GLN A 14 -0.19 -2.14 -8.05
C GLN A 14 1.05 -3.04 -8.16
N VAL A 15 1.89 -2.81 -9.16
CA VAL A 15 3.14 -3.63 -9.27
C VAL A 15 3.98 -3.41 -8.01
N ALA A 16 4.20 -2.17 -7.63
CA ALA A 16 4.98 -1.91 -6.39
C ALA A 16 4.21 -2.45 -5.19
N PHE A 17 2.92 -2.16 -5.13
CA PHE A 17 2.08 -2.69 -4.01
C PHE A 17 2.12 -4.21 -3.99
N ASP A 18 2.49 -4.85 -5.06
CA ASP A 18 2.51 -6.35 -5.07
C ASP A 18 3.80 -6.89 -4.46
N ILE A 19 4.94 -6.45 -4.94
CA ILE A 19 6.23 -6.95 -4.39
C ILE A 19 6.33 -6.53 -2.93
N VAL A 20 5.98 -5.31 -2.65
CA VAL A 20 6.05 -4.82 -1.25
C VAL A 20 5.04 -5.56 -0.37
N CYS A 21 3.85 -5.82 -0.89
CA CYS A 21 2.81 -6.55 -0.09
C CYS A 21 3.33 -7.93 0.26
N ASP A 22 3.80 -8.65 -0.71
CA ASP A 22 4.34 -10.01 -0.40
C ASP A 22 5.59 -9.87 0.48
N ASN A 23 6.15 -8.68 0.58
CA ASN A 23 7.34 -8.47 1.44
C ASN A 23 6.91 -8.14 2.88
N VAL A 24 5.91 -7.32 3.02
CA VAL A 24 5.44 -6.95 4.39
C VAL A 24 4.05 -6.32 4.33
N GLY A 25 3.20 -6.88 3.51
CA GLY A 25 1.81 -6.36 3.27
C GLY A 25 1.17 -5.82 4.57
N ARG A 26 1.32 -6.51 5.67
CA ARG A 26 0.69 -6.04 6.96
C ARG A 26 1.15 -4.62 7.32
N ASP A 27 2.24 -4.17 6.76
CA ASP A 27 2.69 -2.78 7.08
C ASP A 27 1.70 -1.78 6.49
N TRP A 28 0.93 -2.18 5.50
CA TRP A 28 -0.08 -1.26 4.91
C TRP A 28 -1.21 -1.08 5.91
N LYS A 29 -1.52 -2.09 6.69
CA LYS A 29 -2.59 -1.94 7.73
C LYS A 29 -2.15 -0.83 8.68
N ARG A 30 -0.89 -0.80 9.02
CA ARG A 30 -0.35 0.29 9.91
C ARG A 30 -0.57 1.64 9.21
N LEU A 31 -0.18 1.73 7.96
CA LEU A 31 -0.34 3.00 7.20
C LEU A 31 -1.82 3.27 6.91
N ALA A 32 -2.61 2.23 6.78
CA ALA A 32 -4.08 2.42 6.51
C ALA A 32 -4.67 3.27 7.63
N ARG A 33 -4.36 2.92 8.85
CA ARG A 33 -4.85 3.72 10.00
C ARG A 33 -4.30 5.15 9.89
N GLU A 34 -3.05 5.27 9.49
CA GLU A 34 -2.45 6.64 9.32
C GLU A 34 -3.18 7.38 8.19
N LEU A 35 -3.49 6.67 7.13
CA LEU A 35 -4.23 7.29 5.99
C LEU A 35 -5.71 7.51 6.35
N LYS A 36 -6.13 7.05 7.51
CA LYS A 36 -7.55 7.24 7.95
C LYS A 36 -8.49 6.56 6.94
N VAL A 37 -8.24 5.32 6.65
CA VAL A 37 -9.12 4.58 5.70
C VAL A 37 -10.46 4.28 6.37
N SER A 38 -11.49 4.02 5.59
CA SER A 38 -12.84 3.74 6.20
C SER A 38 -12.75 2.59 7.21
N GLU A 39 -13.16 2.86 8.43
CA GLU A 39 -13.12 1.79 9.48
C GLU A 39 -14.00 0.61 9.04
N ALA A 40 -15.07 0.89 8.33
CA ALA A 40 -15.96 -0.21 7.86
C ALA A 40 -15.18 -1.20 7.00
N LYS A 41 -14.49 -0.71 6.00
CA LYS A 41 -13.69 -1.60 5.13
C LYS A 41 -12.61 -2.29 5.94
N MET A 42 -11.98 -1.57 6.85
CA MET A 42 -10.92 -2.18 7.71
C MET A 42 -11.53 -3.33 8.52
N ASP A 43 -12.72 -3.14 9.03
CA ASP A 43 -13.41 -4.20 9.82
C ASP A 43 -13.60 -5.47 8.99
N GLY A 44 -13.95 -5.32 7.73
CA GLY A 44 -14.16 -6.52 6.86
C GLY A 44 -12.83 -7.21 6.59
N ILE A 45 -11.78 -6.46 6.40
CA ILE A 45 -10.44 -7.07 6.12
C ILE A 45 -10.04 -8.02 7.28
N GLU A 46 -9.93 -7.51 8.47
CA GLU A 46 -9.53 -8.38 9.62
C GLU A 46 -10.52 -9.53 9.82
N GLU A 47 -11.80 -9.24 9.83
CA GLU A 47 -12.82 -10.31 10.04
C GLU A 47 -12.87 -11.28 8.86
N LYS A 48 -13.03 -10.77 7.66
CA LYS A 48 -13.11 -11.66 6.46
C LYS A 48 -11.76 -12.31 6.16
N TYR A 49 -10.68 -11.57 6.30
CA TYR A 49 -9.34 -12.13 5.97
C TYR A 49 -8.41 -12.06 7.19
N PRO A 50 -8.50 -13.06 8.05
CA PRO A 50 -7.65 -13.09 9.26
C PRO A 50 -6.25 -13.63 8.95
N ARG A 51 -6.00 -14.16 7.77
CA ARG A 51 -4.65 -14.71 7.48
C ARG A 51 -4.17 -14.42 6.03
N SER A 52 -4.98 -13.77 5.22
CA SER A 52 -4.53 -13.50 3.81
C SER A 52 -3.91 -12.11 3.71
N LEU A 53 -2.63 -12.06 3.49
CA LEU A 53 -1.94 -10.74 3.36
C LEU A 53 -2.51 -10.00 2.15
N SER A 54 -2.73 -10.72 1.08
CA SER A 54 -3.28 -10.10 -0.17
C SER A 54 -4.68 -9.47 0.07
N GLU A 55 -5.59 -10.21 0.66
CA GLU A 55 -6.97 -9.68 0.89
C GLU A 55 -6.99 -8.57 1.94
N ARG A 56 -6.20 -8.71 2.96
CA ARG A 56 -6.21 -7.69 4.07
C ARG A 56 -5.76 -6.32 3.54
N VAL A 57 -4.58 -6.23 3.01
CA VAL A 57 -4.07 -4.93 2.50
C VAL A 57 -4.78 -4.44 1.23
N ARG A 58 -5.13 -5.32 0.32
CA ARG A 58 -5.78 -4.86 -0.96
C ARG A 58 -6.98 -3.92 -0.73
N GLU A 59 -7.92 -4.31 0.10
CA GLU A 59 -9.10 -3.40 0.33
C GLU A 59 -8.63 -2.08 0.95
N SER A 60 -7.85 -2.15 2.01
CA SER A 60 -7.34 -0.89 2.64
C SER A 60 -6.49 -0.11 1.63
N LEU A 61 -5.71 -0.81 0.84
CA LEU A 61 -4.86 -0.13 -0.18
C LEU A 61 -5.74 0.44 -1.29
N LYS A 62 -6.84 -0.22 -1.59
CA LYS A 62 -7.73 0.27 -2.68
C LYS A 62 -8.25 1.67 -2.35
N VAL A 63 -8.77 1.87 -1.17
CA VAL A 63 -9.27 3.23 -0.81
C VAL A 63 -8.13 4.25 -0.74
N TRP A 64 -7.00 3.88 -0.19
CA TRP A 64 -5.85 4.84 -0.12
C TRP A 64 -5.42 5.23 -1.55
N LYS A 65 -5.15 4.28 -2.41
CA LYS A 65 -4.71 4.62 -3.79
C LYS A 65 -5.78 5.45 -4.52
N ASN A 66 -7.05 5.16 -4.29
CA ASN A 66 -8.15 5.94 -4.98
C ASN A 66 -8.10 7.43 -4.59
N ALA A 67 -7.96 7.73 -3.33
CA ALA A 67 -7.95 9.15 -2.89
C ALA A 67 -6.72 9.86 -3.47
N GLU A 68 -5.58 9.21 -3.44
CA GLU A 68 -4.34 9.84 -3.99
C GLU A 68 -4.38 9.87 -5.52
N LYS A 69 -3.95 10.96 -6.11
CA LYS A 69 -3.90 11.07 -7.60
C LYS A 69 -2.43 11.06 -8.03
N LYS A 70 -1.78 12.20 -8.07
CA LYS A 70 -0.33 12.21 -8.43
C LYS A 70 0.44 11.43 -7.36
N ASN A 71 -0.01 11.52 -6.14
CA ASN A 71 0.65 10.78 -5.03
C ASN A 71 0.33 9.28 -5.11
N ALA A 72 -0.52 8.87 -6.05
CA ALA A 72 -0.84 7.42 -6.18
C ALA A 72 0.36 6.67 -6.73
N SER A 73 1.42 7.35 -7.12
CA SER A 73 2.59 6.63 -7.67
C SER A 73 3.51 6.16 -6.54
N VAL A 74 4.45 5.32 -6.87
CA VAL A 74 5.38 4.80 -5.84
C VAL A 74 6.13 5.95 -5.20
N ALA A 75 6.61 6.91 -5.97
CA ALA A 75 7.35 8.08 -5.39
C ALA A 75 6.61 8.62 -4.16
N GLY A 76 5.31 8.52 -4.19
CA GLY A 76 4.51 8.97 -3.02
C GLY A 76 4.75 8.00 -1.86
N LEU A 77 4.31 6.78 -1.99
CA LEU A 77 4.50 5.79 -0.88
C LEU A 77 5.98 5.51 -0.59
N VAL A 78 6.81 5.27 -1.60
CA VAL A 78 8.25 4.94 -1.31
C VAL A 78 8.91 6.05 -0.51
N LYS A 79 8.61 7.27 -0.83
CA LYS A 79 9.19 8.40 -0.05
C LYS A 79 8.70 8.33 1.40
N ALA A 80 7.42 8.25 1.60
CA ALA A 80 6.85 8.19 2.97
C ALA A 80 7.23 6.89 3.72
N LEU A 81 7.03 5.75 3.12
CA LEU A 81 7.32 4.46 3.84
C LEU A 81 8.80 4.35 4.27
N ARG A 82 9.74 4.67 3.42
CA ARG A 82 11.18 4.54 3.82
C ARG A 82 11.57 5.61 4.86
N THR A 83 11.08 6.80 4.71
CA THR A 83 11.45 7.90 5.66
C THR A 83 11.02 7.52 7.08
N CYS A 84 9.86 6.93 7.20
CA CYS A 84 9.38 6.56 8.56
C CYS A 84 10.06 5.29 9.07
N ARG A 85 10.00 4.19 8.34
CA ARG A 85 10.67 2.91 8.82
C ARG A 85 10.51 1.73 7.85
N LEU A 86 9.69 1.83 6.85
CA LEU A 86 9.47 0.67 5.93
C LEU A 86 10.61 0.53 4.90
N ASN A 87 11.81 0.36 5.38
CA ASN A 87 12.98 0.20 4.45
C ASN A 87 12.78 -1.02 3.54
N LEU A 88 12.15 -2.06 4.03
CA LEU A 88 11.97 -3.29 3.19
C LEU A 88 11.31 -2.97 1.85
N VAL A 89 10.10 -2.50 1.88
CA VAL A 89 9.39 -2.18 0.61
C VAL A 89 10.13 -1.07 -0.13
N ALA A 90 10.81 -0.22 0.58
CA ALA A 90 11.59 0.87 -0.09
C ALA A 90 12.63 0.24 -1.01
N ASP A 91 13.31 -0.78 -0.55
CA ASP A 91 14.32 -1.48 -1.41
C ASP A 91 13.62 -2.10 -2.63
N LEU A 92 12.45 -2.65 -2.44
CA LEU A 92 11.71 -3.29 -3.58
C LEU A 92 11.39 -2.27 -4.66
N VAL A 93 10.67 -1.24 -4.29
CA VAL A 93 10.31 -0.19 -5.29
C VAL A 93 11.59 0.48 -5.83
N GLU A 94 12.54 0.70 -4.97
CA GLU A 94 13.83 1.32 -5.41
C GLU A 94 14.53 0.42 -6.44
N GLU A 95 14.79 -0.80 -6.08
CA GLU A 95 15.49 -1.74 -7.00
C GLU A 95 14.69 -1.94 -8.29
N ALA A 96 13.40 -2.03 -8.17
CA ALA A 96 12.55 -2.22 -9.39
C ALA A 96 12.60 -0.98 -10.30
N GLN A 97 12.70 0.19 -9.73
CA GLN A 97 12.75 1.44 -10.56
C GLN A 97 14.09 1.58 -11.29
N GLU A 98 15.16 1.07 -10.72
CA GLU A 98 16.50 1.20 -11.39
C GLU A 98 16.79 2.66 -11.76
N SER A 99 16.44 3.59 -10.90
CA SER A 99 16.68 5.03 -11.19
C SER A 99 16.12 5.43 -12.56
N ALA A 5 -11.68 7.46 -11.71
CA ALA A 5 -11.80 8.19 -10.42
C ALA A 5 -10.52 8.02 -9.61
N ALA A 6 -10.21 6.81 -9.26
CA ALA A 6 -8.96 6.55 -8.49
C ALA A 6 -7.75 6.86 -9.36
N PRO A 7 -6.55 6.64 -8.87
CA PRO A 7 -5.36 6.94 -9.69
C PRO A 7 -5.37 6.03 -10.94
N PRO A 8 -5.56 6.64 -12.10
CA PRO A 8 -5.62 5.86 -13.36
C PRO A 8 -4.33 5.07 -13.58
N GLY A 9 -3.23 5.45 -12.95
CA GLY A 9 -1.96 4.66 -13.10
C GLY A 9 -1.89 3.55 -12.05
N GLU A 10 -2.96 2.83 -11.84
CA GLU A 10 -2.97 1.73 -10.83
C GLU A 10 -2.02 0.62 -11.21
N ALA A 11 -1.87 0.34 -12.48
CA ALA A 11 -0.95 -0.75 -12.90
C ALA A 11 0.46 -0.47 -12.40
N TYR A 12 0.89 0.77 -12.42
CA TYR A 12 2.27 1.09 -11.94
C TYR A 12 2.40 0.83 -10.43
N LEU A 13 1.61 1.51 -9.61
CA LEU A 13 1.71 1.27 -8.14
C LEU A 13 1.33 -0.17 -7.81
N GLN A 14 0.47 -0.81 -8.60
CA GLN A 14 0.12 -2.22 -8.28
C GLN A 14 1.37 -3.10 -8.42
N VAL A 15 2.19 -2.85 -9.41
CA VAL A 15 3.43 -3.66 -9.56
C VAL A 15 4.31 -3.44 -8.32
N ALA A 16 4.41 -2.21 -7.90
CA ALA A 16 5.21 -1.91 -6.67
C ALA A 16 4.49 -2.51 -5.47
N PHE A 17 3.20 -2.26 -5.36
CA PHE A 17 2.40 -2.82 -4.22
C PHE A 17 2.53 -4.36 -4.19
N ASP A 18 2.92 -4.98 -5.28
CA ASP A 18 3.03 -6.46 -5.29
C ASP A 18 4.35 -6.92 -4.69
N ILE A 19 5.46 -6.42 -5.18
CA ILE A 19 6.77 -6.86 -4.63
C ILE A 19 6.85 -6.50 -3.15
N VAL A 20 6.41 -5.32 -2.81
CA VAL A 20 6.46 -4.88 -1.40
C VAL A 20 5.46 -5.66 -0.54
N CYS A 21 4.29 -5.93 -1.06
CA CYS A 21 3.25 -6.67 -0.27
C CYS A 21 3.77 -8.05 0.12
N ASP A 22 4.28 -8.78 -0.81
CA ASP A 22 4.82 -10.12 -0.46
C ASP A 22 6.06 -9.95 0.42
N ASN A 23 6.61 -8.75 0.50
CA ASN A 23 7.79 -8.51 1.35
C ASN A 23 7.34 -8.14 2.77
N VAL A 24 6.35 -7.29 2.87
CA VAL A 24 5.86 -6.86 4.21
C VAL A 24 4.47 -6.22 4.08
N GLY A 25 3.63 -6.84 3.29
CA GLY A 25 2.26 -6.32 3.02
C GLY A 25 1.58 -5.81 4.31
N ARG A 26 1.89 -6.40 5.43
CA ARG A 26 1.27 -5.95 6.71
C ARG A 26 1.60 -4.47 6.99
N ASP A 27 2.62 -3.95 6.35
CA ASP A 27 2.99 -2.51 6.58
C ASP A 27 1.92 -1.59 5.98
N TRP A 28 1.06 -2.12 5.12
CA TRP A 28 -0.02 -1.27 4.53
C TRP A 28 -1.17 -1.21 5.51
N LYS A 29 -1.42 -2.29 6.20
CA LYS A 29 -2.52 -2.32 7.21
C LYS A 29 -2.24 -1.27 8.29
N ARG A 30 -1.03 -1.28 8.83
CA ARG A 30 -0.68 -0.27 9.87
C ARG A 30 -0.71 1.13 9.25
N LEU A 31 -0.29 1.25 8.01
CA LEU A 31 -0.33 2.58 7.33
C LEU A 31 -1.78 2.94 6.99
N ALA A 32 -2.62 1.94 6.79
CA ALA A 32 -4.05 2.23 6.47
C ALA A 32 -4.68 3.00 7.64
N ARG A 33 -4.47 2.51 8.84
CA ARG A 33 -5.02 3.22 10.03
C ARG A 33 -4.42 4.64 10.08
N GLU A 34 -3.15 4.75 9.76
CA GLU A 34 -2.50 6.09 9.74
C GLU A 34 -3.16 6.94 8.65
N LEU A 35 -3.53 6.31 7.55
CA LEU A 35 -4.22 7.06 6.45
C LEU A 35 -5.68 7.36 6.83
N LYS A 36 -6.14 6.85 7.96
CA LYS A 36 -7.54 7.10 8.43
C LYS A 36 -8.56 6.45 7.52
N VAL A 37 -8.36 5.19 7.20
CA VAL A 37 -9.34 4.47 6.33
C VAL A 37 -10.62 4.19 7.15
N SER A 38 -11.72 3.99 6.48
CA SER A 38 -13.01 3.72 7.21
C SER A 38 -12.86 2.52 8.14
N GLU A 39 -13.30 2.68 9.36
CA GLU A 39 -13.21 1.55 10.35
C GLU A 39 -14.00 0.35 9.82
N ALA A 40 -15.06 0.63 9.08
CA ALA A 40 -15.88 -0.48 8.51
C ALA A 40 -15.04 -1.38 7.60
N LYS A 41 -14.24 -0.80 6.73
CA LYS A 41 -13.40 -1.62 5.80
C LYS A 41 -12.46 -2.53 6.58
N MET A 42 -11.75 -2.00 7.54
CA MET A 42 -10.82 -2.84 8.34
C MET A 42 -11.60 -3.96 9.05
N ASP A 43 -12.78 -3.65 9.52
CA ASP A 43 -13.60 -4.68 10.22
C ASP A 43 -13.91 -5.86 9.29
N GLY A 44 -14.22 -5.60 8.04
CA GLY A 44 -14.53 -6.73 7.11
C GLY A 44 -13.25 -7.44 6.66
N ILE A 45 -12.23 -6.71 6.32
CA ILE A 45 -10.96 -7.36 5.86
C ILE A 45 -10.37 -8.23 6.99
N GLU A 46 -10.27 -7.69 8.18
CA GLU A 46 -9.70 -8.46 9.33
C GLU A 46 -10.53 -9.72 9.62
N GLU A 47 -11.84 -9.59 9.68
CA GLU A 47 -12.71 -10.78 9.99
C GLU A 47 -12.64 -11.83 8.89
N LYS A 48 -12.88 -11.45 7.68
CA LYS A 48 -12.85 -12.42 6.54
C LYS A 48 -11.43 -12.89 6.24
N TYR A 49 -10.47 -12.04 6.43
CA TYR A 49 -9.05 -12.41 6.13
C TYR A 49 -8.15 -12.18 7.35
N PRO A 50 -8.17 -13.11 8.28
CA PRO A 50 -7.35 -12.97 9.50
C PRO A 50 -5.88 -13.33 9.25
N ARG A 51 -5.55 -13.88 8.10
CA ARG A 51 -4.12 -14.26 7.85
C ARG A 51 -3.71 -14.09 6.39
N SER A 52 -4.51 -13.44 5.57
CA SER A 52 -4.12 -13.24 4.14
C SER A 52 -3.43 -11.90 3.97
N LEU A 53 -2.15 -11.94 3.69
CA LEU A 53 -1.39 -10.66 3.49
C LEU A 53 -2.01 -9.91 2.31
N SER A 54 -2.30 -10.63 1.26
CA SER A 54 -2.91 -10.01 0.04
C SER A 54 -4.33 -9.47 0.30
N GLU A 55 -5.19 -10.25 0.91
CA GLU A 55 -6.60 -9.79 1.13
C GLU A 55 -6.68 -8.60 2.09
N ARG A 56 -5.89 -8.61 3.12
CA ARG A 56 -5.96 -7.50 4.13
C ARG A 56 -5.43 -6.18 3.55
N VAL A 57 -4.27 -6.22 2.97
CA VAL A 57 -3.66 -4.97 2.41
C VAL A 57 -4.45 -4.42 1.21
N ARG A 58 -4.95 -5.27 0.35
CA ARG A 58 -5.68 -4.80 -0.88
C ARG A 58 -6.76 -3.76 -0.57
N GLU A 59 -7.71 -4.06 0.30
CA GLU A 59 -8.79 -3.06 0.59
C GLU A 59 -8.18 -1.80 1.19
N SER A 60 -7.36 -1.95 2.20
CA SER A 60 -6.71 -0.76 2.84
C SER A 60 -5.85 -0.03 1.81
N LEU A 61 -5.22 -0.78 0.95
CA LEU A 61 -4.37 -0.16 -0.11
C LEU A 61 -5.25 0.59 -1.13
N LYS A 62 -6.38 0.00 -1.49
CA LYS A 62 -7.28 0.66 -2.49
C LYS A 62 -7.77 2.02 -2.00
N VAL A 63 -8.29 2.09 -0.79
CA VAL A 63 -8.81 3.40 -0.27
C VAL A 63 -7.68 4.44 -0.23
N TRP A 64 -6.52 4.07 0.25
CA TRP A 64 -5.39 5.05 0.27
C TRP A 64 -4.99 5.39 -1.18
N LYS A 65 -4.87 4.38 -2.02
CA LYS A 65 -4.49 4.63 -3.44
C LYS A 65 -5.53 5.53 -4.12
N ASN A 66 -6.79 5.31 -3.87
CA ASN A 66 -7.84 6.16 -4.51
C ASN A 66 -7.76 7.59 -3.97
N ALA A 67 -7.43 7.74 -2.70
CA ALA A 67 -7.33 9.10 -2.10
C ALA A 67 -6.20 9.90 -2.75
N GLU A 68 -4.98 9.41 -2.67
CA GLU A 68 -3.84 10.13 -3.28
C GLU A 68 -3.90 10.03 -4.82
N LYS A 69 -3.81 11.14 -5.51
CA LYS A 69 -3.86 11.12 -7.00
C LYS A 69 -2.45 10.96 -7.56
N LYS A 70 -1.68 12.03 -7.61
CA LYS A 70 -0.29 11.95 -8.13
C LYS A 70 0.57 11.10 -7.18
N ASN A 71 0.30 11.18 -5.91
CA ASN A 71 1.08 10.39 -4.91
C ASN A 71 0.68 8.90 -4.97
N ALA A 72 -0.27 8.55 -5.81
CA ALA A 72 -0.66 7.11 -5.91
C ALA A 72 0.51 6.32 -6.48
N SER A 73 1.49 6.98 -7.05
CA SER A 73 2.65 6.25 -7.62
C SER A 73 3.66 5.95 -6.51
N VAL A 74 4.66 5.19 -6.83
CA VAL A 74 5.67 4.83 -5.80
C VAL A 74 6.34 6.09 -5.24
N ALA A 75 6.77 7.01 -6.09
CA ALA A 75 7.44 8.26 -5.59
C ALA A 75 6.67 8.86 -4.39
N GLY A 76 5.38 8.72 -4.40
CA GLY A 76 4.58 9.23 -3.25
C GLY A 76 4.84 8.33 -2.05
N LEU A 77 4.47 7.07 -2.14
CA LEU A 77 4.66 6.15 -0.99
C LEU A 77 6.16 5.96 -0.65
N VAL A 78 7.02 5.71 -1.61
CA VAL A 78 8.46 5.47 -1.29
C VAL A 78 9.03 6.64 -0.52
N LYS A 79 8.67 7.83 -0.88
CA LYS A 79 9.18 9.02 -0.14
C LYS A 79 8.71 8.95 1.33
N ALA A 80 7.43 8.79 1.53
CA ALA A 80 6.88 8.71 2.91
C ALA A 80 7.31 7.42 3.65
N LEU A 81 7.11 6.27 3.04
CA LEU A 81 7.45 4.99 3.74
C LEU A 81 8.94 4.90 4.13
N ARG A 82 9.84 5.24 3.26
CA ARG A 82 11.30 5.14 3.61
C ARG A 82 11.72 6.20 4.64
N THR A 83 11.23 7.40 4.51
CA THR A 83 11.63 8.48 5.47
C THR A 83 11.24 8.08 6.90
N CYS A 84 10.08 7.50 7.05
CA CYS A 84 9.63 7.11 8.41
C CYS A 84 10.34 5.84 8.90
N ARG A 85 10.27 4.75 8.15
CA ARG A 85 10.95 3.48 8.61
C ARG A 85 10.79 2.30 7.61
N LEU A 86 9.91 2.40 6.65
CA LEU A 86 9.69 1.26 5.71
C LEU A 86 10.76 1.19 4.60
N ASN A 87 12.02 1.30 4.95
CA ASN A 87 13.10 1.21 3.92
C ASN A 87 12.98 -0.09 3.13
N LEU A 88 12.42 -1.11 3.73
CA LEU A 88 12.29 -2.43 3.05
C LEU A 88 11.55 -2.32 1.71
N VAL A 89 10.30 -1.94 1.75
CA VAL A 89 9.51 -1.82 0.49
C VAL A 89 10.13 -0.77 -0.41
N ALA A 90 10.67 0.28 0.16
CA ALA A 90 11.32 1.34 -0.68
C ALA A 90 12.46 0.71 -1.50
N ASP A 91 13.26 -0.12 -0.88
CA ASP A 91 14.39 -0.78 -1.61
C ASP A 91 13.89 -1.64 -2.78
N LEU A 92 12.81 -2.36 -2.59
CA LEU A 92 12.30 -3.25 -3.69
C LEU A 92 11.90 -2.42 -4.91
N VAL A 93 11.05 -1.43 -4.71
CA VAL A 93 10.62 -0.57 -5.85
C VAL A 93 11.85 0.14 -6.42
N GLU A 94 12.75 0.59 -5.58
CA GLU A 94 13.98 1.26 -6.09
C GLU A 94 14.77 0.27 -6.96
N GLU A 95 14.99 -0.91 -6.45
CA GLU A 95 15.71 -1.95 -7.22
C GLU A 95 14.85 -2.44 -8.39
N ALA A 96 13.55 -2.32 -8.27
CA ALA A 96 12.64 -2.78 -9.36
C ALA A 96 12.79 -1.90 -10.61
N GLN A 97 13.34 -0.72 -10.47
CA GLN A 97 13.51 0.17 -11.66
C GLN A 97 14.71 1.10 -11.48
N GLU A 98 15.68 0.71 -10.67
CA GLU A 98 16.92 1.52 -10.42
C GLU A 98 16.60 2.84 -9.70
N SER A 99 15.74 3.66 -10.26
CA SER A 99 15.38 4.97 -9.62
C SER A 99 16.64 5.78 -9.31
N ALA A 5 -11.62 7.89 -11.80
CA ALA A 5 -11.70 8.52 -10.45
C ALA A 5 -10.46 8.11 -9.64
N ALA A 6 -10.31 6.84 -9.40
CA ALA A 6 -9.11 6.35 -8.64
C ALA A 6 -7.86 6.62 -9.48
N PRO A 7 -6.70 6.23 -9.00
CA PRO A 7 -5.47 6.48 -9.78
C PRO A 7 -5.54 5.70 -11.09
N PRO A 8 -5.67 6.43 -12.20
CA PRO A 8 -5.76 5.76 -13.52
C PRO A 8 -4.51 4.93 -13.79
N GLY A 9 -3.38 5.31 -13.23
CA GLY A 9 -2.14 4.50 -13.44
C GLY A 9 -2.02 3.41 -12.37
N GLU A 10 -3.09 2.71 -12.09
CA GLU A 10 -3.04 1.62 -11.05
C GLU A 10 -2.09 0.51 -11.49
N ALA A 11 -1.84 0.38 -12.78
CA ALA A 11 -0.93 -0.71 -13.25
C ALA A 11 0.46 -0.56 -12.62
N TYR A 12 1.03 0.61 -12.66
CA TYR A 12 2.37 0.81 -12.03
C TYR A 12 2.22 0.64 -10.53
N LEU A 13 1.16 1.17 -9.99
CA LEU A 13 0.90 1.06 -8.52
C LEU A 13 0.82 -0.41 -8.10
N GLN A 14 0.07 -1.20 -8.83
CA GLN A 14 -0.05 -2.65 -8.45
C GLN A 14 1.33 -3.32 -8.53
N VAL A 15 2.14 -2.97 -9.50
CA VAL A 15 3.48 -3.61 -9.61
C VAL A 15 4.30 -3.36 -8.35
N ALA A 16 4.40 -2.13 -7.91
CA ALA A 16 5.18 -1.85 -6.67
C ALA A 16 4.43 -2.44 -5.47
N PHE A 17 3.15 -2.22 -5.41
CA PHE A 17 2.33 -2.79 -4.29
C PHE A 17 2.43 -4.32 -4.29
N ASP A 18 2.85 -4.92 -5.37
CA ASP A 18 2.92 -6.42 -5.40
C ASP A 18 4.23 -6.91 -4.80
N ILE A 19 5.35 -6.42 -5.26
CA ILE A 19 6.65 -6.90 -4.71
C ILE A 19 6.72 -6.56 -3.22
N VAL A 20 6.29 -5.39 -2.88
CA VAL A 20 6.34 -4.96 -1.46
C VAL A 20 5.31 -5.74 -0.62
N CYS A 21 4.14 -5.96 -1.15
CA CYS A 21 3.08 -6.69 -0.37
C CYS A 21 3.56 -8.08 0.00
N ASP A 22 4.04 -8.80 -0.97
CA ASP A 22 4.54 -10.17 -0.66
C ASP A 22 5.77 -10.06 0.24
N ASN A 23 6.36 -8.87 0.36
CA ASN A 23 7.55 -8.70 1.24
C ASN A 23 7.11 -8.36 2.66
N VAL A 24 6.13 -7.51 2.79
CA VAL A 24 5.65 -7.12 4.15
C VAL A 24 4.27 -6.44 4.06
N GLY A 25 3.40 -7.00 3.26
CA GLY A 25 2.05 -6.42 3.01
C GLY A 25 1.42 -5.85 4.30
N ARG A 26 1.53 -6.56 5.41
CA ARG A 26 0.92 -6.05 6.69
C ARG A 26 1.37 -4.62 7.03
N ASP A 27 2.46 -4.18 6.46
CA ASP A 27 2.92 -2.79 6.75
C ASP A 27 1.92 -1.79 6.17
N TRP A 28 1.15 -2.19 5.18
CA TRP A 28 0.14 -1.27 4.59
C TRP A 28 -1.00 -1.10 5.58
N LYS A 29 -1.34 -2.13 6.31
CA LYS A 29 -2.43 -2.00 7.34
C LYS A 29 -2.01 -0.96 8.36
N ARG A 30 -0.75 -0.96 8.72
CA ARG A 30 -0.24 0.06 9.69
C ARG A 30 -0.46 1.46 9.09
N LEU A 31 -0.05 1.62 7.85
CA LEU A 31 -0.22 2.92 7.16
C LEU A 31 -1.71 3.16 6.88
N ALA A 32 -2.47 2.11 6.71
CA ALA A 32 -3.94 2.26 6.44
C ALA A 32 -4.59 2.99 7.61
N ARG A 33 -4.31 2.57 8.81
CA ARG A 33 -4.88 3.26 10.01
C ARG A 33 -4.40 4.71 10.00
N GLU A 34 -3.16 4.92 9.63
CA GLU A 34 -2.61 6.31 9.55
C GLU A 34 -3.33 7.06 8.42
N LEU A 35 -3.63 6.39 7.34
CA LEU A 35 -4.33 7.05 6.20
C LEU A 35 -5.80 7.30 6.55
N LYS A 36 -6.26 6.81 7.69
CA LYS A 36 -7.68 7.02 8.10
C LYS A 36 -8.64 6.32 7.15
N VAL A 37 -8.39 5.07 6.86
CA VAL A 37 -9.30 4.31 5.94
C VAL A 37 -10.62 4.03 6.66
N SER A 38 -11.68 3.79 5.93
CA SER A 38 -13.02 3.55 6.57
C SER A 38 -12.94 2.47 7.64
N GLU A 39 -13.41 2.78 8.82
CA GLU A 39 -13.39 1.80 9.94
C GLU A 39 -14.21 0.56 9.55
N ALA A 40 -15.23 0.76 8.75
CA ALA A 40 -16.07 -0.40 8.31
C ALA A 40 -15.20 -1.46 7.62
N LYS A 41 -14.38 -1.02 6.70
CA LYS A 41 -13.47 -1.97 5.99
C LYS A 41 -12.54 -2.66 6.99
N MET A 42 -12.05 -1.91 7.95
CA MET A 42 -11.14 -2.51 8.98
C MET A 42 -11.87 -3.63 9.73
N ASP A 43 -13.13 -3.43 10.02
CA ASP A 43 -13.91 -4.49 10.75
C ASP A 43 -14.02 -5.77 9.89
N GLY A 44 -14.22 -5.63 8.60
CA GLY A 44 -14.34 -6.84 7.73
C GLY A 44 -12.99 -7.47 7.43
N ILE A 45 -11.98 -6.68 7.12
CA ILE A 45 -10.64 -7.27 6.80
C ILE A 45 -10.12 -8.07 7.99
N GLU A 46 -10.22 -7.53 9.18
CA GLU A 46 -9.73 -8.27 10.38
C GLU A 46 -10.56 -9.55 10.61
N GLU A 47 -11.87 -9.46 10.52
CA GLU A 47 -12.72 -10.67 10.74
C GLU A 47 -12.62 -11.67 9.57
N LYS A 48 -12.91 -11.21 8.38
CA LYS A 48 -12.88 -12.13 7.19
C LYS A 48 -11.45 -12.53 6.81
N TYR A 49 -10.52 -11.61 6.89
CA TYR A 49 -9.11 -11.94 6.51
C TYR A 49 -8.19 -11.81 7.72
N PRO A 50 -8.10 -12.86 8.51
CA PRO A 50 -7.24 -12.83 9.71
C PRO A 50 -5.78 -13.16 9.37
N ARG A 51 -5.51 -13.73 8.22
CA ARG A 51 -4.09 -14.08 7.87
C ARG A 51 -3.82 -13.98 6.37
N SER A 52 -4.67 -13.32 5.62
CA SER A 52 -4.42 -13.20 4.14
C SER A 52 -3.68 -11.90 3.84
N LEU A 53 -2.42 -12.02 3.49
CA LEU A 53 -1.61 -10.81 3.14
C LEU A 53 -2.28 -10.10 1.97
N SER A 54 -2.63 -10.85 0.97
CA SER A 54 -3.30 -10.26 -0.24
C SER A 54 -4.67 -9.65 0.09
N GLU A 55 -5.51 -10.36 0.80
CA GLU A 55 -6.88 -9.85 1.13
C GLU A 55 -6.81 -8.64 2.06
N ARG A 56 -5.88 -8.67 2.96
CA ARG A 56 -5.78 -7.57 3.98
C ARG A 56 -5.33 -6.25 3.34
N VAL A 57 -4.16 -6.24 2.78
CA VAL A 57 -3.63 -4.98 2.16
C VAL A 57 -4.44 -4.50 0.95
N ARG A 58 -4.90 -5.39 0.09
CA ARG A 58 -5.64 -4.93 -1.12
C ARG A 58 -6.83 -4.02 -0.76
N GLU A 59 -7.66 -4.40 0.19
CA GLU A 59 -8.81 -3.51 0.55
C GLU A 59 -8.28 -2.17 1.07
N SER A 60 -7.37 -2.22 2.00
CA SER A 60 -6.78 -0.96 2.56
C SER A 60 -6.04 -0.18 1.45
N LEU A 61 -5.39 -0.89 0.57
CA LEU A 61 -4.64 -0.21 -0.53
C LEU A 61 -5.60 0.47 -1.50
N LYS A 62 -6.70 -0.15 -1.81
CA LYS A 62 -7.68 0.47 -2.77
C LYS A 62 -8.17 1.81 -2.24
N VAL A 63 -8.56 1.88 -0.99
CA VAL A 63 -9.04 3.18 -0.45
C VAL A 63 -7.89 4.21 -0.37
N TRP A 64 -6.72 3.79 0.04
CA TRP A 64 -5.57 4.74 0.11
C TRP A 64 -5.18 5.20 -1.30
N LYS A 65 -4.89 4.28 -2.19
CA LYS A 65 -4.49 4.68 -3.57
C LYS A 65 -5.60 5.48 -4.25
N ASN A 66 -6.86 5.18 -3.98
CA ASN A 66 -7.96 5.96 -4.61
C ASN A 66 -7.90 7.43 -4.20
N ALA A 67 -7.63 7.70 -2.94
CA ALA A 67 -7.57 9.10 -2.47
C ALA A 67 -6.36 9.83 -3.07
N GLU A 68 -5.21 9.18 -3.07
CA GLU A 68 -3.99 9.83 -3.64
C GLU A 68 -4.02 9.80 -5.17
N LYS A 69 -3.93 10.94 -5.80
CA LYS A 69 -3.91 10.99 -7.30
C LYS A 69 -2.46 10.90 -7.79
N LYS A 70 -1.73 11.99 -7.76
CA LYS A 70 -0.30 11.96 -8.19
C LYS A 70 0.51 11.15 -7.17
N ASN A 71 0.07 11.18 -5.93
CA ASN A 71 0.78 10.42 -4.87
C ASN A 71 0.49 8.92 -4.99
N ALA A 72 -0.36 8.52 -5.93
CA ALA A 72 -0.63 7.07 -6.11
C ALA A 72 0.61 6.36 -6.64
N SER A 73 1.62 7.11 -7.06
CA SER A 73 2.84 6.45 -7.60
C SER A 73 3.80 6.12 -6.46
N VAL A 74 4.80 5.33 -6.76
CA VAL A 74 5.78 4.93 -5.71
C VAL A 74 6.48 6.16 -5.13
N ALA A 75 6.95 7.08 -5.95
CA ALA A 75 7.65 8.31 -5.43
C ALA A 75 6.88 8.90 -4.24
N GLY A 76 5.59 8.80 -4.27
CA GLY A 76 4.78 9.30 -3.14
C GLY A 76 4.99 8.39 -1.94
N LEU A 77 4.51 7.17 -2.02
CA LEU A 77 4.69 6.24 -0.88
C LEU A 77 6.16 6.01 -0.55
N VAL A 78 7.00 5.67 -1.51
CA VAL A 78 8.44 5.39 -1.17
C VAL A 78 9.05 6.55 -0.41
N LYS A 79 8.70 7.76 -0.75
CA LYS A 79 9.24 8.92 0.00
C LYS A 79 8.86 8.80 1.49
N ALA A 80 7.59 8.77 1.78
CA ALA A 80 7.13 8.64 3.20
C ALA A 80 7.52 7.26 3.77
N LEU A 81 7.37 6.26 2.96
CA LEU A 81 7.66 4.85 3.37
C LEU A 81 9.04 4.67 4.03
N ARG A 82 10.10 4.88 3.30
CA ARG A 82 11.47 4.68 3.86
C ARG A 82 11.82 5.77 4.89
N THR A 83 11.31 6.96 4.71
CA THR A 83 11.64 8.06 5.68
C THR A 83 11.17 7.67 7.08
N CYS A 84 10.02 7.07 7.18
CA CYS A 84 9.49 6.69 8.52
C CYS A 84 10.16 5.41 9.02
N ARG A 85 10.07 4.34 8.24
CA ARG A 85 10.70 3.04 8.69
C ARG A 85 10.55 1.89 7.68
N LEU A 86 9.73 2.04 6.68
CA LEU A 86 9.50 0.91 5.72
C LEU A 86 10.60 0.84 4.64
N ASN A 87 11.83 0.79 5.06
CA ASN A 87 12.97 0.69 4.09
C ASN A 87 12.89 -0.59 3.25
N LEU A 88 12.45 -1.68 3.83
CA LEU A 88 12.40 -2.98 3.07
C LEU A 88 11.68 -2.83 1.73
N VAL A 89 10.42 -2.55 1.75
CA VAL A 89 9.66 -2.40 0.48
C VAL A 89 10.20 -1.23 -0.33
N ALA A 90 10.69 -0.21 0.32
CA ALA A 90 11.27 0.96 -0.43
C ALA A 90 12.43 0.44 -1.31
N ASP A 91 13.25 -0.40 -0.74
CA ASP A 91 14.39 -0.97 -1.53
C ASP A 91 13.89 -1.75 -2.74
N LEU A 92 12.85 -2.55 -2.58
CA LEU A 92 12.34 -3.34 -3.74
C LEU A 92 11.84 -2.41 -4.85
N VAL A 93 10.95 -1.50 -4.53
CA VAL A 93 10.44 -0.56 -5.56
C VAL A 93 11.60 0.31 -6.07
N GLU A 94 12.45 0.74 -5.17
CA GLU A 94 13.63 1.58 -5.60
C GLU A 94 14.53 0.76 -6.55
N GLU A 95 14.87 -0.44 -6.15
CA GLU A 95 15.74 -1.29 -7.03
C GLU A 95 15.05 -1.53 -8.37
N ALA A 96 13.74 -1.62 -8.35
CA ALA A 96 12.99 -1.84 -9.62
C ALA A 96 13.09 -0.62 -10.54
N GLN A 97 13.02 0.57 -10.00
CA GLN A 97 13.11 1.79 -10.86
C GLN A 97 14.56 2.09 -11.27
N GLU A 98 15.53 1.48 -10.60
CA GLU A 98 16.97 1.72 -10.96
C GLU A 98 17.28 3.23 -11.03
N SER A 99 16.75 4.01 -10.12
CA SER A 99 17.01 5.49 -10.13
C SER A 99 16.68 6.09 -11.50
N ALA A 5 -11.34 7.90 -12.39
CA ALA A 5 -11.42 8.77 -11.17
C ALA A 5 -10.21 8.51 -10.29
N ALA A 6 -10.05 7.29 -9.84
CA ALA A 6 -8.87 6.94 -9.00
C ALA A 6 -7.60 7.09 -9.84
N PRO A 7 -6.46 6.81 -9.27
CA PRO A 7 -5.20 6.95 -10.05
C PRO A 7 -5.22 5.95 -11.23
N PRO A 8 -5.33 6.47 -12.43
CA PRO A 8 -5.39 5.59 -13.62
C PRO A 8 -4.12 4.74 -13.73
N GLY A 9 -3.04 5.13 -13.08
CA GLY A 9 -1.78 4.31 -13.14
C GLY A 9 -1.77 3.26 -12.03
N GLU A 10 -2.90 2.72 -11.66
CA GLU A 10 -2.93 1.68 -10.58
C GLU A 10 -2.11 0.46 -10.98
N ALA A 11 -2.07 0.15 -12.25
CA ALA A 11 -1.28 -1.04 -12.70
C ALA A 11 0.18 -0.90 -12.29
N TYR A 12 0.77 0.26 -12.48
CA TYR A 12 2.19 0.46 -12.08
C TYR A 12 2.30 0.34 -10.56
N LEU A 13 1.45 1.05 -9.87
CA LEU A 13 1.45 1.02 -8.38
C LEU A 13 1.18 -0.41 -7.89
N GLN A 14 0.30 -1.10 -8.56
CA GLN A 14 -0.02 -2.51 -8.16
C GLN A 14 1.24 -3.36 -8.25
N VAL A 15 2.06 -3.16 -9.26
CA VAL A 15 3.31 -3.97 -9.39
C VAL A 15 4.20 -3.75 -8.15
N ALA A 16 4.42 -2.51 -7.78
CA ALA A 16 5.25 -2.24 -6.57
C ALA A 16 4.50 -2.77 -5.34
N PHE A 17 3.21 -2.54 -5.31
CA PHE A 17 2.37 -3.06 -4.17
C PHE A 17 2.49 -4.58 -4.07
N ASP A 18 2.90 -5.24 -5.13
CA ASP A 18 3.00 -6.73 -5.06
C ASP A 18 4.30 -7.17 -4.42
N ILE A 19 5.41 -6.68 -4.89
CA ILE A 19 6.71 -7.10 -4.28
C ILE A 19 6.74 -6.69 -2.82
N VAL A 20 6.30 -5.50 -2.54
CA VAL A 20 6.30 -5.02 -1.13
C VAL A 20 5.26 -5.75 -0.27
N CYS A 21 4.10 -6.00 -0.81
CA CYS A 21 3.03 -6.69 -0.02
C CYS A 21 3.50 -8.06 0.41
N ASP A 22 4.00 -8.82 -0.52
CA ASP A 22 4.50 -10.18 -0.16
C ASP A 22 5.72 -10.04 0.76
N ASN A 23 6.30 -8.86 0.83
CA ASN A 23 7.49 -8.66 1.73
C ASN A 23 7.02 -8.25 3.13
N VAL A 24 6.05 -7.37 3.19
CA VAL A 24 5.54 -6.90 4.51
C VAL A 24 4.18 -6.22 4.34
N GLY A 25 3.31 -6.86 3.61
CA GLY A 25 1.97 -6.29 3.31
C GLY A 25 1.32 -5.73 4.59
N ARG A 26 1.57 -6.34 5.71
CA ARG A 26 0.95 -5.86 7.00
C ARG A 26 1.37 -4.40 7.29
N ASP A 27 2.42 -3.93 6.68
CA ASP A 27 2.85 -2.52 6.94
C ASP A 27 1.81 -1.57 6.35
N TRP A 28 1.03 -2.02 5.40
CA TRP A 28 -0.03 -1.16 4.81
C TRP A 28 -1.13 -0.97 5.86
N LYS A 29 -1.40 -1.97 6.65
CA LYS A 29 -2.44 -1.82 7.73
C LYS A 29 -1.97 -0.70 8.67
N ARG A 30 -0.68 -0.68 8.95
CA ARG A 30 -0.13 0.40 9.84
C ARG A 30 -0.34 1.76 9.16
N LEU A 31 0.03 1.86 7.91
CA LEU A 31 -0.14 3.15 7.17
C LEU A 31 -1.62 3.42 6.91
N ALA A 32 -2.41 2.39 6.75
CA ALA A 32 -3.87 2.58 6.49
C ALA A 32 -4.49 3.35 7.65
N ARG A 33 -4.26 2.92 8.86
CA ARG A 33 -4.80 3.65 10.05
C ARG A 33 -4.23 5.08 10.04
N GLU A 34 -2.98 5.21 9.70
CA GLU A 34 -2.35 6.57 9.62
C GLU A 34 -3.03 7.37 8.52
N LEU A 35 -3.34 6.73 7.42
CA LEU A 35 -4.04 7.43 6.30
C LEU A 35 -5.53 7.66 6.64
N LYS A 36 -5.98 7.17 7.78
CA LYS A 36 -7.41 7.37 8.19
C LYS A 36 -8.36 6.79 7.16
N VAL A 37 -8.15 5.56 6.76
CA VAL A 37 -9.05 4.92 5.76
C VAL A 37 -10.38 4.54 6.45
N SER A 38 -11.43 4.35 5.68
CA SER A 38 -12.75 4.00 6.29
C SER A 38 -12.63 2.79 7.22
N GLU A 39 -13.01 2.98 8.46
CA GLU A 39 -12.94 1.86 9.46
C GLU A 39 -13.81 0.69 8.99
N ALA A 40 -14.85 0.98 8.26
CA ALA A 40 -15.76 -0.11 7.78
C ALA A 40 -14.97 -1.15 6.99
N LYS A 41 -14.16 -0.71 6.05
CA LYS A 41 -13.35 -1.68 5.24
C LYS A 41 -12.41 -2.48 6.14
N MET A 42 -11.71 -1.81 7.02
CA MET A 42 -10.77 -2.53 7.93
C MET A 42 -11.54 -3.55 8.78
N ASP A 43 -12.69 -3.15 9.27
CA ASP A 43 -13.52 -4.08 10.10
C ASP A 43 -13.90 -5.32 9.30
N GLY A 44 -14.28 -5.15 8.05
CA GLY A 44 -14.66 -6.34 7.23
C GLY A 44 -13.42 -7.10 6.74
N ILE A 45 -12.41 -6.40 6.28
CA ILE A 45 -11.20 -7.12 5.78
C ILE A 45 -10.56 -7.95 6.91
N GLU A 46 -10.36 -7.35 8.06
CA GLU A 46 -9.74 -8.09 9.21
C GLU A 46 -10.61 -9.28 9.66
N GLU A 47 -11.89 -9.05 9.89
CA GLU A 47 -12.78 -10.17 10.37
C GLU A 47 -12.88 -11.29 9.35
N LYS A 48 -13.12 -10.96 8.10
CA LYS A 48 -13.25 -12.02 7.06
C LYS A 48 -11.89 -12.68 6.79
N TYR A 49 -10.83 -11.93 6.88
CA TYR A 49 -9.47 -12.49 6.61
C TYR A 49 -8.59 -12.38 7.87
N PRO A 50 -8.50 -13.46 8.62
CA PRO A 50 -7.70 -13.45 9.86
C PRO A 50 -6.19 -13.59 9.58
N ARG A 51 -5.80 -14.04 8.41
CA ARG A 51 -4.34 -14.22 8.14
C ARG A 51 -3.96 -14.04 6.66
N SER A 52 -4.83 -13.46 5.85
CA SER A 52 -4.47 -13.27 4.41
C SER A 52 -3.82 -11.90 4.22
N LEU A 53 -2.55 -11.90 3.94
CA LEU A 53 -1.83 -10.62 3.72
C LEU A 53 -2.44 -9.92 2.51
N SER A 54 -2.70 -10.67 1.48
CA SER A 54 -3.30 -10.09 0.24
C SER A 54 -4.71 -9.52 0.50
N GLU A 55 -5.54 -10.27 1.18
CA GLU A 55 -6.94 -9.81 1.44
C GLU A 55 -6.98 -8.59 2.36
N ARG A 56 -6.14 -8.56 3.36
CA ARG A 56 -6.16 -7.42 4.33
C ARG A 56 -5.67 -6.12 3.69
N VAL A 57 -4.50 -6.13 3.13
CA VAL A 57 -3.92 -4.90 2.53
C VAL A 57 -4.67 -4.42 1.26
N ARG A 58 -5.13 -5.33 0.43
CA ARG A 58 -5.81 -4.90 -0.85
C ARG A 58 -6.91 -3.86 -0.61
N GLU A 59 -7.86 -4.13 0.25
CA GLU A 59 -8.95 -3.12 0.50
C GLU A 59 -8.35 -1.83 1.07
N SER A 60 -7.51 -1.95 2.06
CA SER A 60 -6.88 -0.75 2.68
C SER A 60 -6.00 -0.02 1.65
N LEU A 61 -5.31 -0.76 0.83
CA LEU A 61 -4.43 -0.12 -0.19
C LEU A 61 -5.30 0.59 -1.25
N LYS A 62 -6.40 0.00 -1.62
CA LYS A 62 -7.28 0.63 -2.65
C LYS A 62 -7.77 2.01 -2.20
N VAL A 63 -8.31 2.12 -1.01
CA VAL A 63 -8.83 3.45 -0.54
C VAL A 63 -7.69 4.48 -0.45
N TRP A 64 -6.56 4.13 0.13
CA TRP A 64 -5.43 5.11 0.21
C TRP A 64 -4.97 5.46 -1.21
N LYS A 65 -4.91 4.50 -2.07
CA LYS A 65 -4.47 4.76 -3.48
C LYS A 65 -5.40 5.77 -4.18
N ASN A 66 -6.70 5.59 -4.08
CA ASN A 66 -7.64 6.54 -4.75
C ASN A 66 -7.48 7.95 -4.17
N ALA A 67 -7.31 8.05 -2.88
CA ALA A 67 -7.16 9.39 -2.26
C ALA A 67 -5.82 10.03 -2.66
N GLU A 68 -4.79 9.24 -2.81
CA GLU A 68 -3.46 9.80 -3.19
C GLU A 68 -3.49 10.41 -4.60
N LYS A 69 -4.17 9.78 -5.54
CA LYS A 69 -4.22 10.32 -6.93
C LYS A 69 -2.77 10.51 -7.46
N LYS A 70 -2.19 11.68 -7.30
CA LYS A 70 -0.79 11.89 -7.76
C LYS A 70 0.16 11.02 -6.92
N ASN A 71 -0.09 10.94 -5.64
CA ASN A 71 0.77 10.10 -4.75
C ASN A 71 0.49 8.61 -4.97
N ALA A 72 -0.44 8.27 -5.84
CA ALA A 72 -0.71 6.84 -6.10
C ALA A 72 0.52 6.20 -6.76
N SER A 73 1.47 6.99 -7.21
CA SER A 73 2.68 6.40 -7.85
C SER A 73 3.66 6.00 -6.75
N VAL A 74 4.62 5.20 -7.11
CA VAL A 74 5.62 4.74 -6.09
C VAL A 74 6.35 5.93 -5.49
N ALA A 75 6.73 6.90 -6.29
CA ALA A 75 7.45 8.12 -5.75
C ALA A 75 6.71 8.66 -4.54
N GLY A 76 5.42 8.56 -4.54
CA GLY A 76 4.63 9.04 -3.37
C GLY A 76 4.88 8.11 -2.20
N LEU A 77 4.44 6.88 -2.30
CA LEU A 77 4.63 5.93 -1.16
C LEU A 77 6.12 5.71 -0.82
N VAL A 78 6.99 5.54 -1.81
CA VAL A 78 8.44 5.29 -1.48
C VAL A 78 8.99 6.44 -0.66
N LYS A 79 8.65 7.63 -1.03
CA LYS A 79 9.13 8.81 -0.26
C LYS A 79 8.61 8.74 1.18
N ALA A 80 7.32 8.59 1.33
CA ALA A 80 6.71 8.53 2.70
C ALA A 80 7.13 7.29 3.49
N LEU A 81 6.99 6.12 2.91
CA LEU A 81 7.32 4.87 3.66
C LEU A 81 8.77 4.85 4.16
N ARG A 82 9.74 5.24 3.37
CA ARG A 82 11.15 5.20 3.86
C ARG A 82 11.39 6.29 4.90
N THR A 83 10.73 7.42 4.78
CA THR A 83 10.95 8.51 5.77
C THR A 83 10.58 8.04 7.17
N CYS A 84 9.52 7.29 7.29
CA CYS A 84 9.12 6.80 8.62
C CYS A 84 9.97 5.59 9.02
N ARG A 85 9.87 4.51 8.28
CA ARG A 85 10.69 3.27 8.63
C ARG A 85 10.45 2.10 7.67
N LEU A 86 9.79 2.30 6.56
CA LEU A 86 9.51 1.16 5.63
C LEU A 86 10.59 1.02 4.55
N ASN A 87 11.82 1.23 4.90
CA ASN A 87 12.94 1.11 3.91
C ASN A 87 12.86 -0.23 3.16
N LEU A 88 12.34 -1.24 3.79
CA LEU A 88 12.24 -2.58 3.14
C LEU A 88 11.46 -2.51 1.84
N VAL A 89 10.22 -2.09 1.92
CA VAL A 89 9.39 -2.01 0.68
C VAL A 89 9.99 -0.97 -0.29
N ALA A 90 10.55 0.08 0.23
CA ALA A 90 11.17 1.13 -0.66
C ALA A 90 12.30 0.50 -1.50
N ASP A 91 13.15 -0.28 -0.87
CA ASP A 91 14.27 -0.92 -1.61
C ASP A 91 13.75 -1.82 -2.74
N LEU A 92 12.71 -2.58 -2.47
CA LEU A 92 12.18 -3.50 -3.53
C LEU A 92 11.66 -2.70 -4.72
N VAL A 93 10.78 -1.76 -4.48
CA VAL A 93 10.25 -0.94 -5.60
C VAL A 93 11.39 -0.17 -6.26
N GLU A 94 12.30 0.35 -5.47
CA GLU A 94 13.47 1.09 -6.07
C GLU A 94 14.26 0.15 -6.97
N GLU A 95 14.63 -0.99 -6.46
CA GLU A 95 15.40 -1.99 -7.26
C GLU A 95 14.51 -2.58 -8.37
N ALA A 96 13.22 -2.60 -8.14
CA ALA A 96 12.28 -3.17 -9.17
C ALA A 96 12.23 -2.31 -10.44
N GLN A 97 12.73 -1.10 -10.40
CA GLN A 97 12.69 -0.23 -11.61
C GLN A 97 13.78 0.84 -11.57
N GLU A 98 14.88 0.57 -10.88
CA GLU A 98 15.99 1.56 -10.80
C GLU A 98 15.48 2.94 -10.35
N SER A 99 14.77 2.99 -9.24
CA SER A 99 14.23 4.30 -8.73
C SER A 99 13.38 4.98 -9.81
N ALA A 5 -11.24 8.57 -11.67
CA ALA A 5 -11.38 8.97 -10.23
C ALA A 5 -10.20 8.43 -9.43
N ALA A 6 -10.21 7.14 -9.18
CA ALA A 6 -9.08 6.52 -8.42
C ALA A 6 -7.81 6.61 -9.28
N PRO A 7 -6.71 6.06 -8.82
CA PRO A 7 -5.47 6.14 -9.63
C PRO A 7 -5.68 5.38 -10.94
N PRO A 8 -5.75 6.11 -12.04
CA PRO A 8 -5.95 5.46 -13.36
C PRO A 8 -4.78 4.55 -13.70
N GLY A 9 -3.57 4.95 -13.38
CA GLY A 9 -2.39 4.09 -13.67
C GLY A 9 -2.17 3.06 -12.55
N GLU A 10 -3.17 2.29 -12.24
CA GLU A 10 -2.99 1.25 -11.17
C GLU A 10 -1.97 0.20 -11.61
N ALA A 11 -1.71 0.08 -12.88
CA ALA A 11 -0.74 -0.95 -13.35
C ALA A 11 0.64 -0.72 -12.73
N TYR A 12 1.18 0.47 -12.83
CA TYR A 12 2.52 0.73 -12.23
C TYR A 12 2.44 0.54 -10.72
N LEU A 13 1.48 1.18 -10.10
CA LEU A 13 1.31 1.05 -8.63
C LEU A 13 1.08 -0.41 -8.23
N GLN A 14 0.29 -1.14 -9.00
CA GLN A 14 0.03 -2.56 -8.64
C GLN A 14 1.34 -3.35 -8.61
N VAL A 15 2.24 -3.10 -9.53
CA VAL A 15 3.54 -3.84 -9.51
C VAL A 15 4.26 -3.50 -8.19
N ALA A 16 4.22 -2.25 -7.79
CA ALA A 16 4.86 -1.86 -6.51
C ALA A 16 4.07 -2.46 -5.35
N PHE A 17 2.79 -2.11 -5.24
CA PHE A 17 1.95 -2.69 -4.15
C PHE A 17 2.07 -4.21 -4.07
N ASP A 18 2.50 -4.88 -5.11
CA ASP A 18 2.59 -6.36 -5.04
C ASP A 18 3.91 -6.79 -4.40
N ILE A 19 5.01 -6.31 -4.89
CA ILE A 19 6.32 -6.71 -4.31
C ILE A 19 6.39 -6.24 -2.85
N VAL A 20 5.95 -5.05 -2.61
CA VAL A 20 6.00 -4.52 -1.22
C VAL A 20 5.01 -5.26 -0.31
N CYS A 21 3.82 -5.53 -0.82
CA CYS A 21 2.80 -6.25 0.01
C CYS A 21 3.31 -7.63 0.38
N ASP A 22 3.78 -8.36 -0.58
CA ASP A 22 4.30 -9.73 -0.29
C ASP A 22 5.54 -9.62 0.62
N ASN A 23 6.11 -8.45 0.75
CA ASN A 23 7.31 -8.28 1.63
C ASN A 23 6.89 -7.90 3.05
N VAL A 24 5.90 -7.06 3.18
CA VAL A 24 5.46 -6.63 4.54
C VAL A 24 4.04 -6.06 4.50
N GLY A 25 3.22 -6.57 3.63
CA GLY A 25 1.82 -6.08 3.42
C GLY A 25 1.16 -5.54 4.72
N ARG A 26 1.36 -6.22 5.83
CA ARG A 26 0.73 -5.78 7.11
C ARG A 26 1.19 -4.36 7.52
N ASP A 27 2.31 -3.93 7.00
CA ASP A 27 2.78 -2.55 7.33
C ASP A 27 1.81 -1.54 6.74
N TRP A 28 1.04 -1.94 5.75
CA TRP A 28 0.02 -1.01 5.17
C TRP A 28 -1.08 -0.81 6.20
N LYS A 29 -1.31 -1.78 7.08
CA LYS A 29 -2.36 -1.59 8.12
C LYS A 29 -1.91 -0.45 9.02
N ARG A 30 -0.63 -0.40 9.31
CA ARG A 30 -0.09 0.73 10.14
C ARG A 30 -0.36 2.05 9.42
N LEU A 31 -0.01 2.12 8.16
CA LEU A 31 -0.24 3.36 7.37
C LEU A 31 -1.75 3.53 7.10
N ALA A 32 -2.48 2.45 7.04
CA ALA A 32 -3.95 2.52 6.78
C ALA A 32 -4.60 3.36 7.89
N ARG A 33 -4.29 3.02 9.12
CA ARG A 33 -4.85 3.80 10.27
C ARG A 33 -4.39 5.26 10.13
N GLU A 34 -3.15 5.44 9.73
CA GLU A 34 -2.61 6.82 9.54
C GLU A 34 -3.36 7.49 8.38
N LEU A 35 -3.66 6.73 7.35
CA LEU A 35 -4.41 7.27 6.18
C LEU A 35 -5.89 7.48 6.54
N LYS A 36 -6.31 7.07 7.71
CA LYS A 36 -7.74 7.24 8.13
C LYS A 36 -8.65 6.50 7.16
N VAL A 37 -8.35 5.25 6.91
CA VAL A 37 -9.20 4.44 5.99
C VAL A 37 -10.51 4.06 6.68
N SER A 38 -11.50 3.66 5.91
CA SER A 38 -12.82 3.28 6.52
C SER A 38 -12.64 2.22 7.60
N GLU A 39 -13.01 2.55 8.81
CA GLU A 39 -12.90 1.57 9.93
C GLU A 39 -13.75 0.34 9.61
N ALA A 40 -14.90 0.57 9.02
CA ALA A 40 -15.80 -0.59 8.67
C ALA A 40 -15.07 -1.54 7.73
N LYS A 41 -14.54 -1.03 6.65
CA LYS A 41 -13.79 -1.91 5.69
C LYS A 41 -12.55 -2.50 6.36
N MET A 42 -11.80 -1.67 7.05
CA MET A 42 -10.57 -2.16 7.74
C MET A 42 -10.94 -3.25 8.75
N ASP A 43 -11.95 -3.00 9.54
CA ASP A 43 -12.39 -4.01 10.54
C ASP A 43 -12.85 -5.31 9.86
N GLY A 44 -13.54 -5.20 8.75
CA GLY A 44 -14.02 -6.42 8.05
C GLY A 44 -12.89 -7.13 7.32
N ILE A 45 -12.00 -6.41 6.69
CA ILE A 45 -10.88 -7.08 5.95
C ILE A 45 -10.03 -7.92 6.93
N GLU A 46 -9.62 -7.35 8.04
CA GLU A 46 -8.79 -8.11 9.02
C GLU A 46 -9.55 -9.32 9.59
N GLU A 47 -10.79 -9.15 10.00
CA GLU A 47 -11.55 -10.30 10.58
C GLU A 47 -11.92 -11.34 9.52
N LYS A 48 -12.32 -10.90 8.34
CA LYS A 48 -12.71 -11.87 7.27
C LYS A 48 -11.48 -12.62 6.75
N TYR A 49 -10.39 -11.93 6.59
CA TYR A 49 -9.15 -12.57 6.06
C TYR A 49 -7.96 -12.24 6.97
N PRO A 50 -7.92 -12.86 8.13
CA PRO A 50 -6.82 -12.59 9.08
C PRO A 50 -5.53 -13.32 8.67
N ARG A 51 -5.63 -14.35 7.86
CA ARG A 51 -4.41 -15.10 7.44
C ARG A 51 -3.93 -14.66 6.05
N SER A 52 -4.73 -13.95 5.30
CA SER A 52 -4.29 -13.53 3.93
C SER A 52 -3.73 -12.12 3.93
N LEU A 53 -2.47 -12.02 3.63
CA LEU A 53 -1.81 -10.68 3.57
C LEU A 53 -2.48 -9.87 2.47
N SER A 54 -2.70 -10.49 1.34
CA SER A 54 -3.35 -9.80 0.18
C SER A 54 -4.76 -9.31 0.50
N GLU A 55 -5.59 -10.17 1.06
CA GLU A 55 -7.01 -9.77 1.33
C GLU A 55 -7.11 -8.65 2.36
N ARG A 56 -6.30 -8.70 3.38
CA ARG A 56 -6.38 -7.66 4.47
C ARG A 56 -5.90 -6.30 3.98
N VAL A 57 -4.70 -6.21 3.49
CA VAL A 57 -4.14 -4.89 3.02
C VAL A 57 -4.84 -4.33 1.77
N ARG A 58 -5.20 -5.17 0.83
CA ARG A 58 -5.83 -4.67 -0.45
C ARG A 58 -6.95 -3.65 -0.19
N GLU A 59 -7.88 -3.94 0.67
CA GLU A 59 -8.98 -2.95 0.95
C GLU A 59 -8.38 -1.64 1.49
N SER A 60 -7.49 -1.77 2.44
CA SER A 60 -6.84 -0.55 3.02
C SER A 60 -6.05 0.20 1.94
N LEU A 61 -5.39 -0.52 1.07
CA LEU A 61 -4.60 0.13 -0.01
C LEU A 61 -5.54 0.77 -1.04
N LYS A 62 -6.65 0.14 -1.32
CA LYS A 62 -7.60 0.70 -2.33
C LYS A 62 -8.09 2.09 -1.93
N VAL A 63 -8.56 2.25 -0.71
CA VAL A 63 -9.04 3.61 -0.29
C VAL A 63 -7.88 4.61 -0.27
N TRP A 64 -6.75 4.24 0.27
CA TRP A 64 -5.58 5.18 0.30
C TRP A 64 -5.16 5.53 -1.14
N LYS A 65 -4.97 4.56 -2.00
CA LYS A 65 -4.55 4.88 -3.40
C LYS A 65 -5.60 5.77 -4.10
N ASN A 66 -6.86 5.59 -3.79
CA ASN A 66 -7.92 6.43 -4.42
C ASN A 66 -7.69 7.91 -4.08
N ALA A 67 -7.32 8.20 -2.86
CA ALA A 67 -7.08 9.62 -2.48
C ALA A 67 -5.88 10.16 -3.27
N GLU A 68 -4.82 9.39 -3.35
CA GLU A 68 -3.61 9.83 -4.12
C GLU A 68 -3.85 9.71 -5.64
N LYS A 69 -3.48 10.73 -6.38
CA LYS A 69 -3.67 10.68 -7.86
C LYS A 69 -2.30 10.48 -8.54
N LYS A 70 -1.53 11.55 -8.71
CA LYS A 70 -0.19 11.41 -9.37
C LYS A 70 0.78 10.66 -8.45
N ASN A 71 0.73 10.96 -7.18
CA ASN A 71 1.64 10.26 -6.23
C ASN A 71 1.10 8.88 -5.87
N ALA A 72 0.06 8.41 -6.57
CA ALA A 72 -0.44 7.04 -6.31
C ALA A 72 0.65 6.04 -6.71
N SER A 73 1.65 6.49 -7.45
CA SER A 73 2.73 5.57 -7.86
C SER A 73 3.73 5.41 -6.71
N VAL A 74 4.80 4.72 -6.97
CA VAL A 74 5.81 4.49 -5.91
C VAL A 74 6.37 5.80 -5.36
N ALA A 75 6.76 6.74 -6.20
CA ALA A 75 7.32 8.05 -5.69
C ALA A 75 6.50 8.58 -4.51
N GLY A 76 5.22 8.36 -4.55
CA GLY A 76 4.39 8.81 -3.40
C GLY A 76 4.69 7.93 -2.20
N LEU A 77 4.31 6.68 -2.26
CA LEU A 77 4.57 5.77 -1.10
C LEU A 77 6.07 5.63 -0.77
N VAL A 78 6.95 5.44 -1.74
CA VAL A 78 8.41 5.26 -1.41
C VAL A 78 8.92 6.45 -0.62
N LYS A 79 8.53 7.62 -1.00
CA LYS A 79 8.97 8.83 -0.23
C LYS A 79 8.47 8.72 1.22
N ALA A 80 7.19 8.50 1.38
CA ALA A 80 6.59 8.38 2.74
C ALA A 80 7.04 7.12 3.49
N LEU A 81 6.92 5.97 2.90
CA LEU A 81 7.28 4.70 3.61
C LEU A 81 8.74 4.69 4.10
N ARG A 82 9.70 5.05 3.27
CA ARG A 82 11.12 5.03 3.73
C ARG A 82 11.40 6.12 4.76
N THR A 83 10.86 7.30 4.56
CA THR A 83 11.10 8.41 5.53
C THR A 83 10.61 8.02 6.92
N CYS A 84 9.48 7.38 7.00
CA CYS A 84 8.94 7.00 8.33
C CYS A 84 9.67 5.79 8.91
N ARG A 85 9.70 4.68 8.20
CA ARG A 85 10.42 3.46 8.75
C ARG A 85 10.37 2.24 7.80
N LEU A 86 9.54 2.27 6.79
CA LEU A 86 9.41 1.07 5.88
C LEU A 86 10.57 0.96 4.88
N ASN A 87 11.79 0.96 5.36
CA ASN A 87 12.97 0.84 4.45
C ASN A 87 12.86 -0.43 3.59
N LEU A 88 12.23 -1.46 4.09
CA LEU A 88 12.12 -2.74 3.30
C LEU A 88 11.45 -2.51 1.96
N VAL A 89 10.20 -2.11 1.95
CA VAL A 89 9.48 -1.92 0.66
C VAL A 89 10.19 -0.85 -0.19
N ALA A 90 10.82 0.12 0.44
CA ALA A 90 11.55 1.15 -0.34
C ALA A 90 12.65 0.47 -1.18
N ASP A 91 13.34 -0.48 -0.58
CA ASP A 91 14.41 -1.20 -1.32
C ASP A 91 13.85 -1.96 -2.52
N LEU A 92 12.70 -2.57 -2.39
CA LEU A 92 12.13 -3.36 -3.53
C LEU A 92 11.82 -2.44 -4.72
N VAL A 93 11.00 -1.44 -4.50
CA VAL A 93 10.66 -0.50 -5.62
C VAL A 93 11.92 0.23 -6.09
N GLU A 94 12.85 0.46 -5.20
CA GLU A 94 14.11 1.16 -5.58
C GLU A 94 14.89 0.34 -6.64
N GLU A 95 15.28 -0.87 -6.28
CA GLU A 95 16.05 -1.71 -7.22
C GLU A 95 15.21 -2.03 -8.47
N ALA A 96 13.91 -2.08 -8.30
CA ALA A 96 13.03 -2.37 -9.47
C ALA A 96 13.08 -1.22 -10.48
N GLN A 97 13.14 0.00 -10.00
CA GLN A 97 13.19 1.17 -10.93
C GLN A 97 14.55 1.23 -11.63
N GLU A 98 15.60 0.79 -10.98
CA GLU A 98 16.97 0.82 -11.60
C GLU A 98 17.31 2.24 -12.08
N SER A 99 16.99 3.23 -11.29
CA SER A 99 17.28 4.65 -11.67
C SER A 99 16.66 4.97 -13.05
N ALA A 5 -10.60 9.00 -11.99
CA ALA A 5 -10.82 9.20 -10.53
C ALA A 5 -9.79 8.40 -9.73
N ALA A 6 -9.96 7.10 -9.68
CA ALA A 6 -8.98 6.24 -8.94
C ALA A 6 -7.64 6.32 -9.67
N PRO A 7 -6.65 5.61 -9.18
CA PRO A 7 -5.31 5.65 -9.83
C PRO A 7 -5.41 5.19 -11.29
N PRO A 8 -5.22 6.12 -12.21
CA PRO A 8 -5.32 5.77 -13.65
C PRO A 8 -4.24 4.72 -13.99
N GLY A 9 -3.03 4.96 -13.56
CA GLY A 9 -1.94 3.96 -13.79
C GLY A 9 -1.92 2.94 -12.65
N GLU A 10 -3.02 2.29 -12.40
CA GLU A 10 -3.09 1.29 -11.29
C GLU A 10 -2.09 0.17 -11.53
N ALA A 11 -1.91 -0.24 -12.76
CA ALA A 11 -0.95 -1.33 -13.05
C ALA A 11 0.44 -0.96 -12.53
N TYR A 12 0.78 0.31 -12.49
CA TYR A 12 2.13 0.69 -11.96
C TYR A 12 2.18 0.49 -10.44
N LEU A 13 1.35 1.19 -9.70
CA LEU A 13 1.36 1.02 -8.22
C LEU A 13 0.96 -0.42 -7.87
N GLN A 14 0.17 -1.06 -8.72
CA GLN A 14 -0.23 -2.46 -8.43
C GLN A 14 1.01 -3.37 -8.46
N VAL A 15 1.88 -3.18 -9.43
CA VAL A 15 3.12 -4.01 -9.50
C VAL A 15 3.94 -3.76 -8.23
N ALA A 16 4.14 -2.50 -7.91
CA ALA A 16 4.91 -2.15 -6.68
C ALA A 16 4.16 -2.67 -5.47
N PHE A 17 2.88 -2.40 -5.39
CA PHE A 17 2.05 -2.88 -4.25
C PHE A 17 2.14 -4.40 -4.12
N ASP A 18 2.55 -5.10 -5.15
CA ASP A 18 2.63 -6.59 -5.07
C ASP A 18 3.95 -7.02 -4.43
N ILE A 19 5.06 -6.56 -4.96
CA ILE A 19 6.37 -6.97 -4.37
C ILE A 19 6.46 -6.49 -2.93
N VAL A 20 6.03 -5.28 -2.67
CA VAL A 20 6.09 -4.75 -1.29
C VAL A 20 5.09 -5.49 -0.38
N CYS A 21 3.91 -5.77 -0.89
CA CYS A 21 2.89 -6.49 -0.08
C CYS A 21 3.39 -7.86 0.32
N ASP A 22 3.88 -8.60 -0.63
CA ASP A 22 4.41 -9.95 -0.31
C ASP A 22 5.63 -9.81 0.61
N ASN A 23 6.20 -8.62 0.70
CA ASN A 23 7.39 -8.41 1.57
C ASN A 23 6.95 -8.02 2.99
N VAL A 24 5.99 -7.15 3.09
CA VAL A 24 5.52 -6.69 4.44
C VAL A 24 4.11 -6.10 4.33
N GLY A 25 3.29 -6.69 3.51
CA GLY A 25 1.91 -6.20 3.25
C GLY A 25 1.23 -5.69 4.54
N ARG A 26 1.51 -6.31 5.67
CA ARG A 26 0.87 -5.88 6.95
C ARG A 26 1.24 -4.42 7.28
N ASP A 27 2.34 -3.94 6.73
CA ASP A 27 2.74 -2.53 7.02
C ASP A 27 1.68 -1.59 6.42
N TRP A 28 0.93 -2.05 5.46
CA TRP A 28 -0.14 -1.20 4.87
C TRP A 28 -1.23 -1.01 5.91
N LYS A 29 -1.43 -1.98 6.77
CA LYS A 29 -2.46 -1.83 7.84
C LYS A 29 -1.99 -0.69 8.75
N ARG A 30 -0.71 -0.65 9.02
CA ARG A 30 -0.14 0.46 9.86
C ARG A 30 -0.30 1.80 9.14
N LEU A 31 0.15 1.85 7.90
CA LEU A 31 0.05 3.12 7.11
C LEU A 31 -1.42 3.40 6.77
N ALA A 32 -2.23 2.37 6.67
CA ALA A 32 -3.68 2.57 6.36
C ALA A 32 -4.30 3.44 7.44
N ARG A 33 -4.00 3.12 8.69
CA ARG A 33 -4.54 3.94 9.81
C ARG A 33 -4.03 5.38 9.66
N GLU A 34 -2.79 5.52 9.27
CA GLU A 34 -2.22 6.88 9.05
C GLU A 34 -2.97 7.55 7.89
N LEU A 35 -3.30 6.78 6.88
CA LEU A 35 -4.05 7.35 5.71
C LEU A 35 -5.53 7.59 6.08
N LYS A 36 -5.94 7.21 7.27
CA LYS A 36 -7.37 7.42 7.69
C LYS A 36 -8.31 6.71 6.73
N VAL A 37 -8.05 5.45 6.47
CA VAL A 37 -8.93 4.68 5.54
C VAL A 37 -10.27 4.38 6.23
N SER A 38 -11.32 4.23 5.46
CA SER A 38 -12.66 3.95 6.08
C SER A 38 -12.60 2.73 6.98
N GLU A 39 -13.08 2.87 8.20
CA GLU A 39 -13.07 1.72 9.15
C GLU A 39 -13.85 0.54 8.56
N ALA A 40 -14.76 0.82 7.64
CA ALA A 40 -15.55 -0.28 7.02
C ALA A 40 -14.61 -1.32 6.38
N LYS A 41 -13.74 -0.89 5.50
CA LYS A 41 -12.78 -1.85 4.86
C LYS A 41 -11.88 -2.48 5.91
N MET A 42 -11.34 -1.69 6.81
CA MET A 42 -10.47 -2.25 7.88
C MET A 42 -11.26 -3.26 8.71
N ASP A 43 -12.51 -2.95 8.99
CA ASP A 43 -13.35 -3.89 9.79
C ASP A 43 -13.45 -5.25 9.09
N GLY A 44 -13.66 -5.26 7.80
CA GLY A 44 -13.75 -6.57 7.06
C GLY A 44 -12.37 -7.18 6.87
N ILE A 45 -11.37 -6.38 6.63
CA ILE A 45 -10.00 -6.93 6.43
C ILE A 45 -9.60 -7.84 7.61
N GLU A 46 -9.49 -7.28 8.79
CA GLU A 46 -9.11 -8.10 9.98
C GLU A 46 -10.17 -9.18 10.30
N GLU A 47 -11.43 -8.84 10.23
CA GLU A 47 -12.52 -9.83 10.57
C GLU A 47 -12.61 -10.97 9.55
N LYS A 48 -12.82 -10.65 8.30
CA LYS A 48 -12.97 -11.73 7.26
C LYS A 48 -11.65 -12.48 7.03
N TYR A 49 -10.55 -11.78 7.02
CA TYR A 49 -9.23 -12.46 6.77
C TYR A 49 -8.44 -12.61 8.07
N PRO A 50 -8.23 -13.84 8.51
CA PRO A 50 -7.49 -14.08 9.74
C PRO A 50 -5.98 -14.20 9.47
N ARG A 51 -5.58 -14.51 8.26
CA ARG A 51 -4.12 -14.64 7.98
C ARG A 51 -3.78 -14.39 6.50
N SER A 52 -4.64 -13.72 5.77
CA SER A 52 -4.33 -13.45 4.33
C SER A 52 -3.69 -12.08 4.16
N LEU A 53 -2.42 -12.06 3.88
CA LEU A 53 -1.71 -10.76 3.68
C LEU A 53 -2.35 -10.03 2.51
N SER A 54 -2.59 -10.74 1.45
CA SER A 54 -3.20 -10.13 0.23
C SER A 54 -4.63 -9.63 0.48
N GLU A 55 -5.46 -10.42 1.11
CA GLU A 55 -6.88 -10.00 1.35
C GLU A 55 -7.00 -8.77 2.26
N ARG A 56 -6.21 -8.69 3.28
CA ARG A 56 -6.31 -7.54 4.22
C ARG A 56 -5.81 -6.24 3.58
N VAL A 57 -4.61 -6.24 3.09
CA VAL A 57 -4.03 -4.99 2.49
C VAL A 57 -4.75 -4.53 1.22
N ARG A 58 -5.11 -5.43 0.33
CA ARG A 58 -5.78 -4.98 -0.95
C ARG A 58 -6.97 -4.07 -0.68
N GLU A 59 -7.82 -4.41 0.25
CA GLU A 59 -8.99 -3.51 0.55
C GLU A 59 -8.49 -2.16 1.06
N SER A 60 -7.60 -2.17 2.02
CA SER A 60 -7.05 -0.90 2.55
C SER A 60 -6.32 -0.15 1.44
N LEU A 61 -5.61 -0.87 0.60
CA LEU A 61 -4.89 -0.22 -0.53
C LEU A 61 -5.90 0.33 -1.55
N LYS A 62 -7.02 -0.32 -1.70
CA LYS A 62 -8.04 0.16 -2.69
C LYS A 62 -8.48 1.58 -2.34
N VAL A 63 -8.89 1.80 -1.11
CA VAL A 63 -9.34 3.16 -0.72
C VAL A 63 -8.16 4.14 -0.71
N TRP A 64 -7.02 3.73 -0.20
CA TRP A 64 -5.83 4.64 -0.17
C TRP A 64 -5.46 5.03 -1.62
N LYS A 65 -5.28 4.06 -2.49
CA LYS A 65 -4.92 4.40 -3.90
C LYS A 65 -6.02 5.22 -4.57
N ASN A 66 -7.27 4.86 -4.35
CA ASN A 66 -8.40 5.64 -4.96
C ASN A 66 -8.38 7.08 -4.45
N ALA A 67 -8.13 7.26 -3.19
CA ALA A 67 -8.09 8.65 -2.63
C ALA A 67 -6.88 9.37 -3.22
N GLU A 68 -5.73 8.73 -3.22
CA GLU A 68 -4.52 9.37 -3.80
C GLU A 68 -4.61 9.40 -5.32
N LYS A 69 -4.10 10.43 -5.93
CA LYS A 69 -4.12 10.52 -7.42
C LYS A 69 -2.68 10.37 -7.92
N LYS A 70 -1.92 11.44 -7.98
CA LYS A 70 -0.49 11.32 -8.42
C LYS A 70 0.30 10.56 -7.34
N ASN A 71 -0.13 10.66 -6.11
CA ASN A 71 0.58 9.94 -5.01
C ASN A 71 0.27 8.44 -5.06
N ALA A 72 -0.73 8.05 -5.82
CA ALA A 72 -1.07 6.60 -5.91
C ALA A 72 0.08 5.84 -6.56
N SER A 73 1.02 6.53 -7.17
CA SER A 73 2.15 5.82 -7.82
C SER A 73 3.21 5.47 -6.77
N VAL A 74 4.22 4.77 -7.18
CA VAL A 74 5.28 4.38 -6.21
C VAL A 74 5.94 5.62 -5.59
N ALA A 75 6.33 6.60 -6.39
CA ALA A 75 6.98 7.83 -5.83
C ALA A 75 6.20 8.35 -4.63
N GLY A 76 4.90 8.21 -4.66
CA GLY A 76 4.07 8.65 -3.51
C GLY A 76 4.37 7.74 -2.33
N LEU A 77 4.05 6.47 -2.46
CA LEU A 77 4.31 5.53 -1.34
C LEU A 77 5.80 5.42 -1.01
N VAL A 78 6.64 5.03 -1.97
CA VAL A 78 8.10 4.85 -1.68
C VAL A 78 8.68 6.02 -0.90
N LYS A 79 8.32 7.22 -1.26
CA LYS A 79 8.82 8.40 -0.50
C LYS A 79 8.34 8.25 0.95
N ALA A 80 7.09 7.94 1.10
CA ALA A 80 6.49 7.74 2.46
C ALA A 80 7.12 6.52 3.17
N LEU A 81 7.37 5.43 2.48
CA LEU A 81 7.93 4.19 3.15
C LEU A 81 9.27 4.47 3.82
N ARG A 82 10.25 4.85 3.04
CA ARG A 82 11.59 5.12 3.62
C ARG A 82 11.49 6.30 4.59
N THR A 83 10.61 7.22 4.32
CA THR A 83 10.43 8.38 5.26
C THR A 83 9.70 7.91 6.52
N CYS A 84 8.76 6.99 6.39
CA CYS A 84 8.00 6.51 7.59
C CYS A 84 8.66 5.26 8.21
N ARG A 85 9.85 4.90 7.78
CA ARG A 85 10.59 3.70 8.32
C ARG A 85 10.02 2.40 7.74
N LEU A 86 10.15 2.25 6.46
CA LEU A 86 9.67 1.03 5.76
C LEU A 86 10.67 0.71 4.64
N ASN A 87 11.93 0.78 4.96
CA ASN A 87 13.01 0.53 3.96
C ASN A 87 12.78 -0.77 3.19
N LEU A 88 12.15 -1.73 3.81
CA LEU A 88 11.90 -3.04 3.12
C LEU A 88 11.19 -2.82 1.78
N VAL A 89 10.04 -2.22 1.82
CA VAL A 89 9.28 -1.95 0.55
C VAL A 89 10.02 -0.91 -0.28
N ALA A 90 10.59 0.09 0.34
CA ALA A 90 11.34 1.12 -0.41
C ALA A 90 12.51 0.48 -1.16
N ASP A 91 13.20 -0.44 -0.54
CA ASP A 91 14.33 -1.12 -1.22
C ASP A 91 13.86 -1.87 -2.47
N LEU A 92 12.74 -2.54 -2.40
CA LEU A 92 12.26 -3.31 -3.59
C LEU A 92 11.91 -2.37 -4.73
N VAL A 93 11.05 -1.41 -4.48
CA VAL A 93 10.68 -0.44 -5.54
C VAL A 93 11.93 0.33 -5.99
N GLU A 94 12.78 0.70 -5.07
CA GLU A 94 14.04 1.41 -5.45
C GLU A 94 14.86 0.55 -6.41
N GLU A 95 15.11 -0.67 -6.01
CA GLU A 95 15.89 -1.61 -6.88
C GLU A 95 15.05 -2.01 -8.10
N ALA A 96 13.75 -1.93 -8.01
CA ALA A 96 12.88 -2.32 -9.15
C ALA A 96 13.02 -1.34 -10.33
N GLN A 97 13.61 -0.19 -10.12
CA GLN A 97 13.75 0.79 -11.25
C GLN A 97 14.89 1.79 -11.01
N GLU A 98 15.10 2.20 -9.78
CA GLU A 98 16.19 3.19 -9.46
C GLU A 98 16.04 4.45 -10.34
N SER A 99 14.85 5.01 -10.38
CA SER A 99 14.61 6.23 -11.21
C SER A 99 15.07 6.03 -12.64
N ALA A 5 -10.33 9.62 -11.38
CA ALA A 5 -10.43 9.88 -9.91
C ALA A 5 -9.47 8.97 -9.14
N ALA A 6 -9.70 7.69 -9.20
CA ALA A 6 -8.79 6.72 -8.50
C ALA A 6 -7.41 6.81 -9.16
N PRO A 7 -6.48 5.98 -8.75
CA PRO A 7 -5.13 6.04 -9.35
C PRO A 7 -5.23 5.68 -10.84
N PRO A 8 -5.00 6.66 -11.71
CA PRO A 8 -5.06 6.40 -13.16
C PRO A 8 -4.02 5.35 -13.53
N GLY A 9 -2.79 5.54 -13.13
CA GLY A 9 -1.75 4.51 -13.41
C GLY A 9 -1.78 3.45 -12.30
N GLU A 10 -2.93 2.86 -12.05
CA GLU A 10 -3.02 1.81 -10.99
C GLU A 10 -2.10 0.64 -11.33
N ALA A 11 -1.95 0.33 -12.59
CA ALA A 11 -1.07 -0.80 -12.98
C ALA A 11 0.35 -0.55 -12.44
N TYR A 12 0.87 0.64 -12.61
CA TYR A 12 2.23 0.93 -12.08
C TYR A 12 2.22 0.82 -10.55
N LEU A 13 1.28 1.48 -9.93
CA LEU A 13 1.19 1.43 -8.44
C LEU A 13 0.97 -0.01 -7.97
N GLN A 14 0.16 -0.76 -8.66
CA GLN A 14 -0.09 -2.17 -8.25
C GLN A 14 1.23 -2.96 -8.29
N VAL A 15 2.05 -2.72 -9.28
CA VAL A 15 3.35 -3.45 -9.37
C VAL A 15 4.19 -3.16 -8.11
N ALA A 16 4.28 -1.90 -7.73
CA ALA A 16 5.05 -1.57 -6.49
C ALA A 16 4.34 -2.16 -5.28
N PHE A 17 3.05 -1.96 -5.18
CA PHE A 17 2.25 -2.52 -4.05
C PHE A 17 2.41 -4.05 -3.99
N ASP A 18 2.81 -4.67 -5.07
CA ASP A 18 2.95 -6.16 -5.06
C ASP A 18 4.30 -6.58 -4.48
N ILE A 19 5.38 -6.04 -4.99
CA ILE A 19 6.71 -6.44 -4.46
C ILE A 19 6.80 -6.08 -2.97
N VAL A 20 6.32 -4.93 -2.63
CA VAL A 20 6.37 -4.50 -1.21
C VAL A 20 5.40 -5.32 -0.34
N CYS A 21 4.23 -5.61 -0.85
CA CYS A 21 3.23 -6.38 -0.05
C CYS A 21 3.69 -7.81 0.19
N ASP A 22 4.02 -8.52 -0.85
CA ASP A 22 4.47 -9.93 -0.65
C ASP A 22 5.74 -9.98 0.21
N ASN A 23 6.42 -8.86 0.34
CA ASN A 23 7.64 -8.82 1.20
C ASN A 23 7.23 -8.45 2.62
N VAL A 24 6.30 -7.54 2.72
CA VAL A 24 5.81 -7.10 4.04
C VAL A 24 4.51 -6.33 3.84
N GLY A 25 3.44 -7.01 3.50
CA GLY A 25 2.16 -6.31 3.27
C GLY A 25 1.47 -5.91 4.58
N ARG A 26 1.89 -6.47 5.68
CA ARG A 26 1.25 -6.11 6.98
C ARG A 26 1.53 -4.62 7.32
N ASP A 27 2.55 -4.05 6.70
CA ASP A 27 2.88 -2.62 6.97
C ASP A 27 1.77 -1.72 6.41
N TRP A 28 0.99 -2.21 5.47
CA TRP A 28 -0.14 -1.40 4.93
C TRP A 28 -1.23 -1.30 5.98
N LYS A 29 -1.36 -2.31 6.81
CA LYS A 29 -2.37 -2.24 7.90
C LYS A 29 -1.96 -1.12 8.84
N ARG A 30 -0.68 -1.02 9.09
CA ARG A 30 -0.14 0.08 9.95
C ARG A 30 -0.36 1.42 9.26
N LEU A 31 0.01 1.51 8.00
CA LEU A 31 -0.14 2.79 7.24
C LEU A 31 -1.62 3.07 6.96
N ALA A 32 -2.41 2.04 6.81
CA ALA A 32 -3.87 2.24 6.54
C ALA A 32 -4.49 3.02 7.70
N ARG A 33 -4.22 2.60 8.90
CA ARG A 33 -4.76 3.34 10.09
C ARG A 33 -4.22 4.77 10.05
N GLU A 34 -2.96 4.92 9.68
CA GLU A 34 -2.35 6.28 9.58
C GLU A 34 -3.07 7.07 8.49
N LEU A 35 -3.39 6.41 7.40
CA LEU A 35 -4.12 7.09 6.28
C LEU A 35 -5.58 7.33 6.66
N LYS A 36 -6.02 6.84 7.81
CA LYS A 36 -7.44 7.03 8.25
C LYS A 36 -8.39 6.43 7.23
N VAL A 37 -8.15 5.20 6.84
CA VAL A 37 -9.04 4.53 5.86
C VAL A 37 -10.37 4.15 6.52
N SER A 38 -11.39 3.91 5.74
CA SER A 38 -12.72 3.56 6.32
C SER A 38 -12.59 2.40 7.32
N GLU A 39 -12.87 2.67 8.57
CA GLU A 39 -12.78 1.61 9.62
C GLU A 39 -13.74 0.47 9.28
N ALA A 40 -14.85 0.80 8.66
CA ALA A 40 -15.84 -0.26 8.28
C ALA A 40 -15.17 -1.32 7.41
N LYS A 41 -14.48 -0.90 6.38
CA LYS A 41 -13.78 -1.87 5.48
C LYS A 41 -12.75 -2.67 6.27
N MET A 42 -11.97 -1.99 7.09
CA MET A 42 -10.94 -2.70 7.90
C MET A 42 -11.61 -3.74 8.80
N ASP A 43 -12.74 -3.39 9.37
CA ASP A 43 -13.46 -4.33 10.28
C ASP A 43 -13.82 -5.62 9.51
N GLY A 44 -14.27 -5.49 8.29
CA GLY A 44 -14.62 -6.72 7.51
C GLY A 44 -13.38 -7.40 6.95
N ILE A 45 -12.47 -6.66 6.35
CA ILE A 45 -11.25 -7.29 5.78
C ILE A 45 -10.45 -8.01 6.90
N GLU A 46 -10.19 -7.33 7.99
CA GLU A 46 -9.43 -7.97 9.10
C GLU A 46 -10.18 -9.19 9.66
N GLU A 47 -11.45 -9.04 9.97
CA GLU A 47 -12.22 -10.19 10.54
C GLU A 47 -12.44 -11.28 9.49
N LYS A 48 -12.72 -10.90 8.26
CA LYS A 48 -12.95 -11.92 7.19
C LYS A 48 -11.63 -12.61 6.84
N TYR A 49 -10.56 -11.88 6.79
CA TYR A 49 -9.24 -12.47 6.45
C TYR A 49 -8.33 -12.43 7.68
N PRO A 50 -8.29 -13.53 8.42
CA PRO A 50 -7.48 -13.57 9.65
C PRO A 50 -5.98 -13.74 9.35
N ARG A 51 -5.61 -14.18 8.16
CA ARG A 51 -4.15 -14.37 7.88
C ARG A 51 -3.80 -14.15 6.41
N SER A 52 -4.68 -13.54 5.64
CA SER A 52 -4.35 -13.29 4.21
C SER A 52 -3.77 -11.90 4.03
N LEU A 53 -2.50 -11.84 3.73
CA LEU A 53 -1.83 -10.52 3.53
C LEU A 53 -2.50 -9.80 2.35
N SER A 54 -2.72 -10.54 1.29
CA SER A 54 -3.34 -9.95 0.07
C SER A 54 -4.76 -9.41 0.31
N GLU A 55 -5.60 -10.17 0.98
CA GLU A 55 -7.02 -9.73 1.18
C GLU A 55 -7.13 -8.50 2.11
N ARG A 56 -6.35 -8.45 3.15
CA ARG A 56 -6.47 -7.31 4.12
C ARG A 56 -5.88 -6.02 3.53
N VAL A 57 -4.70 -6.08 2.99
CA VAL A 57 -4.06 -4.86 2.43
C VAL A 57 -4.82 -4.28 1.23
N ARG A 58 -5.32 -5.11 0.35
CA ARG A 58 -6.03 -4.58 -0.87
C ARG A 58 -7.17 -3.64 -0.50
N GLU A 59 -8.03 -4.01 0.42
CA GLU A 59 -9.16 -3.09 0.80
C GLU A 59 -8.61 -1.76 1.33
N SER A 60 -7.70 -1.82 2.25
CA SER A 60 -7.10 -0.58 2.82
C SER A 60 -6.28 0.13 1.75
N LEU A 61 -5.61 -0.62 0.91
CA LEU A 61 -4.78 -0.01 -0.16
C LEU A 61 -5.68 0.62 -1.24
N LYS A 62 -6.77 0.00 -1.56
CA LYS A 62 -7.68 0.56 -2.62
C LYS A 62 -8.20 1.94 -2.21
N VAL A 63 -8.69 2.09 -1.00
CA VAL A 63 -9.20 3.43 -0.59
C VAL A 63 -8.07 4.46 -0.54
N TRP A 64 -6.93 4.12 0.03
CA TRP A 64 -5.80 5.09 0.08
C TRP A 64 -5.35 5.45 -1.35
N LYS A 65 -5.10 4.46 -2.19
CA LYS A 65 -4.67 4.77 -3.59
C LYS A 65 -5.75 5.59 -4.31
N ASN A 66 -7.00 5.30 -4.04
CA ASN A 66 -8.12 6.06 -4.70
C ASN A 66 -8.02 7.55 -4.36
N ALA A 67 -7.72 7.88 -3.14
CA ALA A 67 -7.62 9.31 -2.76
C ALA A 67 -6.44 9.95 -3.48
N GLU A 68 -5.28 9.35 -3.40
CA GLU A 68 -4.08 9.90 -4.10
C GLU A 68 -4.14 9.64 -5.61
N LYS A 69 -4.18 10.67 -6.41
CA LYS A 69 -4.18 10.48 -7.88
C LYS A 69 -2.74 10.57 -8.37
N LYS A 70 -2.18 11.76 -8.41
CA LYS A 70 -0.74 11.90 -8.81
C LYS A 70 0.13 11.27 -7.73
N ASN A 71 -0.26 11.45 -6.48
CA ASN A 71 0.52 10.87 -5.35
C ASN A 71 0.31 9.35 -5.26
N ALA A 72 -0.54 8.78 -6.10
CA ALA A 72 -0.72 7.30 -6.07
C ALA A 72 0.51 6.60 -6.64
N SER A 73 1.49 7.33 -7.11
CA SER A 73 2.69 6.66 -7.67
C SER A 73 3.64 6.29 -6.53
N VAL A 74 4.63 5.50 -6.83
CA VAL A 74 5.59 5.07 -5.78
C VAL A 74 6.29 6.28 -5.16
N ALA A 75 6.77 7.21 -5.97
CA ALA A 75 7.47 8.42 -5.41
C ALA A 75 6.68 9.02 -4.25
N GLY A 76 5.38 8.94 -4.33
CA GLY A 76 4.55 9.46 -3.23
C GLY A 76 4.75 8.56 -2.01
N LEU A 77 4.27 7.35 -2.08
CA LEU A 77 4.44 6.43 -0.92
C LEU A 77 5.92 6.19 -0.59
N VAL A 78 6.75 5.76 -1.51
CA VAL A 78 8.18 5.44 -1.16
C VAL A 78 8.83 6.60 -0.41
N LYS A 79 8.54 7.80 -0.78
CA LYS A 79 9.12 8.95 -0.06
C LYS A 79 8.67 8.95 1.41
N ALA A 80 7.38 9.05 1.63
CA ALA A 80 6.85 9.06 3.04
C ALA A 80 7.06 7.72 3.74
N LEU A 81 6.81 6.67 3.02
CA LEU A 81 6.92 5.28 3.58
C LEU A 81 8.29 4.97 4.21
N ARG A 82 9.35 5.04 3.44
CA ARG A 82 10.69 4.70 4.00
C ARG A 82 11.13 5.75 5.01
N THR A 83 10.67 6.97 4.84
CA THR A 83 11.06 8.05 5.81
C THR A 83 10.59 7.68 7.22
N CYS A 84 9.43 7.12 7.33
CA CYS A 84 8.91 6.74 8.67
C CYS A 84 9.65 5.52 9.19
N ARG A 85 9.57 4.41 8.49
CA ARG A 85 10.31 3.16 8.97
C ARG A 85 10.19 1.96 8.02
N LEU A 86 9.65 2.14 6.84
CA LEU A 86 9.47 0.98 5.91
C LEU A 86 10.65 0.85 4.94
N ASN A 87 11.85 0.75 5.46
CA ASN A 87 13.06 0.63 4.59
C ASN A 87 12.96 -0.60 3.68
N LEU A 88 12.37 -1.68 4.17
CA LEU A 88 12.27 -2.93 3.34
C LEU A 88 11.61 -2.66 1.99
N VAL A 89 10.38 -2.23 2.01
CA VAL A 89 9.64 -1.97 0.75
C VAL A 89 10.35 -0.89 -0.07
N ALA A 90 10.99 0.05 0.58
CA ALA A 90 11.72 1.11 -0.17
C ALA A 90 12.76 0.47 -1.09
N ASP A 91 13.47 -0.50 -0.58
CA ASP A 91 14.49 -1.22 -1.41
C ASP A 91 13.82 -1.93 -2.58
N LEU A 92 12.71 -2.58 -2.36
CA LEU A 92 12.02 -3.31 -3.47
C LEU A 92 11.58 -2.33 -4.56
N VAL A 93 10.88 -1.29 -4.20
CA VAL A 93 10.43 -0.29 -5.22
C VAL A 93 11.65 0.37 -5.84
N GLU A 94 12.63 0.70 -5.04
CA GLU A 94 13.87 1.33 -5.59
C GLU A 94 14.53 0.38 -6.59
N GLU A 95 14.77 -0.84 -6.19
CA GLU A 95 15.38 -1.85 -7.10
C GLU A 95 14.49 -2.06 -8.32
N ALA A 96 13.20 -2.10 -8.11
CA ALA A 96 12.26 -2.28 -9.26
C ALA A 96 12.37 -1.07 -10.19
N GLN A 97 12.54 0.10 -9.64
CA GLN A 97 12.65 1.34 -10.48
C GLN A 97 14.05 1.45 -11.12
N GLU A 98 14.99 0.64 -10.69
CA GLU A 98 16.37 0.69 -11.27
C GLU A 98 16.93 2.11 -11.22
N SER A 99 16.68 2.82 -10.14
CA SER A 99 17.19 4.23 -10.01
C SER A 99 16.80 5.08 -11.23
N ALA A 5 -11.49 8.24 -12.21
CA ALA A 5 -11.67 8.80 -10.83
C ALA A 5 -10.49 8.41 -9.95
N ALA A 6 -10.30 7.15 -9.73
CA ALA A 6 -9.15 6.68 -8.90
C ALA A 6 -7.86 7.00 -9.66
N PRO A 7 -6.72 6.60 -9.13
CA PRO A 7 -5.46 6.90 -9.84
C PRO A 7 -5.43 6.16 -11.17
N PRO A 8 -5.51 6.90 -12.26
CA PRO A 8 -5.50 6.27 -13.61
C PRO A 8 -4.21 5.47 -13.83
N GLY A 9 -3.14 5.85 -13.19
CA GLY A 9 -1.85 5.08 -13.34
C GLY A 9 -1.77 3.95 -12.31
N GLU A 10 -2.87 3.33 -11.97
CA GLU A 10 -2.86 2.22 -10.96
C GLU A 10 -2.00 1.05 -11.45
N ALA A 11 -1.88 0.88 -12.75
CA ALA A 11 -1.06 -0.27 -13.26
C ALA A 11 0.37 -0.20 -12.71
N TYR A 12 1.01 0.93 -12.81
CA TYR A 12 2.39 1.07 -12.26
C TYR A 12 2.36 0.83 -10.76
N LEU A 13 1.44 1.48 -10.08
CA LEU A 13 1.33 1.31 -8.60
C LEU A 13 1.05 -0.16 -8.26
N GLN A 14 0.22 -0.82 -9.03
CA GLN A 14 -0.09 -2.25 -8.72
C GLN A 14 1.19 -3.07 -8.73
N VAL A 15 2.09 -2.78 -9.65
CA VAL A 15 3.38 -3.54 -9.67
C VAL A 15 4.11 -3.30 -8.34
N ALA A 16 4.11 -2.07 -7.86
CA ALA A 16 4.78 -1.79 -6.56
C ALA A 16 3.96 -2.42 -5.43
N PHE A 17 2.70 -2.09 -5.31
CA PHE A 17 1.84 -2.71 -4.24
C PHE A 17 1.93 -4.23 -4.27
N ASP A 18 2.33 -4.82 -5.36
CA ASP A 18 2.40 -6.31 -5.41
C ASP A 18 3.71 -6.83 -4.81
N ILE A 19 4.83 -6.33 -5.26
CA ILE A 19 6.12 -6.81 -4.72
C ILE A 19 6.22 -6.44 -3.24
N VAL A 20 5.82 -5.25 -2.91
CA VAL A 20 5.89 -4.80 -1.51
C VAL A 20 4.88 -5.53 -0.61
N CYS A 21 3.69 -5.78 -1.12
CA CYS A 21 2.66 -6.48 -0.28
C CYS A 21 3.15 -7.86 0.10
N ASP A 22 3.64 -8.60 -0.86
CA ASP A 22 4.14 -9.96 -0.55
C ASP A 22 5.45 -9.86 0.27
N ASN A 23 6.02 -8.67 0.37
CA ASN A 23 7.29 -8.50 1.14
C ASN A 23 6.96 -8.18 2.61
N VAL A 24 5.96 -7.38 2.84
CA VAL A 24 5.59 -6.99 4.23
C VAL A 24 4.16 -6.45 4.26
N GLY A 25 3.32 -7.03 3.44
CA GLY A 25 1.89 -6.60 3.28
C GLY A 25 1.27 -6.00 4.57
N ARG A 26 1.55 -6.57 5.72
CA ARG A 26 0.95 -6.06 6.99
C ARG A 26 1.38 -4.60 7.28
N ASP A 27 2.46 -4.17 6.69
CA ASP A 27 2.94 -2.77 6.94
C ASP A 27 2.00 -1.75 6.26
N TRP A 28 1.12 -2.20 5.40
CA TRP A 28 0.18 -1.27 4.73
C TRP A 28 -1.06 -1.11 5.60
N LYS A 29 -1.42 -2.14 6.33
CA LYS A 29 -2.61 -2.04 7.21
C LYS A 29 -2.29 -1.05 8.33
N ARG A 30 -1.09 -1.12 8.89
CA ARG A 30 -0.73 -0.12 9.95
C ARG A 30 -0.68 1.27 9.30
N LEU A 31 -0.19 1.35 8.08
CA LEU A 31 -0.18 2.67 7.38
C LEU A 31 -1.62 3.02 6.96
N ALA A 32 -2.48 2.03 6.82
CA ALA A 32 -3.90 2.31 6.46
C ALA A 32 -4.52 3.21 7.53
N ARG A 33 -4.34 2.84 8.78
CA ARG A 33 -4.88 3.68 9.89
C ARG A 33 -4.23 5.06 9.80
N GLU A 34 -2.95 5.09 9.49
CA GLU A 34 -2.25 6.41 9.33
C GLU A 34 -2.89 7.16 8.14
N LEU A 35 -3.28 6.44 7.12
CA LEU A 35 -3.91 7.09 5.92
C LEU A 35 -5.37 7.48 6.23
N LYS A 36 -5.86 7.16 7.41
CA LYS A 36 -7.27 7.52 7.80
C LYS A 36 -8.27 6.76 6.93
N VAL A 37 -8.06 5.48 6.77
CA VAL A 37 -8.99 4.65 5.94
C VAL A 37 -10.29 4.41 6.73
N SER A 38 -11.39 4.21 6.05
CA SER A 38 -12.69 3.97 6.77
C SER A 38 -12.58 2.80 7.73
N GLU A 39 -12.83 3.03 8.99
CA GLU A 39 -12.77 1.94 10.00
C GLU A 39 -13.77 0.84 9.63
N ALA A 40 -14.87 1.21 9.03
CA ALA A 40 -15.89 0.20 8.63
C ALA A 40 -15.26 -0.84 7.70
N LYS A 41 -14.58 -0.38 6.68
CA LYS A 41 -13.93 -1.33 5.72
C LYS A 41 -12.89 -2.17 6.45
N MET A 42 -12.11 -1.55 7.31
CA MET A 42 -11.08 -2.32 8.09
C MET A 42 -11.76 -3.38 8.95
N ASP A 43 -12.88 -3.04 9.52
CA ASP A 43 -13.62 -4.02 10.38
C ASP A 43 -14.01 -5.26 9.57
N GLY A 44 -14.44 -5.08 8.34
CA GLY A 44 -14.82 -6.25 7.52
C GLY A 44 -13.60 -6.98 6.97
N ILE A 45 -12.64 -6.28 6.44
CA ILE A 45 -11.44 -6.98 5.89
C ILE A 45 -10.74 -7.79 7.00
N GLU A 46 -10.48 -7.19 8.13
CA GLU A 46 -9.80 -7.92 9.24
C GLU A 46 -10.62 -9.14 9.71
N GLU A 47 -11.89 -8.95 10.00
CA GLU A 47 -12.72 -10.09 10.48
C GLU A 47 -12.91 -11.13 9.39
N LYS A 48 -13.13 -10.70 8.17
CA LYS A 48 -13.33 -11.66 7.05
C LYS A 48 -12.02 -12.37 6.72
N TYR A 49 -10.91 -11.69 6.84
CA TYR A 49 -9.59 -12.31 6.52
C TYR A 49 -8.60 -12.12 7.67
N PRO A 50 -8.71 -12.96 8.67
CA PRO A 50 -7.82 -12.84 9.86
C PRO A 50 -6.38 -13.32 9.56
N ARG A 51 -6.11 -13.83 8.37
CA ARG A 51 -4.72 -14.32 8.08
C ARG A 51 -4.29 -14.11 6.61
N SER A 52 -5.09 -13.45 5.80
CA SER A 52 -4.68 -13.25 4.37
C SER A 52 -4.03 -11.88 4.20
N LEU A 53 -2.78 -11.86 3.86
CA LEU A 53 -2.06 -10.57 3.66
C LEU A 53 -2.71 -9.83 2.49
N SER A 54 -3.00 -10.56 1.45
CA SER A 54 -3.63 -9.95 0.24
C SER A 54 -5.03 -9.37 0.52
N GLU A 55 -5.88 -10.11 1.19
CA GLU A 55 -7.27 -9.62 1.46
C GLU A 55 -7.29 -8.40 2.39
N ARG A 56 -6.46 -8.39 3.40
CA ARG A 56 -6.48 -7.26 4.37
C ARG A 56 -5.95 -5.97 3.74
N VAL A 57 -4.77 -5.99 3.21
CA VAL A 57 -4.19 -4.75 2.61
C VAL A 57 -4.93 -4.25 1.36
N ARG A 58 -5.35 -5.13 0.48
CA ARG A 58 -6.03 -4.66 -0.78
C ARG A 58 -7.16 -3.66 -0.50
N GLU A 59 -8.06 -3.98 0.39
CA GLU A 59 -9.19 -3.04 0.68
C GLU A 59 -8.64 -1.71 1.21
N SER A 60 -7.77 -1.79 2.19
CA SER A 60 -7.17 -0.55 2.79
C SER A 60 -6.34 0.19 1.73
N LEU A 61 -5.61 -0.53 0.92
CA LEU A 61 -4.78 0.11 -0.12
C LEU A 61 -5.66 0.74 -1.20
N LYS A 62 -6.78 0.13 -1.48
CA LYS A 62 -7.69 0.69 -2.53
C LYS A 62 -8.16 2.09 -2.13
N VAL A 63 -8.72 2.24 -0.95
CA VAL A 63 -9.22 3.59 -0.52
C VAL A 63 -8.07 4.61 -0.48
N TRP A 64 -6.95 4.26 0.12
CA TRP A 64 -5.80 5.23 0.16
C TRP A 64 -5.36 5.52 -1.28
N LYS A 65 -5.17 4.48 -2.06
CA LYS A 65 -4.75 4.67 -3.48
C LYS A 65 -5.79 5.51 -4.26
N ASN A 66 -7.06 5.28 -4.01
CA ASN A 66 -8.11 6.07 -4.73
C ASN A 66 -8.01 7.55 -4.41
N ALA A 67 -7.73 7.89 -3.18
CA ALA A 67 -7.63 9.33 -2.79
C ALA A 67 -6.43 9.99 -3.45
N GLU A 68 -5.24 9.47 -3.21
CA GLU A 68 -4.02 10.08 -3.82
C GLU A 68 -3.99 9.84 -5.33
N LYS A 69 -3.93 10.89 -6.11
CA LYS A 69 -3.86 10.73 -7.59
C LYS A 69 -2.39 10.61 -7.99
N LYS A 70 -1.66 11.70 -7.95
CA LYS A 70 -0.22 11.66 -8.30
C LYS A 70 0.53 10.87 -7.21
N ASN A 71 0.08 10.98 -5.98
CA ASN A 71 0.74 10.24 -4.86
C ASN A 71 0.38 8.76 -4.90
N ALA A 72 -0.49 8.35 -5.82
CA ALA A 72 -0.84 6.89 -5.91
C ALA A 72 0.37 6.12 -6.45
N SER A 73 1.39 6.80 -6.93
CA SER A 73 2.56 6.08 -7.47
C SER A 73 3.55 5.75 -6.35
N VAL A 74 4.57 5.02 -6.67
CA VAL A 74 5.56 4.64 -5.65
C VAL A 74 6.22 5.87 -5.04
N ALA A 75 6.64 6.85 -5.83
CA ALA A 75 7.28 8.08 -5.27
C ALA A 75 6.52 8.59 -4.04
N GLY A 76 5.23 8.41 -4.04
CA GLY A 76 4.43 8.82 -2.85
C GLY A 76 4.69 7.85 -1.72
N LEU A 77 4.29 6.61 -1.88
CA LEU A 77 4.51 5.61 -0.79
C LEU A 77 6.00 5.40 -0.46
N VAL A 78 6.86 5.26 -1.47
CA VAL A 78 8.31 5.01 -1.16
C VAL A 78 8.87 6.15 -0.34
N LYS A 79 8.50 7.36 -0.67
CA LYS A 79 8.99 8.52 0.13
C LYS A 79 8.52 8.37 1.58
N ALA A 80 7.25 8.11 1.76
CA ALA A 80 6.70 7.93 3.14
C ALA A 80 7.24 6.68 3.83
N LEU A 81 7.09 5.53 3.21
CA LEU A 81 7.54 4.25 3.85
C LEU A 81 9.06 4.23 4.14
N ARG A 82 9.90 4.61 3.22
CA ARG A 82 11.38 4.55 3.49
C ARG A 82 11.81 5.63 4.49
N THR A 83 11.32 6.83 4.35
CA THR A 83 11.73 7.92 5.30
C THR A 83 11.35 7.55 6.73
N CYS A 84 10.21 6.95 6.91
CA CYS A 84 9.76 6.59 8.28
C CYS A 84 10.48 5.34 8.81
N ARG A 85 10.48 4.25 8.08
CA ARG A 85 11.18 2.99 8.59
C ARG A 85 11.02 1.78 7.66
N LEU A 86 10.12 1.82 6.72
CA LEU A 86 9.89 0.64 5.83
C LEU A 86 10.98 0.52 4.76
N ASN A 87 12.21 0.41 5.16
CA ASN A 87 13.33 0.28 4.19
C ASN A 87 13.13 -0.96 3.30
N LEU A 88 12.55 -1.99 3.83
CA LEU A 88 12.35 -3.27 3.04
C LEU A 88 11.62 -3.00 1.72
N VAL A 89 10.41 -2.50 1.78
CA VAL A 89 9.64 -2.24 0.53
C VAL A 89 10.32 -1.14 -0.29
N ALA A 90 10.98 -0.22 0.36
CA ALA A 90 11.71 0.85 -0.39
C ALA A 90 12.75 0.21 -1.31
N ASP A 91 13.47 -0.74 -0.79
CA ASP A 91 14.51 -1.45 -1.60
C ASP A 91 13.85 -2.13 -2.81
N LEU A 92 12.68 -2.68 -2.63
CA LEU A 92 12.00 -3.39 -3.78
C LEU A 92 11.71 -2.41 -4.92
N VAL A 93 10.93 -1.40 -4.64
CA VAL A 93 10.59 -0.40 -5.69
C VAL A 93 11.87 0.30 -6.16
N GLU A 94 12.76 0.60 -5.26
CA GLU A 94 14.04 1.26 -5.66
C GLU A 94 14.83 0.34 -6.61
N GLU A 95 14.99 -0.90 -6.24
CA GLU A 95 15.75 -1.85 -7.11
C GLU A 95 15.06 -1.99 -8.47
N ALA A 96 13.75 -2.04 -8.47
CA ALA A 96 13.01 -2.17 -9.76
C ALA A 96 13.17 -0.88 -10.58
N GLN A 97 13.32 0.23 -9.92
CA GLN A 97 13.49 1.53 -10.64
C GLN A 97 14.89 1.65 -11.23
N GLU A 98 15.82 0.82 -10.81
CA GLU A 98 17.23 0.89 -11.33
C GLU A 98 17.78 2.32 -11.19
N SER A 99 17.47 2.99 -10.11
CA SER A 99 17.97 4.39 -9.89
C SER A 99 17.69 5.27 -11.10
N ALA A 5 -11.04 6.73 -12.53
CA ALA A 5 -11.48 7.15 -11.17
C ALA A 5 -10.28 7.17 -10.22
N ALA A 6 -9.77 6.02 -9.89
CA ALA A 6 -8.58 5.94 -8.99
C ALA A 6 -7.38 6.56 -9.72
N PRO A 7 -6.18 6.42 -9.18
CA PRO A 7 -5.02 7.01 -9.87
C PRO A 7 -4.76 6.25 -11.16
N PRO A 8 -4.95 6.92 -12.28
CA PRO A 8 -4.72 6.26 -13.60
C PRO A 8 -3.26 5.81 -13.67
N GLY A 9 -2.99 4.76 -14.41
CA GLY A 9 -1.60 4.24 -14.48
C GLY A 9 -1.26 3.53 -13.17
N GLU A 10 -2.25 2.90 -12.57
CA GLU A 10 -2.03 2.18 -11.28
C GLU A 10 -1.06 1.01 -11.46
N ALA A 11 -0.80 0.61 -12.69
CA ALA A 11 0.14 -0.53 -12.91
C ALA A 11 1.50 -0.23 -12.30
N TYR A 12 1.91 1.02 -12.30
CA TYR A 12 3.23 1.37 -11.69
C TYR A 12 3.17 1.15 -10.18
N LEU A 13 2.27 1.85 -9.52
CA LEU A 13 2.12 1.69 -8.05
C LEU A 13 1.76 0.24 -7.73
N GLN A 14 0.95 -0.36 -8.57
CA GLN A 14 0.56 -1.78 -8.33
C GLN A 14 1.80 -2.68 -8.32
N VAL A 15 2.75 -2.44 -9.19
CA VAL A 15 3.98 -3.29 -9.19
C VAL A 15 4.67 -3.16 -7.83
N ALA A 16 4.85 -1.95 -7.35
CA ALA A 16 5.49 -1.77 -6.02
C ALA A 16 4.61 -2.43 -4.96
N PHE A 17 3.34 -2.11 -4.95
CA PHE A 17 2.38 -2.71 -3.96
C PHE A 17 2.42 -4.23 -4.02
N ASP A 18 2.87 -4.81 -5.10
CA ASP A 18 2.89 -6.30 -5.18
C ASP A 18 4.13 -6.88 -4.51
N ILE A 19 5.30 -6.42 -4.90
CA ILE A 19 6.54 -6.94 -4.29
C ILE A 19 6.57 -6.58 -2.82
N VAL A 20 6.20 -5.37 -2.51
CA VAL A 20 6.20 -4.93 -1.09
C VAL A 20 5.15 -5.70 -0.29
N CYS A 21 4.00 -5.94 -0.85
CA CYS A 21 2.93 -6.67 -0.12
C CYS A 21 3.41 -8.06 0.26
N ASP A 22 3.93 -8.79 -0.69
CA ASP A 22 4.43 -10.15 -0.37
C ASP A 22 5.67 -10.02 0.52
N ASN A 23 6.24 -8.84 0.64
CA ASN A 23 7.44 -8.67 1.52
C ASN A 23 6.99 -8.33 2.94
N VAL A 24 6.01 -7.48 3.07
CA VAL A 24 5.52 -7.10 4.42
C VAL A 24 4.15 -6.41 4.30
N GLY A 25 3.28 -7.02 3.55
CA GLY A 25 1.92 -6.44 3.30
C GLY A 25 1.29 -5.88 4.59
N ARG A 26 1.48 -6.55 5.71
CA ARG A 26 0.87 -6.07 6.99
C ARG A 26 1.33 -4.64 7.34
N ASP A 27 2.40 -4.18 6.74
CA ASP A 27 2.86 -2.78 7.03
C ASP A 27 1.83 -1.80 6.47
N TRP A 28 1.03 -2.22 5.52
CA TRP A 28 -0.02 -1.32 4.95
C TRP A 28 -1.16 -1.20 5.96
N LYS A 29 -1.39 -2.24 6.72
CA LYS A 29 -2.47 -2.17 7.76
C LYS A 29 -2.09 -1.05 8.74
N ARG A 30 -0.82 -0.97 9.06
CA ARG A 30 -0.34 0.14 9.96
C ARG A 30 -0.60 1.48 9.26
N LEU A 31 -0.23 1.57 8.01
CA LEU A 31 -0.45 2.84 7.23
C LEU A 31 -1.94 3.04 6.98
N ALA A 32 -2.71 1.98 6.95
CA ALA A 32 -4.19 2.12 6.72
C ALA A 32 -4.76 2.98 7.84
N ARG A 33 -4.39 2.68 9.06
CA ARG A 33 -4.87 3.50 10.21
C ARG A 33 -4.37 4.93 10.02
N GLU A 34 -3.14 5.08 9.56
CA GLU A 34 -2.58 6.46 9.32
C GLU A 34 -3.41 7.13 8.23
N LEU A 35 -3.78 6.39 7.21
CA LEU A 35 -4.60 6.97 6.11
C LEU A 35 -6.05 7.17 6.56
N LYS A 36 -6.39 6.74 7.75
CA LYS A 36 -7.78 6.93 8.28
C LYS A 36 -8.81 6.24 7.39
N VAL A 37 -8.60 4.98 7.09
CA VAL A 37 -9.59 4.26 6.23
C VAL A 37 -10.86 4.02 7.06
N SER A 38 -11.99 3.90 6.41
CA SER A 38 -13.26 3.67 7.16
C SER A 38 -13.14 2.44 8.05
N GLU A 39 -13.59 2.56 9.28
CA GLU A 39 -13.53 1.40 10.21
C GLU A 39 -14.26 0.21 9.60
N ALA A 40 -15.27 0.49 8.82
CA ALA A 40 -16.04 -0.61 8.17
C ALA A 40 -15.11 -1.44 7.26
N LYS A 41 -14.32 -0.78 6.45
CA LYS A 41 -13.39 -1.54 5.52
C LYS A 41 -12.39 -2.37 6.31
N MET A 42 -11.66 -1.75 7.20
CA MET A 42 -10.65 -2.52 8.00
C MET A 42 -11.35 -3.61 8.81
N ASP A 43 -12.45 -3.28 9.43
CA ASP A 43 -13.20 -4.29 10.24
C ASP A 43 -13.65 -5.46 9.34
N GLY A 44 -14.09 -5.17 8.14
CA GLY A 44 -14.57 -6.27 7.24
C GLY A 44 -13.39 -7.06 6.66
N ILE A 45 -12.33 -6.42 6.23
CA ILE A 45 -11.19 -7.18 5.64
C ILE A 45 -10.62 -8.17 6.69
N GLU A 46 -10.37 -7.69 7.88
CA GLU A 46 -9.82 -8.58 8.95
C GLU A 46 -10.78 -9.74 9.24
N GLU A 47 -12.04 -9.45 9.45
CA GLU A 47 -13.03 -10.53 9.76
C GLU A 47 -13.13 -11.52 8.60
N LYS A 48 -13.31 -11.01 7.40
CA LYS A 48 -13.42 -11.91 6.21
C LYS A 48 -12.07 -12.56 5.89
N TYR A 49 -11.01 -11.81 6.00
CA TYR A 49 -9.66 -12.36 5.69
C TYR A 49 -8.69 -12.05 6.85
N PRO A 50 -8.81 -12.81 7.91
CA PRO A 50 -7.94 -12.58 9.09
C PRO A 50 -6.54 -13.19 8.92
N ARG A 51 -6.27 -13.84 7.81
CA ARG A 51 -4.92 -14.46 7.64
C ARG A 51 -4.35 -14.27 6.22
N SER A 52 -5.06 -13.60 5.34
CA SER A 52 -4.53 -13.39 3.96
C SER A 52 -3.85 -12.04 3.85
N LEU A 53 -2.57 -12.04 3.59
CA LEU A 53 -1.83 -10.75 3.45
C LEU A 53 -2.41 -9.99 2.26
N SER A 54 -2.69 -10.70 1.21
CA SER A 54 -3.26 -10.06 -0.02
C SER A 54 -4.63 -9.43 0.24
N GLU A 55 -5.52 -10.15 0.87
CA GLU A 55 -6.91 -9.62 1.13
C GLU A 55 -6.91 -8.46 2.13
N ARG A 56 -6.12 -8.55 3.16
CA ARG A 56 -6.13 -7.47 4.20
C ARG A 56 -5.60 -6.14 3.65
N VAL A 57 -4.44 -6.16 3.06
CA VAL A 57 -3.83 -4.91 2.52
C VAL A 57 -4.57 -4.34 1.29
N ARG A 58 -5.01 -5.18 0.39
CA ARG A 58 -5.69 -4.67 -0.85
C ARG A 58 -6.81 -3.67 -0.54
N GLU A 59 -7.68 -3.98 0.38
CA GLU A 59 -8.79 -3.02 0.70
C GLU A 59 -8.22 -1.70 1.22
N SER A 60 -7.33 -1.77 2.19
CA SER A 60 -6.73 -0.53 2.75
C SER A 60 -5.82 0.16 1.72
N LEU A 61 -5.14 -0.62 0.91
CA LEU A 61 -4.24 -0.02 -0.11
C LEU A 61 -5.05 0.68 -1.20
N LYS A 62 -6.14 0.09 -1.61
CA LYS A 62 -6.98 0.69 -2.68
C LYS A 62 -7.58 2.03 -2.23
N VAL A 63 -8.17 2.08 -1.05
CA VAL A 63 -8.78 3.37 -0.58
C VAL A 63 -7.72 4.46 -0.49
N TRP A 64 -6.57 4.18 0.08
CA TRP A 64 -5.51 5.22 0.14
C TRP A 64 -5.04 5.53 -1.30
N LYS A 65 -4.85 4.51 -2.10
CA LYS A 65 -4.40 4.74 -3.51
C LYS A 65 -5.42 5.59 -4.28
N ASN A 66 -6.69 5.34 -4.09
CA ASN A 66 -7.74 6.13 -4.82
C ASN A 66 -7.69 7.61 -4.43
N ALA A 67 -7.56 7.91 -3.16
CA ALA A 67 -7.53 9.34 -2.71
C ALA A 67 -6.23 10.05 -3.12
N GLU A 68 -5.12 9.35 -3.15
CA GLU A 68 -3.82 10.00 -3.50
C GLU A 68 -3.83 10.56 -4.94
N LYS A 69 -4.38 9.82 -5.88
CA LYS A 69 -4.40 10.31 -7.30
C LYS A 69 -2.96 10.67 -7.76
N LYS A 70 -2.54 11.90 -7.61
CA LYS A 70 -1.15 12.29 -8.02
C LYS A 70 -0.14 11.63 -7.09
N ASN A 71 -0.43 11.60 -5.82
CA ASN A 71 0.50 10.96 -4.84
C ASN A 71 0.41 9.43 -4.92
N ALA A 72 -0.43 8.91 -5.79
CA ALA A 72 -0.52 7.42 -5.93
C ALA A 72 0.77 6.88 -6.54
N SER A 73 1.68 7.75 -6.97
CA SER A 73 2.94 7.23 -7.57
C SER A 73 3.89 6.80 -6.46
N VAL A 74 4.88 6.01 -6.81
CA VAL A 74 5.83 5.51 -5.79
C VAL A 74 6.55 6.68 -5.10
N ALA A 75 7.03 7.65 -5.84
CA ALA A 75 7.74 8.82 -5.21
C ALA A 75 6.94 9.34 -4.02
N GLY A 76 5.64 9.27 -4.11
CA GLY A 76 4.80 9.70 -2.97
C GLY A 76 5.01 8.74 -1.82
N LEU A 77 4.55 7.53 -1.96
CA LEU A 77 4.72 6.54 -0.85
C LEU A 77 6.20 6.31 -0.52
N VAL A 78 7.03 5.94 -1.48
CA VAL A 78 8.46 5.63 -1.14
C VAL A 78 9.10 6.75 -0.31
N LYS A 79 8.78 7.97 -0.62
CA LYS A 79 9.35 9.10 0.18
C LYS A 79 8.90 8.97 1.64
N ALA A 80 7.61 8.98 1.88
CA ALA A 80 7.11 8.86 3.30
C ALA A 80 7.39 7.47 3.85
N LEU A 81 7.21 6.49 3.03
CA LEU A 81 7.39 5.06 3.44
C LEU A 81 8.74 4.80 4.13
N ARG A 82 9.83 4.98 3.44
CA ARG A 82 11.16 4.70 4.06
C ARG A 82 11.54 5.75 5.10
N THR A 83 11.10 6.97 4.93
CA THR A 83 11.46 8.02 5.93
C THR A 83 10.90 7.67 7.30
N CYS A 84 9.71 7.15 7.32
CA CYS A 84 9.08 6.79 8.63
C CYS A 84 9.68 5.49 9.17
N ARG A 85 9.64 4.42 8.42
CA ARG A 85 10.20 3.10 8.91
C ARG A 85 10.14 1.97 7.88
N LEU A 86 9.35 2.10 6.85
CA LEU A 86 9.20 0.98 5.86
C LEU A 86 10.37 0.93 4.86
N ASN A 87 11.57 0.87 5.36
CA ASN A 87 12.78 0.81 4.48
C ASN A 87 12.75 -0.44 3.57
N LEU A 88 12.30 -1.57 4.09
CA LEU A 88 12.30 -2.82 3.27
C LEU A 88 11.57 -2.62 1.94
N VAL A 89 10.34 -2.24 2.01
CA VAL A 89 9.54 -2.04 0.76
C VAL A 89 10.18 -0.95 -0.11
N ALA A 90 10.80 0.02 0.50
CA ALA A 90 11.49 1.10 -0.31
C ALA A 90 12.52 0.45 -1.23
N ASP A 91 13.30 -0.45 -0.69
CA ASP A 91 14.33 -1.16 -1.53
C ASP A 91 13.64 -1.91 -2.67
N LEU A 92 12.52 -2.53 -2.39
CA LEU A 92 11.80 -3.30 -3.46
C LEU A 92 11.39 -2.37 -4.61
N VAL A 93 10.64 -1.35 -4.30
CA VAL A 93 10.20 -0.40 -5.37
C VAL A 93 11.43 0.24 -6.04
N GLU A 94 12.47 0.45 -5.28
CA GLU A 94 13.72 1.04 -5.84
C GLU A 94 14.32 0.10 -6.90
N GLU A 95 14.67 -1.09 -6.50
CA GLU A 95 15.28 -2.06 -7.46
C GLU A 95 14.29 -2.41 -8.58
N ALA A 96 13.03 -2.35 -8.29
CA ALA A 96 12.00 -2.67 -9.33
C ALA A 96 11.99 -1.58 -10.40
N GLN A 97 12.23 -0.34 -10.03
CA GLN A 97 12.23 0.76 -11.03
C GLN A 97 13.54 0.81 -11.81
N GLU A 98 14.61 1.19 -11.17
CA GLU A 98 15.94 1.28 -11.87
C GLU A 98 15.83 2.18 -13.11
N SER A 99 15.09 3.26 -13.01
CA SER A 99 14.91 4.19 -14.17
C SER A 99 14.51 3.42 -15.44
N ALA A 5 -10.88 8.60 -12.03
CA ALA A 5 -10.76 9.28 -10.69
C ALA A 5 -9.72 8.56 -9.84
N ALA A 6 -9.84 7.27 -9.71
CA ALA A 6 -8.84 6.48 -8.93
C ALA A 6 -7.49 6.57 -9.63
N PRO A 7 -6.49 5.83 -9.19
CA PRO A 7 -5.17 5.91 -9.84
C PRO A 7 -5.28 5.40 -11.29
N PRO A 8 -5.15 6.29 -12.25
CA PRO A 8 -5.25 5.88 -13.67
C PRO A 8 -4.12 4.90 -14.01
N GLY A 9 -2.90 5.25 -13.71
CA GLY A 9 -1.77 4.31 -13.97
C GLY A 9 -1.62 3.31 -12.82
N GLU A 10 -2.69 2.63 -12.47
CA GLU A 10 -2.63 1.65 -11.35
C GLU A 10 -1.73 0.47 -11.72
N ALA A 11 -1.54 0.20 -12.98
CA ALA A 11 -0.69 -0.95 -13.38
C ALA A 11 0.72 -0.80 -12.81
N TYR A 12 1.33 0.35 -12.98
CA TYR A 12 2.70 0.54 -12.42
C TYR A 12 2.66 0.42 -10.90
N LEU A 13 1.78 1.16 -10.28
CA LEU A 13 1.65 1.12 -8.79
C LEU A 13 1.30 -0.30 -8.33
N GLN A 14 0.43 -0.97 -9.05
CA GLN A 14 0.04 -2.36 -8.65
C GLN A 14 1.26 -3.26 -8.65
N VAL A 15 2.14 -3.11 -9.61
CA VAL A 15 3.37 -3.97 -9.64
C VAL A 15 4.17 -3.73 -8.35
N ALA A 16 4.41 -2.49 -8.01
CA ALA A 16 5.15 -2.20 -6.75
C ALA A 16 4.32 -2.70 -5.57
N PHE A 17 3.04 -2.39 -5.56
CA PHE A 17 2.14 -2.87 -4.45
C PHE A 17 2.22 -4.39 -4.31
N ASP A 18 2.66 -5.09 -5.33
CA ASP A 18 2.73 -6.58 -5.21
C ASP A 18 4.01 -7.00 -4.50
N ILE A 19 5.15 -6.55 -4.97
CA ILE A 19 6.43 -6.94 -4.30
C ILE A 19 6.43 -6.43 -2.87
N VAL A 20 5.99 -5.22 -2.68
CA VAL A 20 5.97 -4.64 -1.31
C VAL A 20 4.91 -5.32 -0.44
N CYS A 21 3.78 -5.65 -0.99
CA CYS A 21 2.70 -6.34 -0.17
C CYS A 21 3.21 -7.67 0.37
N ASP A 22 3.76 -8.47 -0.49
CA ASP A 22 4.29 -9.78 -0.04
C ASP A 22 5.51 -9.57 0.87
N ASN A 23 6.06 -8.37 0.89
CA ASN A 23 7.24 -8.10 1.76
C ASN A 23 6.79 -7.56 3.12
N VAL A 24 6.27 -6.36 3.14
CA VAL A 24 5.82 -5.76 4.43
C VAL A 24 4.29 -5.65 4.43
N GLY A 25 3.65 -6.61 3.85
CA GLY A 25 2.16 -6.63 3.70
C GLY A 25 1.42 -6.06 4.95
N ARG A 26 1.76 -6.55 6.12
CA ARG A 26 1.07 -6.07 7.38
C ARG A 26 1.36 -4.59 7.67
N ASP A 27 2.47 -4.07 7.19
CA ASP A 27 2.81 -2.64 7.47
C ASP A 27 1.86 -1.71 6.71
N TRP A 28 1.11 -2.23 5.76
CA TRP A 28 0.15 -1.35 5.01
C TRP A 28 -1.03 -1.07 5.93
N LYS A 29 -1.40 -2.03 6.77
CA LYS A 29 -2.51 -1.78 7.74
C LYS A 29 -2.04 -0.71 8.71
N ARG A 30 -0.78 -0.77 9.08
CA ARG A 30 -0.21 0.28 10.00
C ARG A 30 -0.33 1.65 9.31
N LEU A 31 0.08 1.71 8.08
CA LEU A 31 0.00 2.99 7.31
C LEU A 31 -1.47 3.29 6.98
N ALA A 32 -2.28 2.27 6.82
CA ALA A 32 -3.73 2.47 6.49
C ALA A 32 -4.38 3.28 7.62
N ARG A 33 -4.16 2.88 8.85
CA ARG A 33 -4.72 3.63 10.00
C ARG A 33 -4.16 5.06 9.96
N GLU A 34 -2.89 5.19 9.63
CA GLU A 34 -2.27 6.54 9.52
C GLU A 34 -2.97 7.33 8.40
N LEU A 35 -3.29 6.64 7.32
CA LEU A 35 -4.00 7.32 6.19
C LEU A 35 -5.47 7.58 6.56
N LYS A 36 -5.91 7.10 7.70
CA LYS A 36 -7.32 7.30 8.15
C LYS A 36 -8.30 6.69 7.15
N VAL A 37 -8.08 5.46 6.78
CA VAL A 37 -9.01 4.77 5.83
C VAL A 37 -10.29 4.39 6.57
N SER A 38 -11.35 4.10 5.85
CA SER A 38 -12.64 3.74 6.53
C SER A 38 -12.42 2.61 7.54
N GLU A 39 -12.71 2.87 8.79
CA GLU A 39 -12.54 1.83 9.85
C GLU A 39 -13.42 0.63 9.52
N ALA A 40 -14.57 0.89 8.96
CA ALA A 40 -15.50 -0.24 8.61
C ALA A 40 -14.81 -1.21 7.63
N LYS A 41 -14.14 -0.68 6.63
CA LYS A 41 -13.45 -1.56 5.65
C LYS A 41 -12.40 -2.45 6.33
N MET A 42 -11.57 -1.89 7.17
CA MET A 42 -10.53 -2.70 7.86
C MET A 42 -11.18 -3.81 8.70
N ASP A 43 -12.25 -3.48 9.37
CA ASP A 43 -12.97 -4.49 10.20
C ASP A 43 -13.46 -5.65 9.32
N GLY A 44 -13.95 -5.36 8.15
CA GLY A 44 -14.44 -6.46 7.25
C GLY A 44 -13.31 -7.27 6.62
N ILE A 45 -12.29 -6.63 6.06
CA ILE A 45 -11.21 -7.42 5.41
C ILE A 45 -10.51 -8.33 6.44
N GLU A 46 -10.19 -7.81 7.59
CA GLU A 46 -9.52 -8.62 8.65
C GLU A 46 -10.42 -9.79 9.11
N GLU A 47 -11.68 -9.51 9.38
CA GLU A 47 -12.62 -10.59 9.87
C GLU A 47 -12.83 -11.66 8.80
N LYS A 48 -13.08 -11.25 7.59
CA LYS A 48 -13.30 -12.25 6.50
C LYS A 48 -11.99 -12.98 6.21
N TYR A 49 -10.90 -12.28 6.30
CA TYR A 49 -9.56 -12.89 6.05
C TYR A 49 -8.64 -12.56 7.24
N PRO A 50 -8.78 -13.31 8.30
CA PRO A 50 -7.96 -13.06 9.52
C PRO A 50 -6.48 -13.43 9.36
N ARG A 51 -6.08 -13.99 8.23
CA ARG A 51 -4.65 -14.37 8.09
C ARG A 51 -4.14 -14.20 6.65
N SER A 52 -4.89 -13.58 5.78
CA SER A 52 -4.40 -13.38 4.38
C SER A 52 -3.81 -11.99 4.26
N LEU A 53 -2.52 -11.94 4.05
CA LEU A 53 -1.83 -10.64 3.91
C LEU A 53 -2.42 -9.89 2.71
N SER A 54 -2.62 -10.59 1.64
CA SER A 54 -3.19 -9.96 0.40
C SER A 54 -4.61 -9.41 0.61
N GLU A 55 -5.46 -10.16 1.27
CA GLU A 55 -6.88 -9.70 1.46
C GLU A 55 -7.01 -8.42 2.30
N ARG A 56 -6.37 -8.38 3.45
CA ARG A 56 -6.51 -7.18 4.33
C ARG A 56 -5.79 -5.95 3.75
N VAL A 57 -4.60 -6.10 3.22
CA VAL A 57 -3.86 -4.91 2.67
C VAL A 57 -4.51 -4.35 1.38
N ARG A 58 -4.97 -5.20 0.49
CA ARG A 58 -5.55 -4.68 -0.80
C ARG A 58 -6.70 -3.70 -0.57
N GLU A 59 -7.61 -4.02 0.30
CA GLU A 59 -8.75 -3.06 0.55
C GLU A 59 -8.22 -1.74 1.08
N SER A 60 -7.36 -1.80 2.07
CA SER A 60 -6.78 -0.54 2.64
C SER A 60 -5.96 0.18 1.56
N LEU A 61 -5.30 -0.57 0.73
CA LEU A 61 -4.48 0.05 -0.36
C LEU A 61 -5.39 0.68 -1.41
N LYS A 62 -6.53 0.08 -1.67
CA LYS A 62 -7.47 0.63 -2.71
C LYS A 62 -7.91 2.05 -2.33
N VAL A 63 -8.37 2.24 -1.12
CA VAL A 63 -8.81 3.62 -0.72
C VAL A 63 -7.60 4.57 -0.69
N TRP A 64 -6.49 4.12 -0.18
CA TRP A 64 -5.28 4.99 -0.11
C TRP A 64 -4.85 5.41 -1.54
N LYS A 65 -4.69 4.47 -2.44
CA LYS A 65 -4.25 4.83 -3.82
C LYS A 65 -5.28 5.76 -4.48
N ASN A 66 -6.55 5.59 -4.18
CA ASN A 66 -7.60 6.48 -4.78
C ASN A 66 -7.36 7.94 -4.38
N ALA A 67 -7.17 8.20 -3.11
CA ALA A 67 -6.92 9.60 -2.66
C ALA A 67 -5.56 10.07 -3.16
N GLU A 68 -4.65 9.15 -3.39
CA GLU A 68 -3.29 9.52 -3.88
C GLU A 68 -3.38 10.18 -5.27
N LYS A 69 -4.23 9.67 -6.14
CA LYS A 69 -4.35 10.26 -7.51
C LYS A 69 -2.94 10.34 -8.17
N LYS A 70 -2.42 11.52 -8.44
CA LYS A 70 -1.04 11.63 -9.01
C LYS A 70 -0.04 11.06 -7.99
N ASN A 71 -0.37 11.20 -6.72
CA ASN A 71 0.52 10.65 -5.66
C ASN A 71 0.41 9.12 -5.61
N ALA A 72 -0.38 8.52 -6.48
CA ALA A 72 -0.48 7.04 -6.50
C ALA A 72 0.81 6.41 -7.02
N SER A 73 1.79 7.22 -7.43
CA SER A 73 3.05 6.61 -7.93
C SER A 73 3.95 6.22 -6.76
N VAL A 74 4.98 5.48 -7.05
CA VAL A 74 5.90 5.04 -5.97
C VAL A 74 6.52 6.24 -5.25
N ALA A 75 6.92 7.25 -6.00
CA ALA A 75 7.53 8.47 -5.36
C ALA A 75 6.66 8.94 -4.20
N GLY A 76 5.37 8.76 -4.33
CA GLY A 76 4.47 9.16 -3.23
C GLY A 76 4.70 8.22 -2.06
N LEU A 77 4.40 6.95 -2.23
CA LEU A 77 4.60 6.00 -1.12
C LEU A 77 6.07 5.90 -0.69
N VAL A 78 6.99 5.68 -1.59
CA VAL A 78 8.42 5.51 -1.15
C VAL A 78 8.87 6.69 -0.30
N LYS A 79 8.48 7.87 -0.67
CA LYS A 79 8.88 9.07 0.14
C LYS A 79 8.34 8.92 1.58
N ALA A 80 7.05 8.74 1.71
CA ALA A 80 6.46 8.58 3.08
C ALA A 80 6.88 7.24 3.71
N LEU A 81 6.87 6.21 2.91
CA LEU A 81 7.23 4.83 3.38
C LEU A 81 8.61 4.76 4.04
N ARG A 82 9.64 5.05 3.30
CA ARG A 82 11.02 4.98 3.87
C ARG A 82 11.13 6.00 5.02
N THR A 83 10.55 7.15 4.84
CA THR A 83 10.57 8.17 5.92
C THR A 83 9.76 7.66 7.12
N CYS A 84 8.71 6.91 6.86
CA CYS A 84 7.85 6.36 7.96
C CYS A 84 8.46 5.10 8.58
N ARG A 85 9.62 4.65 8.10
CA ARG A 85 10.33 3.42 8.63
C ARG A 85 9.85 2.14 7.91
N LEU A 86 9.94 2.15 6.61
CA LEU A 86 9.53 0.97 5.81
C LEU A 86 10.54 0.79 4.66
N ASN A 87 11.80 0.94 4.99
CA ASN A 87 12.89 0.83 3.96
C ASN A 87 12.79 -0.49 3.18
N LEU A 88 12.26 -1.52 3.80
CA LEU A 88 12.16 -2.85 3.11
C LEU A 88 11.52 -2.71 1.73
N VAL A 89 10.25 -2.42 1.70
CA VAL A 89 9.53 -2.25 0.39
C VAL A 89 10.07 -1.05 -0.38
N ALA A 90 10.53 -0.04 0.31
CA ALA A 90 11.09 1.16 -0.41
C ALA A 90 12.25 0.69 -1.30
N ASP A 91 13.12 -0.12 -0.75
CA ASP A 91 14.26 -0.64 -1.55
C ASP A 91 13.77 -1.48 -2.74
N LEU A 92 12.74 -2.28 -2.55
CA LEU A 92 12.24 -3.14 -3.68
C LEU A 92 11.73 -2.28 -4.83
N VAL A 93 10.83 -1.36 -4.56
CA VAL A 93 10.31 -0.48 -5.65
C VAL A 93 11.47 0.34 -6.23
N GLU A 94 12.35 0.82 -5.38
CA GLU A 94 13.53 1.59 -5.87
C GLU A 94 14.39 0.69 -6.78
N GLU A 95 14.73 -0.48 -6.29
CA GLU A 95 15.57 -1.42 -7.10
C GLU A 95 14.78 -1.92 -8.31
N ALA A 96 13.49 -1.92 -8.23
CA ALA A 96 12.65 -2.41 -9.37
C ALA A 96 12.75 -1.48 -10.59
N GLN A 97 13.12 -0.23 -10.39
CA GLN A 97 13.22 0.71 -11.55
C GLN A 97 14.10 1.91 -11.20
N GLU A 98 15.07 1.72 -10.34
CA GLU A 98 15.99 2.85 -9.94
C GLU A 98 15.18 4.09 -9.53
N SER A 99 14.10 3.90 -8.81
CA SER A 99 13.26 5.05 -8.36
C SER A 99 12.91 5.97 -9.55
N ALA A 5 -11.15 7.88 -12.33
CA ALA A 5 -11.25 8.49 -10.96
C ALA A 5 -10.08 8.02 -10.10
N ALA A 6 -9.99 6.74 -9.88
CA ALA A 6 -8.85 6.18 -9.08
C ALA A 6 -7.56 6.42 -9.86
N PRO A 7 -6.45 5.97 -9.33
CA PRO A 7 -5.17 6.19 -10.07
C PRO A 7 -5.21 5.48 -11.42
N PRO A 8 -5.26 6.25 -12.49
CA PRO A 8 -5.31 5.65 -13.84
C PRO A 8 -4.05 4.82 -14.08
N GLY A 9 -2.92 5.25 -13.56
CA GLY A 9 -1.67 4.45 -13.73
C GLY A 9 -1.52 3.41 -12.60
N GLU A 10 -2.60 2.78 -12.20
CA GLU A 10 -2.52 1.75 -11.11
C GLU A 10 -1.62 0.58 -11.53
N ALA A 11 -1.45 0.36 -12.81
CA ALA A 11 -0.60 -0.78 -13.26
C ALA A 11 0.81 -0.67 -12.67
N TYR A 12 1.42 0.48 -12.76
CA TYR A 12 2.78 0.63 -12.16
C TYR A 12 2.69 0.47 -10.65
N LEU A 13 1.72 1.13 -10.07
CA LEU A 13 1.54 1.05 -8.58
C LEU A 13 1.28 -0.39 -8.16
N GLN A 14 0.49 -1.12 -8.92
CA GLN A 14 0.20 -2.54 -8.54
C GLN A 14 1.49 -3.35 -8.50
N VAL A 15 2.38 -3.10 -9.44
CA VAL A 15 3.68 -3.84 -9.45
C VAL A 15 4.44 -3.57 -8.16
N ALA A 16 4.58 -2.32 -7.79
CA ALA A 16 5.29 -2.00 -6.52
C ALA A 16 4.50 -2.55 -5.34
N PHE A 17 3.21 -2.33 -5.34
CA PHE A 17 2.35 -2.86 -4.23
C PHE A 17 2.49 -4.38 -4.13
N ASP A 18 2.93 -5.04 -5.16
CA ASP A 18 3.06 -6.52 -5.08
C ASP A 18 4.36 -6.92 -4.39
N ILE A 19 5.48 -6.41 -4.85
CA ILE A 19 6.77 -6.78 -4.21
C ILE A 19 6.77 -6.31 -2.75
N VAL A 20 6.28 -5.13 -2.49
CA VAL A 20 6.26 -4.62 -1.11
C VAL A 20 5.23 -5.38 -0.25
N CYS A 21 4.10 -5.69 -0.82
CA CYS A 21 3.04 -6.43 -0.04
C CYS A 21 3.56 -7.80 0.36
N ASP A 22 4.09 -8.52 -0.57
CA ASP A 22 4.62 -9.88 -0.24
C ASP A 22 5.79 -9.74 0.74
N ASN A 23 6.37 -8.56 0.86
CA ASN A 23 7.50 -8.35 1.80
C ASN A 23 6.99 -7.95 3.18
N VAL A 24 6.01 -7.08 3.21
CA VAL A 24 5.44 -6.63 4.51
C VAL A 24 4.07 -6.00 4.28
N GLY A 25 3.19 -6.73 3.66
CA GLY A 25 1.84 -6.19 3.33
C GLY A 25 1.17 -5.60 4.59
N ARG A 26 1.31 -6.25 5.72
CA ARG A 26 0.67 -5.74 6.98
C ARG A 26 1.09 -4.30 7.30
N ASP A 27 2.16 -3.81 6.72
CA ASP A 27 2.58 -2.41 7.01
C ASP A 27 1.55 -1.46 6.41
N TRP A 28 0.82 -1.90 5.40
CA TRP A 28 -0.24 -1.04 4.80
C TRP A 28 -1.37 -0.88 5.81
N LYS A 29 -1.62 -1.91 6.60
CA LYS A 29 -2.69 -1.78 7.64
C LYS A 29 -2.29 -0.67 8.61
N ARG A 30 -1.02 -0.62 8.93
CA ARG A 30 -0.51 0.47 9.85
C ARG A 30 -0.71 1.84 9.16
N LEU A 31 -0.29 1.94 7.93
CA LEU A 31 -0.44 3.23 7.18
C LEU A 31 -1.91 3.47 6.87
N ALA A 32 -2.69 2.42 6.73
CA ALA A 32 -4.14 2.59 6.44
C ALA A 32 -4.80 3.39 7.56
N ARG A 33 -4.54 3.02 8.79
CA ARG A 33 -5.11 3.79 9.94
C ARG A 33 -4.59 5.24 9.85
N GLU A 34 -3.33 5.40 9.52
CA GLU A 34 -2.77 6.78 9.38
C GLU A 34 -3.50 7.50 8.24
N LEU A 35 -3.79 6.80 7.18
CA LEU A 35 -4.53 7.39 6.03
C LEU A 35 -6.02 7.57 6.36
N LYS A 36 -6.45 7.09 7.51
CA LYS A 36 -7.89 7.24 7.90
C LYS A 36 -8.79 6.56 6.87
N VAL A 37 -8.51 5.32 6.56
CA VAL A 37 -9.36 4.57 5.58
C VAL A 37 -10.71 4.25 6.23
N SER A 38 -11.71 3.96 5.43
CA SER A 38 -13.05 3.63 6.00
C SER A 38 -12.95 2.54 7.07
N GLU A 39 -13.31 2.87 8.28
CA GLU A 39 -13.25 1.85 9.39
C GLU A 39 -14.13 0.65 9.02
N ALA A 40 -15.21 0.90 8.33
CA ALA A 40 -16.12 -0.22 7.94
C ALA A 40 -15.35 -1.26 7.11
N LYS A 41 -14.66 -0.84 6.09
CA LYS A 41 -13.88 -1.81 5.26
C LYS A 41 -12.80 -2.49 6.10
N MET A 42 -12.09 -1.75 6.91
CA MET A 42 -11.02 -2.37 7.76
C MET A 42 -11.64 -3.42 8.68
N ASP A 43 -12.79 -3.13 9.22
CA ASP A 43 -13.46 -4.12 10.13
C ASP A 43 -13.79 -5.40 9.36
N GLY A 44 -14.26 -5.25 8.13
CA GLY A 44 -14.61 -6.44 7.31
C GLY A 44 -13.36 -7.18 6.83
N ILE A 45 -12.37 -6.48 6.34
CA ILE A 45 -11.14 -7.19 5.85
C ILE A 45 -10.51 -7.99 7.00
N GLU A 46 -10.36 -7.37 8.14
CA GLU A 46 -9.75 -8.09 9.31
C GLU A 46 -10.57 -9.31 9.72
N GLU A 47 -11.85 -9.16 9.93
CA GLU A 47 -12.69 -10.33 10.34
C GLU A 47 -12.69 -11.42 9.27
N LYS A 48 -12.92 -11.04 8.03
CA LYS A 48 -12.93 -12.04 6.92
C LYS A 48 -11.53 -12.58 6.65
N TYR A 49 -10.52 -11.75 6.70
CA TYR A 49 -9.13 -12.21 6.41
C TYR A 49 -8.22 -12.04 7.62
N PRO A 50 -8.20 -13.02 8.49
CA PRO A 50 -7.35 -12.93 9.70
C PRO A 50 -5.90 -13.34 9.39
N ARG A 51 -5.63 -13.89 8.22
CA ARG A 51 -4.22 -14.31 7.92
C ARG A 51 -3.86 -14.09 6.43
N SER A 52 -4.68 -13.38 5.68
CA SER A 52 -4.35 -13.15 4.25
C SER A 52 -3.68 -11.80 4.07
N LEU A 53 -2.41 -11.80 3.75
CA LEU A 53 -1.67 -10.53 3.56
C LEU A 53 -2.30 -9.79 2.36
N SER A 54 -2.57 -10.53 1.32
CA SER A 54 -3.19 -9.93 0.10
C SER A 54 -4.58 -9.36 0.38
N GLU A 55 -5.42 -10.12 1.04
CA GLU A 55 -6.81 -9.65 1.31
C GLU A 55 -6.85 -8.46 2.28
N ARG A 56 -6.02 -8.48 3.30
CA ARG A 56 -6.05 -7.36 4.28
C ARG A 56 -5.62 -6.04 3.64
N VAL A 57 -4.47 -6.03 3.05
CA VAL A 57 -3.95 -4.79 2.42
C VAL A 57 -4.71 -4.35 1.16
N ARG A 58 -5.11 -5.26 0.30
CA ARG A 58 -5.79 -4.84 -0.99
C ARG A 58 -6.94 -3.86 -0.74
N GLU A 59 -7.85 -4.18 0.14
CA GLU A 59 -8.99 -3.25 0.40
C GLU A 59 -8.47 -1.91 0.95
N SER A 60 -7.62 -1.97 1.96
CA SER A 60 -7.06 -0.73 2.55
C SER A 60 -6.21 0.03 1.52
N LEU A 61 -5.45 -0.68 0.72
CA LEU A 61 -4.59 -0.02 -0.30
C LEU A 61 -5.48 0.61 -1.37
N LYS A 62 -6.57 -0.03 -1.68
CA LYS A 62 -7.49 0.50 -2.74
C LYS A 62 -8.00 1.89 -2.37
N VAL A 63 -8.50 2.06 -1.17
CA VAL A 63 -9.02 3.41 -0.77
C VAL A 63 -7.90 4.45 -0.71
N TRP A 64 -6.75 4.10 -0.20
CA TRP A 64 -5.63 5.07 -0.12
C TRP A 64 -5.17 5.47 -1.54
N LYS A 65 -4.85 4.50 -2.37
CA LYS A 65 -4.38 4.84 -3.75
C LYS A 65 -5.46 5.62 -4.51
N ASN A 66 -6.72 5.30 -4.29
CA ASN A 66 -7.82 6.04 -4.99
C ASN A 66 -7.77 7.53 -4.64
N ALA A 67 -7.59 7.84 -3.37
CA ALA A 67 -7.52 9.28 -2.96
C ALA A 67 -6.25 9.92 -3.51
N GLU A 68 -5.15 9.22 -3.43
CA GLU A 68 -3.86 9.78 -3.96
C GLU A 68 -3.86 9.77 -5.49
N LYS A 69 -3.76 10.92 -6.10
CA LYS A 69 -3.72 10.98 -7.60
C LYS A 69 -2.26 10.90 -8.04
N LYS A 70 -1.53 11.98 -7.98
CA LYS A 70 -0.08 11.96 -8.36
C LYS A 70 0.69 11.12 -7.34
N ASN A 71 0.24 11.13 -6.11
CA ASN A 71 0.94 10.33 -5.06
C ASN A 71 0.60 8.84 -5.20
N ALA A 72 -0.22 8.47 -6.17
CA ALA A 72 -0.52 7.04 -6.37
C ALA A 72 0.72 6.31 -6.89
N SER A 73 1.74 7.04 -7.28
CA SER A 73 2.97 6.37 -7.80
C SER A 73 3.87 6.01 -6.64
N VAL A 74 4.87 5.21 -6.89
CA VAL A 74 5.79 4.79 -5.79
C VAL A 74 6.45 6.02 -5.18
N ALA A 75 6.91 6.95 -6.00
CA ALA A 75 7.57 8.20 -5.46
C ALA A 75 6.76 8.77 -4.31
N GLY A 76 5.46 8.61 -4.38
CA GLY A 76 4.60 9.10 -3.28
C GLY A 76 4.81 8.21 -2.05
N LEU A 77 4.41 6.96 -2.14
CA LEU A 77 4.58 6.07 -0.95
C LEU A 77 6.06 5.85 -0.57
N VAL A 78 6.95 5.63 -1.52
CA VAL A 78 8.38 5.36 -1.15
C VAL A 78 8.94 6.53 -0.38
N LYS A 79 8.62 7.72 -0.79
CA LYS A 79 9.12 8.91 -0.05
C LYS A 79 8.60 8.86 1.39
N ALA A 80 7.31 8.75 1.54
CA ALA A 80 6.69 8.69 2.90
C ALA A 80 7.07 7.44 3.68
N LEU A 81 6.87 6.27 3.10
CA LEU A 81 7.15 5.00 3.85
C LEU A 81 8.62 4.91 4.29
N ARG A 82 9.56 5.29 3.46
CA ARG A 82 10.99 5.19 3.87
C ARG A 82 11.33 6.25 4.92
N THR A 83 10.83 7.45 4.75
CA THR A 83 11.12 8.54 5.73
C THR A 83 10.61 8.14 7.10
N CYS A 84 9.45 7.54 7.14
CA CYS A 84 8.87 7.14 8.45
C CYS A 84 9.60 5.93 9.04
N ARG A 85 9.63 4.82 8.33
CA ARG A 85 10.34 3.61 8.88
C ARG A 85 10.29 2.38 7.95
N LEU A 86 9.48 2.41 6.93
CA LEU A 86 9.35 1.22 6.04
C LEU A 86 10.47 1.12 4.99
N ASN A 87 11.69 1.24 5.41
CA ASN A 87 12.84 1.15 4.45
C ASN A 87 12.76 -0.15 3.64
N LEU A 88 12.18 -1.17 4.21
CA LEU A 88 12.09 -2.48 3.48
C LEU A 88 11.40 -2.33 2.13
N VAL A 89 10.14 -2.00 2.14
CA VAL A 89 9.40 -1.85 0.84
C VAL A 89 10.04 -0.77 -0.02
N ALA A 90 10.60 0.25 0.58
CA ALA A 90 11.27 1.32 -0.21
C ALA A 90 12.41 0.71 -1.02
N ASP A 91 13.15 -0.19 -0.44
CA ASP A 91 14.28 -0.84 -1.16
C ASP A 91 13.76 -1.68 -2.34
N LEU A 92 12.67 -2.39 -2.15
CA LEU A 92 12.14 -3.25 -3.26
C LEU A 92 11.76 -2.39 -4.46
N VAL A 93 10.91 -1.43 -4.26
CA VAL A 93 10.49 -0.55 -5.39
C VAL A 93 11.71 0.17 -5.95
N GLU A 94 12.60 0.63 -5.08
CA GLU A 94 13.83 1.32 -5.58
C GLU A 94 14.66 0.37 -6.46
N GLU A 95 14.96 -0.80 -5.97
CA GLU A 95 15.77 -1.77 -6.76
C GLU A 95 15.04 -2.11 -8.07
N ALA A 96 13.73 -2.22 -8.01
CA ALA A 96 12.96 -2.52 -9.26
C ALA A 96 13.15 -1.39 -10.29
N GLN A 97 13.09 -0.16 -9.85
CA GLN A 97 13.25 0.99 -10.80
C GLN A 97 14.71 1.20 -11.24
N GLU A 98 15.65 0.81 -10.42
CA GLU A 98 17.11 1.00 -10.78
C GLU A 98 17.38 2.46 -11.16
N SER A 99 16.71 3.39 -10.52
CA SER A 99 16.92 4.85 -10.83
C SER A 99 16.83 5.11 -12.34
#